data_8CFV
#
_entry.id   8CFV
#
_cell.length_a   74.019
_cell.length_b   132.869
_cell.length_c   98.904
_cell.angle_alpha   90.00
_cell.angle_beta   101.20
_cell.angle_gamma   90.00
#
_symmetry.space_group_name_H-M   'P 1 21 1'
#
loop_
_entity.id
_entity.type
_entity.pdbx_description
1 polymer Adenosylhomocysteinase
2 non-polymer NICOTINAMIDE-ADENINE-DINUCLEOTIDE
3 non-polymer ADENINE
4 non-polymer 'DIMETHYL SULFOXIDE'
5 non-polymer 'POTASSIUM ION'
6 non-polymer 'PHOSPHATE ION'
7 non-polymer GLYCEROL
8 non-polymer 'benzyl (cyanomethyl)carbamate'
9 water water
#
_entity_poly.entity_id   1
_entity_poly.type   'polypeptide(L)'
_entity_poly.pdbx_seq_one_letter_code
;SNAMSAVMTPAGFTDYKVADITLAAWGRRELIIAESEMPALMGLRRKYAGQQPLKGAKILGCIHMTIQTGVLIETLVALG
AEVRWSSCNIFSTQDQAAAAIAAAGIPVFAWKGETEEEYEWCIEQTILKDGQPWDANMVLDDGGDLTEILHKKYPQMLER
IHGITEETTTGVHRLLDMLKNGTLKVPAINVNDSVTKSKNDNKYGCRHSLNDAIKRGTDHLLSGKQALVIGYGDVGKGSS
QSLRQEGMIVKVAEVDPICAMQACMDGFEVVSPYKNGINDGTEASIDAALLGKIDLIVTTTGNVNVCDANMLKALKKRAV
VCNIGHFDNEIDTAFMRKNWAWEEVKPQVHKIHRTGKDGFDAHNDDYLILLAEGRLVNLGNATGHPSRIMDGSFANQVLA
QIHLFEQKYADLPAAEKAKRLSVEVLPKKLDEEVALEMVKGFGGVVTQLTPKQAEYIGVSVEGPFKPDTYRY
;
_entity_poly.pdbx_strand_id   A,B,C,D
#
loop_
_chem_comp.id
_chem_comp.type
_chem_comp.name
_chem_comp.formula
3S9 non-polymer 'benzyl (cyanomethyl)carbamate' 'C10 H10 N2 O2'
ADE non-polymer ADENINE 'C5 H5 N5'
DMS non-polymer 'DIMETHYL SULFOXIDE' 'C2 H6 O S'
GOL non-polymer GLYCEROL 'C3 H8 O3'
K non-polymer 'POTASSIUM ION' 'K 1'
NAD non-polymer NICOTINAMIDE-ADENINE-DINUCLEOTIDE 'C21 H27 N7 O14 P2'
PO4 non-polymer 'PHOSPHATE ION' 'O4 P -3'
#
# COMPACT_ATOMS: atom_id res chain seq x y z
N THR A 9 -13.00 -39.13 -24.02
CA THR A 9 -12.50 -40.00 -25.09
C THR A 9 -13.29 -41.32 -25.29
N PRO A 10 -13.73 -42.02 -24.18
CA PRO A 10 -14.46 -43.29 -24.37
C PRO A 10 -15.48 -43.27 -25.49
N ALA A 11 -15.55 -44.35 -26.26
CA ALA A 11 -16.41 -44.38 -27.44
C ALA A 11 -17.87 -44.26 -27.04
N GLY A 12 -18.62 -43.47 -27.82
CA GLY A 12 -20.03 -43.26 -27.56
C GLY A 12 -20.36 -42.59 -26.23
N PHE A 13 -19.39 -41.91 -25.61
CA PHE A 13 -19.63 -41.30 -24.30
C PHE A 13 -20.71 -40.21 -24.40
N THR A 14 -21.79 -40.38 -23.61
CA THR A 14 -22.88 -39.42 -23.57
C THR A 14 -23.30 -39.05 -22.15
N ASP A 15 -22.61 -39.56 -21.13
CA ASP A 15 -23.00 -39.42 -19.73
C ASP A 15 -22.52 -38.08 -19.16
N TYR A 16 -23.11 -37.01 -19.68
CA TYR A 16 -22.72 -35.66 -19.27
C TYR A 16 -23.76 -34.67 -19.79
N LYS A 17 -23.64 -33.42 -19.34
CA LYS A 17 -24.44 -32.32 -19.91
C LYS A 17 -23.68 -31.02 -19.69
N VAL A 18 -23.22 -30.40 -20.78
CA VAL A 18 -22.46 -29.16 -20.73
C VAL A 18 -23.00 -28.21 -21.79
N ALA A 19 -22.48 -26.99 -21.80
CA ALA A 19 -23.00 -25.96 -22.69
C ALA A 19 -22.57 -26.17 -24.13
N ASP A 20 -21.31 -26.57 -24.34
CA ASP A 20 -20.75 -26.53 -25.68
C ASP A 20 -19.48 -27.39 -25.70
N ILE A 21 -19.60 -28.62 -26.19
CA ILE A 21 -18.48 -29.55 -26.19
C ILE A 21 -17.33 -29.06 -27.08
N THR A 22 -17.58 -28.15 -28.02
CA THR A 22 -16.51 -27.68 -28.90
C THR A 22 -15.49 -26.83 -28.17
N LEU A 23 -15.80 -26.36 -26.96
CA LEU A 23 -14.84 -25.63 -26.14
C LEU A 23 -13.79 -26.54 -25.50
N ALA A 24 -13.84 -27.84 -25.77
CA ALA A 24 -13.04 -28.80 -25.01
C ALA A 24 -11.55 -28.58 -25.21
N ALA A 25 -11.12 -28.37 -26.45
CA ALA A 25 -9.70 -28.18 -26.73
C ALA A 25 -9.17 -26.93 -26.05
N TRP A 26 -9.96 -25.84 -26.05
CA TRP A 26 -9.60 -24.64 -25.30
C TRP A 26 -9.48 -24.94 -23.82
N GLY A 27 -10.47 -25.64 -23.27
CA GLY A 27 -10.39 -26.04 -21.86
C GLY A 27 -9.14 -26.83 -21.55
N ARG A 28 -8.79 -27.77 -22.43
CA ARG A 28 -7.60 -28.61 -22.20
C ARG A 28 -6.32 -27.76 -22.20
N ARG A 29 -6.22 -26.80 -23.13
CA ARG A 29 -5.09 -25.88 -23.11
C ARG A 29 -4.98 -25.15 -21.76
N GLU A 30 -6.10 -24.70 -21.22
CA GLU A 30 -6.05 -23.97 -19.95
C GLU A 30 -5.77 -24.89 -18.77
N LEU A 31 -6.23 -26.15 -18.83
CA LEU A 31 -5.89 -27.11 -17.79
C LEU A 31 -4.38 -27.37 -17.76
N ILE A 32 -3.76 -27.49 -18.92
CA ILE A 32 -2.32 -27.75 -18.99
C ILE A 32 -1.54 -26.57 -18.42
N ILE A 33 -1.98 -25.35 -18.73
CA ILE A 33 -1.42 -24.16 -18.07
C ILE A 33 -1.65 -24.23 -16.56
N ALA A 34 -2.87 -24.58 -16.14
CA ALA A 34 -3.19 -24.58 -14.72
C ALA A 34 -2.36 -25.61 -13.96
N GLU A 35 -2.05 -26.74 -14.60
CA GLU A 35 -1.19 -27.72 -13.95
C GLU A 35 0.16 -27.12 -13.58
N SER A 36 0.67 -26.20 -14.40
CA SER A 36 1.93 -25.56 -14.08
C SER A 36 1.79 -24.55 -12.95
N GLU A 37 0.56 -24.15 -12.64
CA GLU A 37 0.28 -23.20 -11.57
C GLU A 37 -0.13 -23.87 -10.28
N MET A 38 -0.18 -25.20 -10.23
CA MET A 38 -0.72 -25.92 -9.07
C MET A 38 0.28 -26.99 -8.64
N PRO A 39 1.44 -26.58 -8.10
CA PRO A 39 2.47 -27.57 -7.78
C PRO A 39 2.12 -28.49 -6.61
N ALA A 40 1.37 -28.03 -5.61
CA ALA A 40 1.01 -28.93 -4.52
C ALA A 40 0.08 -30.03 -5.04
N LEU A 41 -0.92 -29.64 -5.83
CA LEU A 41 -1.83 -30.62 -6.42
C LEU A 41 -1.10 -31.57 -7.36
N MET A 42 -0.29 -31.00 -8.27
N MET A 42 -0.28 -31.02 -8.26
CA MET A 42 0.50 -31.81 -9.18
CA MET A 42 0.44 -31.89 -9.19
C MET A 42 1.45 -32.74 -8.42
C MET A 42 1.50 -32.73 -8.45
N GLY A 43 2.06 -32.22 -7.35
CA GLY A 43 2.96 -33.04 -6.56
C GLY A 43 2.26 -34.27 -5.99
N LEU A 44 1.00 -34.12 -5.61
CA LEU A 44 0.25 -35.28 -5.12
C LEU A 44 0.00 -36.28 -6.23
N ARG A 45 -0.26 -35.80 -7.44
CA ARG A 45 -0.36 -36.69 -8.60
C ARG A 45 0.91 -37.53 -8.74
N ARG A 46 2.06 -36.86 -8.92
CA ARG A 46 3.31 -37.57 -9.12
C ARG A 46 3.61 -38.52 -7.97
N LYS A 47 3.41 -38.06 -6.73
CA LYS A 47 3.81 -38.86 -5.58
C LYS A 47 2.93 -40.10 -5.42
N TYR A 48 1.63 -39.98 -5.69
CA TYR A 48 0.67 -41.01 -5.31
C TYR A 48 0.09 -41.79 -6.49
N ALA A 49 0.40 -41.41 -7.74
CA ALA A 49 -0.20 -42.08 -8.88
C ALA A 49 0.09 -43.58 -8.87
N GLY A 50 1.33 -43.96 -8.60
CA GLY A 50 1.69 -45.38 -8.63
C GLY A 50 0.97 -46.18 -7.57
N GLN A 51 0.84 -45.62 -6.37
CA GLN A 51 0.18 -46.32 -5.27
C GLN A 51 -1.33 -46.47 -5.48
N GLN A 52 -1.94 -45.57 -6.26
CA GLN A 52 -3.37 -45.59 -6.52
C GLN A 52 -4.21 -45.59 -5.24
N PRO A 53 -4.00 -44.62 -4.34
CA PRO A 53 -4.71 -44.64 -3.05
C PRO A 53 -6.21 -44.52 -3.18
N LEU A 54 -6.73 -43.99 -4.28
CA LEU A 54 -8.18 -43.85 -4.45
C LEU A 54 -8.76 -44.94 -5.35
N LYS A 55 -8.01 -45.99 -5.65
CA LYS A 55 -8.57 -47.08 -6.43
C LYS A 55 -9.79 -47.66 -5.71
N GLY A 56 -10.90 -47.77 -6.43
CA GLY A 56 -12.16 -48.18 -5.85
C GLY A 56 -13.01 -47.04 -5.32
N ALA A 57 -12.46 -45.83 -5.20
CA ALA A 57 -13.25 -44.71 -4.72
C ALA A 57 -14.20 -44.25 -5.82
N LYS A 58 -15.45 -44.00 -5.44
CA LYS A 58 -16.49 -43.52 -6.34
C LYS A 58 -17.03 -42.24 -5.72
N ILE A 59 -16.57 -41.10 -6.24
CA ILE A 59 -16.74 -39.80 -5.59
C ILE A 59 -17.85 -39.03 -6.27
N LEU A 60 -18.84 -38.59 -5.48
CA LEU A 60 -19.76 -37.55 -5.91
C LEU A 60 -19.15 -36.19 -5.57
N GLY A 61 -18.97 -35.34 -6.57
CA GLY A 61 -18.37 -34.03 -6.37
C GLY A 61 -19.35 -32.93 -6.76
N CYS A 62 -19.44 -31.91 -5.91
CA CYS A 62 -20.29 -30.75 -6.16
C CYS A 62 -19.51 -29.50 -5.75
N ILE A 63 -18.83 -28.88 -6.72
CA ILE A 63 -18.09 -27.64 -6.50
C ILE A 63 -17.90 -26.97 -7.86
N HIS A 64 -17.92 -25.63 -7.86
CA HIS A 64 -17.76 -24.78 -9.04
C HIS A 64 -16.93 -25.42 -10.14
N MET A 65 -17.54 -25.67 -11.30
CA MET A 65 -16.88 -26.38 -12.40
C MET A 65 -15.98 -25.42 -13.18
N THR A 66 -14.89 -25.03 -12.52
CA THR A 66 -13.85 -24.17 -13.07
C THR A 66 -12.69 -25.00 -13.61
N ILE A 67 -11.78 -24.30 -14.29
CA ILE A 67 -10.51 -24.91 -14.71
C ILE A 67 -9.76 -25.46 -13.51
N GLN A 68 -9.84 -24.78 -12.37
CA GLN A 68 -9.15 -25.26 -11.17
C GLN A 68 -9.77 -26.54 -10.64
N THR A 69 -11.10 -26.60 -10.64
CA THR A 69 -11.77 -27.84 -10.28
C THR A 69 -11.44 -28.96 -11.26
N GLY A 70 -11.22 -28.62 -12.53
CA GLY A 70 -10.82 -29.64 -13.49
C GLY A 70 -9.53 -30.34 -13.12
N VAL A 71 -8.54 -29.56 -12.67
CA VAL A 71 -7.26 -30.14 -12.25
C VAL A 71 -7.45 -31.02 -11.02
N LEU A 72 -8.32 -30.58 -10.09
CA LEU A 72 -8.67 -31.41 -8.92
C LEU A 72 -9.32 -32.71 -9.34
N ILE A 73 -10.30 -32.65 -10.25
CA ILE A 73 -10.99 -33.85 -10.72
C ILE A 73 -10.00 -34.83 -11.33
N GLU A 74 -9.13 -34.34 -12.22
CA GLU A 74 -8.21 -35.24 -12.90
C GLU A 74 -7.10 -35.74 -11.97
N THR A 75 -6.84 -35.05 -10.86
CA THR A 75 -5.94 -35.59 -9.85
C THR A 75 -6.58 -36.77 -9.13
N LEU A 76 -7.83 -36.61 -8.68
CA LEU A 76 -8.55 -37.73 -8.07
C LEU A 76 -8.62 -38.92 -9.01
N VAL A 77 -8.94 -38.68 -10.28
CA VAL A 77 -8.99 -39.75 -11.27
C VAL A 77 -7.61 -40.40 -11.42
N ALA A 78 -6.55 -39.58 -11.47
CA ALA A 78 -5.21 -40.14 -11.63
C ALA A 78 -4.77 -40.98 -10.44
N LEU A 79 -5.33 -40.73 -9.26
CA LEU A 79 -5.04 -41.55 -8.09
C LEU A 79 -5.96 -42.76 -7.98
N GLY A 80 -6.81 -43.01 -8.98
CA GLY A 80 -7.58 -44.23 -9.06
C GLY A 80 -9.09 -44.07 -8.93
N ALA A 81 -9.58 -42.86 -8.66
CA ALA A 81 -11.00 -42.68 -8.36
C ALA A 81 -11.85 -42.59 -9.62
N GLU A 82 -13.12 -42.94 -9.49
CA GLU A 82 -14.18 -42.57 -10.41
C GLU A 82 -15.00 -41.43 -9.79
N VAL A 83 -15.43 -40.48 -10.61
CA VAL A 83 -16.18 -39.33 -10.11
C VAL A 83 -17.40 -39.10 -11.00
N ARG A 84 -18.42 -38.47 -10.42
CA ARG A 84 -19.54 -37.87 -11.13
C ARG A 84 -19.76 -36.48 -10.55
N TRP A 85 -19.81 -35.45 -11.41
CA TRP A 85 -19.55 -34.08 -10.99
C TRP A 85 -20.64 -33.08 -11.38
N SER A 86 -20.90 -32.13 -10.47
CA SER A 86 -21.73 -30.97 -10.76
C SER A 86 -21.09 -29.73 -10.13
N SER A 87 -21.58 -28.56 -10.53
CA SER A 87 -21.17 -27.30 -9.94
C SER A 87 -22.07 -26.99 -8.75
N CYS A 88 -21.52 -26.25 -7.78
CA CYS A 88 -22.29 -25.82 -6.62
C CYS A 88 -22.81 -24.40 -6.76
N ASN A 89 -22.79 -23.82 -7.97
CA ASN A 89 -23.39 -22.51 -8.21
C ASN A 89 -23.84 -22.43 -9.67
N ILE A 90 -24.97 -21.77 -9.90
CA ILE A 90 -25.53 -21.70 -11.24
C ILE A 90 -24.68 -20.85 -12.18
N PHE A 91 -23.83 -19.96 -11.68
CA PHE A 91 -23.07 -19.05 -12.53
C PHE A 91 -21.58 -19.30 -12.51
N SER A 92 -21.10 -20.24 -11.69
CA SER A 92 -19.66 -20.34 -11.47
C SER A 92 -18.93 -21.23 -12.46
N THR A 93 -19.65 -22.05 -13.24
CA THR A 93 -18.98 -22.93 -14.21
C THR A 93 -18.24 -22.13 -15.27
N GLN A 94 -17.04 -22.59 -15.62
CA GLN A 94 -16.38 -22.18 -16.86
C GLN A 94 -16.69 -23.22 -17.91
N ASP A 95 -17.41 -22.81 -18.97
CA ASP A 95 -17.95 -23.81 -19.90
C ASP A 95 -16.83 -24.55 -20.62
N GLN A 96 -15.67 -23.94 -20.81
CA GLN A 96 -14.59 -24.68 -21.44
C GLN A 96 -14.00 -25.70 -20.48
N ALA A 97 -14.09 -25.44 -19.16
CA ALA A 97 -13.64 -26.43 -18.18
C ALA A 97 -14.55 -27.66 -18.20
N ALA A 98 -15.86 -27.43 -18.17
CA ALA A 98 -16.81 -28.55 -18.18
C ALA A 98 -16.67 -29.36 -19.46
N ALA A 99 -16.44 -28.70 -20.59
CA ALA A 99 -16.34 -29.41 -21.85
C ALA A 99 -15.09 -30.29 -21.89
N ALA A 100 -13.96 -29.79 -21.38
CA ALA A 100 -12.74 -30.59 -21.39
C ALA A 100 -12.88 -31.82 -20.50
N ILE A 101 -13.61 -31.69 -19.39
CA ILE A 101 -13.80 -32.82 -18.49
C ILE A 101 -14.75 -33.84 -19.11
N ALA A 102 -15.84 -33.38 -19.73
CA ALA A 102 -16.72 -34.31 -20.42
C ALA A 102 -16.01 -34.98 -21.59
N ALA A 103 -15.18 -34.23 -22.32
CA ALA A 103 -14.44 -34.81 -23.44
C ALA A 103 -13.43 -35.85 -23.00
N ALA A 104 -13.00 -35.80 -21.74
CA ALA A 104 -12.10 -36.80 -21.17
C ALA A 104 -12.83 -38.05 -20.69
N GLY A 105 -14.13 -38.16 -20.91
CA GLY A 105 -14.88 -39.31 -20.44
C GLY A 105 -15.29 -39.25 -18.98
N ILE A 106 -15.41 -38.07 -18.40
CA ILE A 106 -15.75 -37.91 -16.98
C ILE A 106 -17.16 -37.34 -16.89
N PRO A 107 -18.08 -38.00 -16.20
CA PRO A 107 -19.46 -37.49 -16.11
C PRO A 107 -19.51 -36.16 -15.37
N VAL A 108 -19.98 -35.12 -16.06
CA VAL A 108 -20.08 -33.78 -15.50
C VAL A 108 -21.37 -33.15 -16.00
N PHE A 109 -22.08 -32.48 -15.11
CA PHE A 109 -23.38 -31.86 -15.44
C PHE A 109 -23.30 -30.43 -14.90
N ALA A 110 -22.99 -29.49 -15.80
CA ALA A 110 -22.60 -28.15 -15.38
C ALA A 110 -22.49 -27.19 -16.55
N TRP A 111 -23.07 -26.00 -16.42
CA TRP A 111 -22.86 -24.94 -17.38
C TRP A 111 -23.12 -23.60 -16.69
N LYS A 112 -22.53 -22.54 -17.26
CA LYS A 112 -22.74 -21.20 -16.72
C LYS A 112 -24.13 -20.71 -17.08
N GLY A 113 -24.88 -20.24 -16.09
CA GLY A 113 -26.21 -19.72 -16.35
C GLY A 113 -27.31 -20.75 -16.23
N GLU A 114 -27.16 -21.72 -15.33
CA GLU A 114 -28.23 -22.67 -15.05
C GLU A 114 -29.41 -21.96 -14.40
N THR A 115 -30.59 -22.54 -14.60
CA THR A 115 -31.72 -22.17 -13.75
C THR A 115 -31.62 -22.95 -12.44
N GLU A 116 -32.44 -22.56 -11.46
CA GLU A 116 -32.45 -23.31 -10.20
C GLU A 116 -32.92 -24.74 -10.43
N GLU A 117 -33.93 -24.93 -11.28
CA GLU A 117 -34.37 -26.27 -11.63
C GLU A 117 -33.22 -27.07 -12.25
N GLU A 118 -32.53 -26.49 -13.24
CA GLU A 118 -31.39 -27.15 -13.86
C GLU A 118 -30.30 -27.47 -12.84
N TYR A 119 -30.02 -26.53 -11.93
CA TYR A 119 -29.02 -26.76 -10.90
C TYR A 119 -29.33 -28.01 -10.08
N GLU A 120 -30.57 -28.13 -9.60
CA GLU A 120 -30.94 -29.32 -8.84
C GLU A 120 -30.85 -30.58 -9.70
N TRP A 121 -31.34 -30.50 -10.94
CA TRP A 121 -31.26 -31.64 -11.86
C TRP A 121 -29.82 -32.09 -12.07
N CYS A 122 -28.89 -31.13 -12.16
CA CYS A 122 -27.48 -31.50 -12.36
C CYS A 122 -26.95 -32.32 -11.20
N ILE A 123 -27.25 -31.92 -9.95
CA ILE A 123 -26.81 -32.72 -8.81
C ILE A 123 -27.41 -34.12 -8.89
N GLU A 124 -28.68 -34.22 -9.28
CA GLU A 124 -29.32 -35.55 -9.33
C GLU A 124 -28.67 -36.42 -10.40
N GLN A 125 -28.20 -35.83 -11.49
CA GLN A 125 -27.53 -36.62 -12.52
C GLN A 125 -26.23 -37.22 -12.01
N THR A 126 -25.59 -36.59 -11.02
CA THR A 126 -24.40 -37.21 -10.45
C THR A 126 -24.80 -38.34 -9.50
N ILE A 127 -25.88 -38.13 -8.75
CA ILE A 127 -26.37 -39.13 -7.79
C ILE A 127 -26.91 -40.36 -8.52
N LEU A 128 -27.58 -40.17 -9.64
CA LEU A 128 -28.19 -41.25 -10.39
C LEU A 128 -27.28 -41.67 -11.54
N LYS A 129 -27.24 -42.98 -11.81
CA LYS A 129 -26.62 -43.48 -13.03
C LYS A 129 -27.56 -44.50 -13.64
N ASP A 130 -28.04 -44.21 -14.86
CA ASP A 130 -28.99 -45.07 -15.54
C ASP A 130 -30.27 -45.22 -14.73
N GLY A 131 -30.74 -44.12 -14.15
CA GLY A 131 -32.00 -44.09 -13.44
C GLY A 131 -31.96 -44.62 -12.02
N GLN A 132 -30.83 -45.19 -11.58
CA GLN A 132 -30.71 -45.75 -10.26
C GLN A 132 -29.54 -45.12 -9.53
N PRO A 133 -29.55 -45.11 -8.20
CA PRO A 133 -28.42 -44.52 -7.47
C PRO A 133 -27.10 -45.14 -7.89
N TRP A 134 -26.13 -44.29 -8.17
CA TRP A 134 -24.76 -44.74 -8.35
C TRP A 134 -24.26 -45.35 -7.05
N ASP A 135 -23.31 -46.28 -7.15
CA ASP A 135 -22.73 -46.90 -5.96
C ASP A 135 -21.57 -46.04 -5.43
N ALA A 136 -21.89 -44.77 -5.17
CA ALA A 136 -20.92 -43.85 -4.62
C ALA A 136 -20.48 -44.28 -3.22
N ASN A 137 -19.24 -43.94 -2.88
CA ASN A 137 -18.75 -44.17 -1.53
C ASN A 137 -17.99 -42.99 -0.95
N MET A 138 -17.86 -41.88 -1.71
CA MET A 138 -17.23 -40.68 -1.20
C MET A 138 -17.99 -39.46 -1.70
N VAL A 139 -17.91 -38.38 -0.92
CA VAL A 139 -18.57 -37.11 -1.22
C VAL A 139 -17.56 -36.00 -1.07
N LEU A 140 -17.48 -35.14 -2.09
CA LEU A 140 -16.74 -33.88 -2.02
C LEU A 140 -17.72 -32.76 -2.30
N ASP A 141 -17.86 -31.83 -1.35
CA ASP A 141 -18.91 -30.83 -1.41
C ASP A 141 -18.35 -29.43 -1.13
N ASP A 142 -19.08 -28.43 -1.60
CA ASP A 142 -18.69 -27.01 -1.46
C ASP A 142 -19.97 -26.23 -1.20
N GLY A 143 -20.28 -25.98 0.07
CA GLY A 143 -21.48 -25.28 0.47
C GLY A 143 -22.55 -26.16 1.11
N GLY A 144 -22.45 -27.49 0.94
CA GLY A 144 -23.35 -28.40 1.62
C GLY A 144 -24.62 -28.78 0.87
N ASP A 145 -24.80 -28.32 -0.38
CA ASP A 145 -26.05 -28.62 -1.07
C ASP A 145 -26.16 -30.11 -1.42
N LEU A 146 -25.06 -30.73 -1.87
CA LEU A 146 -25.07 -32.15 -2.20
C LEU A 146 -25.17 -33.01 -0.94
N THR A 147 -24.46 -32.61 0.12
CA THR A 147 -24.63 -33.25 1.42
C THR A 147 -26.08 -33.26 1.85
N GLU A 148 -26.76 -32.13 1.68
CA GLU A 148 -28.15 -32.00 2.11
C GLU A 148 -29.08 -32.87 1.27
N ILE A 149 -28.91 -32.86 -0.05
CA ILE A 149 -29.76 -33.68 -0.92
C ILE A 149 -29.61 -35.16 -0.57
N LEU A 150 -28.38 -35.61 -0.32
CA LEU A 150 -28.20 -37.02 0.02
C LEU A 150 -28.89 -37.37 1.32
N HIS A 151 -28.69 -36.55 2.35
CA HIS A 151 -29.33 -36.82 3.64
C HIS A 151 -30.84 -36.74 3.53
N LYS A 152 -31.35 -35.78 2.76
CA LYS A 152 -32.78 -35.52 2.73
C LYS A 152 -33.51 -36.50 1.81
N LYS A 153 -32.97 -36.75 0.63
CA LYS A 153 -33.68 -37.46 -0.43
C LYS A 153 -33.13 -38.85 -0.73
N TYR A 154 -31.84 -39.09 -0.48
CA TYR A 154 -31.25 -40.41 -0.74
C TYR A 154 -30.53 -40.95 0.51
N PRO A 155 -31.21 -40.99 1.66
CA PRO A 155 -30.51 -41.40 2.88
C PRO A 155 -29.92 -42.80 2.81
N GLN A 156 -30.50 -43.71 2.04
CA GLN A 156 -29.94 -45.06 1.96
C GLN A 156 -28.59 -45.08 1.28
N MET A 157 -28.32 -44.14 0.36
CA MET A 157 -27.00 -44.09 -0.27
C MET A 157 -25.90 -43.79 0.74
N LEU A 158 -26.23 -43.05 1.80
CA LEU A 158 -25.23 -42.73 2.81
C LEU A 158 -24.77 -43.95 3.59
N GLU A 159 -25.43 -45.10 3.43
CA GLU A 159 -24.97 -46.30 4.11
C GLU A 159 -23.67 -46.82 3.51
N ARG A 160 -23.34 -46.43 2.28
CA ARG A 160 -22.14 -46.94 1.62
C ARG A 160 -21.03 -45.90 1.51
N ILE A 161 -21.21 -44.72 2.10
CA ILE A 161 -20.31 -43.59 1.91
C ILE A 161 -19.40 -43.46 3.12
N HIS A 162 -18.08 -43.37 2.87
CA HIS A 162 -17.08 -43.35 3.92
C HIS A 162 -16.82 -41.96 4.49
N GLY A 163 -17.11 -40.90 3.75
CA GLY A 163 -16.83 -39.57 4.24
C GLY A 163 -17.31 -38.50 3.29
N ILE A 164 -17.42 -37.29 3.84
CA ILE A 164 -17.64 -36.05 3.13
C ILE A 164 -16.42 -35.18 3.36
N THR A 165 -15.93 -34.52 2.32
CA THR A 165 -14.89 -33.51 2.49
C THR A 165 -15.46 -32.18 2.02
N GLU A 166 -15.67 -31.25 2.97
CA GLU A 166 -16.41 -30.01 2.73
C GLU A 166 -15.46 -28.82 2.63
N GLU A 167 -15.68 -28.00 1.61
CA GLU A 167 -14.70 -27.00 1.14
C GLU A 167 -14.79 -25.67 1.88
N THR A 168 -16.00 -25.17 2.19
CA THR A 168 -16.16 -23.75 2.45
C THR A 168 -16.84 -23.48 3.80
N THR A 169 -16.69 -22.24 4.27
CA THR A 169 -17.13 -21.86 5.61
C THR A 169 -18.60 -22.21 5.83
N THR A 170 -19.45 -21.86 4.86
CA THR A 170 -20.88 -22.11 5.00
C THR A 170 -21.18 -23.61 5.08
N GLY A 171 -20.51 -24.42 4.26
CA GLY A 171 -20.75 -25.85 4.31
C GLY A 171 -20.35 -26.47 5.65
N VAL A 172 -19.22 -26.03 6.19
CA VAL A 172 -18.80 -26.55 7.49
C VAL A 172 -19.82 -26.21 8.57
N HIS A 173 -20.37 -24.99 8.52
CA HIS A 173 -21.37 -24.61 9.52
C HIS A 173 -22.58 -25.52 9.46
N ARG A 174 -23.02 -25.86 8.24
CA ARG A 174 -24.16 -26.76 8.08
C ARG A 174 -23.87 -28.14 8.65
N LEU A 175 -22.64 -28.63 8.45
CA LEU A 175 -22.24 -29.94 8.99
C LEU A 175 -22.21 -29.95 10.50
N LEU A 176 -21.63 -28.90 11.09
CA LEU A 176 -21.60 -28.80 12.55
C LEU A 176 -23.01 -28.76 13.13
N ASP A 177 -23.92 -28.07 12.45
CA ASP A 177 -25.31 -28.06 12.90
CA ASP A 177 -25.31 -28.06 12.90
C ASP A 177 -25.91 -29.46 12.84
N MET A 178 -25.63 -30.20 11.77
CA MET A 178 -26.13 -31.56 11.64
C MET A 178 -25.53 -32.46 12.73
N LEU A 179 -24.23 -32.38 12.91
CA LEU A 179 -23.57 -33.20 13.93
C LEU A 179 -24.16 -32.94 15.31
N LYS A 180 -24.34 -31.66 15.67
CA LYS A 180 -24.91 -31.35 16.97
C LYS A 180 -26.36 -31.80 17.07
N ASN A 181 -27.08 -31.92 15.96
CA ASN A 181 -28.46 -32.36 15.99
C ASN A 181 -28.60 -33.88 15.83
N GLY A 182 -27.51 -34.60 15.62
CA GLY A 182 -27.58 -36.05 15.44
C GLY A 182 -28.09 -36.50 14.08
N THR A 183 -28.06 -35.63 13.08
CA THR A 183 -28.56 -35.96 11.75
C THR A 183 -27.48 -36.23 10.72
N LEU A 184 -26.21 -35.98 11.06
CA LEU A 184 -25.11 -36.31 10.15
C LEU A 184 -24.85 -37.82 10.18
N LYS A 185 -24.79 -38.43 8.99
CA LYS A 185 -24.74 -39.88 8.86
C LYS A 185 -23.35 -40.43 8.58
N VAL A 186 -22.40 -39.59 8.16
CA VAL A 186 -21.03 -40.04 7.86
C VAL A 186 -20.05 -39.00 8.38
N PRO A 187 -18.82 -39.43 8.67
CA PRO A 187 -17.81 -38.47 9.12
C PRO A 187 -17.41 -37.53 8.00
N ALA A 188 -16.90 -36.36 8.41
CA ALA A 188 -16.55 -35.31 7.47
C ALA A 188 -15.21 -34.71 7.88
N ILE A 189 -14.48 -34.21 6.89
CA ILE A 189 -13.30 -33.40 7.14
C ILE A 189 -13.60 -31.97 6.74
N ASN A 190 -13.35 -31.05 7.68
CA ASN A 190 -13.44 -29.60 7.46
C ASN A 190 -12.19 -29.19 6.69
N VAL A 191 -12.29 -29.13 5.37
CA VAL A 191 -11.16 -28.71 4.58
C VAL A 191 -10.94 -27.20 4.73
N ASN A 192 -12.01 -26.45 5.00
CA ASN A 192 -11.92 -25.00 5.02
C ASN A 192 -10.91 -24.52 6.05
N ASP A 193 -10.83 -25.16 7.21
CA ASP A 193 -10.02 -24.60 8.29
C ASP A 193 -8.57 -25.09 8.31
N SER A 194 -8.10 -25.73 7.26
CA SER A 194 -6.66 -25.73 7.01
C SER A 194 -6.20 -24.29 6.81
N VAL A 195 -5.00 -23.96 7.31
CA VAL A 195 -4.51 -22.62 7.10
C VAL A 195 -4.23 -22.39 5.62
N THR A 196 -3.72 -23.41 4.93
CA THR A 196 -3.48 -23.29 3.49
C THR A 196 -4.78 -23.28 2.70
N LYS A 197 -5.92 -23.44 3.35
CA LYS A 197 -7.19 -23.16 2.70
C LYS A 197 -7.73 -21.82 3.18
N SER A 198 -8.17 -21.78 4.45
CA SER A 198 -8.88 -20.60 4.96
C SER A 198 -8.08 -19.32 4.76
N LYS A 199 -6.80 -19.32 5.15
CA LYS A 199 -6.01 -18.09 5.15
C LYS A 199 -5.25 -17.91 3.86
N ASN A 200 -5.63 -18.66 2.83
CA ASN A 200 -5.06 -18.53 1.49
C ASN A 200 -6.20 -18.32 0.52
N ASP A 201 -7.01 -19.36 0.33
CA ASP A 201 -8.20 -19.27 -0.50
C ASP A 201 -9.12 -18.13 -0.08
N ASN A 202 -9.66 -18.18 1.15
CA ASN A 202 -10.76 -17.28 1.53
C ASN A 202 -10.34 -15.82 1.51
N LYS A 203 -9.12 -15.54 1.96
CA LYS A 203 -8.63 -14.15 2.02
C LYS A 203 -7.99 -13.75 0.70
N TYR A 204 -6.85 -14.37 0.36
CA TYR A 204 -6.11 -13.96 -0.82
C TYR A 204 -6.88 -14.22 -2.11
N GLY A 205 -7.69 -15.27 -2.15
CA GLY A 205 -8.46 -15.54 -3.34
C GLY A 205 -9.41 -14.40 -3.68
N CYS A 206 -10.10 -13.87 -2.67
CA CYS A 206 -11.03 -12.76 -2.87
C CYS A 206 -10.29 -11.47 -3.17
N ARG A 207 -9.10 -11.27 -2.60
N ARG A 207 -9.09 -11.27 -2.61
CA ARG A 207 -8.28 -10.13 -2.96
CA ARG A 207 -8.30 -10.11 -2.96
C ARG A 207 -8.03 -10.09 -4.46
C ARG A 207 -8.00 -10.08 -4.46
N HIS A 208 -7.71 -11.24 -5.04
CA HIS A 208 -7.44 -11.32 -6.47
C HIS A 208 -8.70 -11.14 -7.29
N SER A 209 -9.80 -11.76 -6.87
CA SER A 209 -10.92 -11.96 -7.79
C SER A 209 -12.10 -11.01 -7.57
N LEU A 210 -12.13 -10.25 -6.49
CA LEU A 210 -13.25 -9.32 -6.32
C LEU A 210 -13.14 -8.14 -7.30
N ASN A 211 -12.03 -7.41 -7.27
CA ASN A 211 -11.89 -6.29 -8.20
CA ASN A 211 -11.87 -6.30 -8.20
C ASN A 211 -11.85 -6.79 -9.64
N ASP A 212 -11.38 -8.03 -9.86
CA ASP A 212 -11.41 -8.66 -11.18
C ASP A 212 -12.85 -8.74 -11.71
N ALA A 213 -13.75 -9.27 -10.90
CA ALA A 213 -15.14 -9.43 -11.32
C ALA A 213 -15.84 -8.09 -11.51
N ILE A 214 -15.58 -7.13 -10.62
CA ILE A 214 -16.21 -5.82 -10.77
C ILE A 214 -15.73 -5.15 -12.05
N LYS A 215 -14.43 -5.23 -12.34
CA LYS A 215 -13.90 -4.67 -13.59
C LYS A 215 -14.53 -5.35 -14.80
N ARG A 216 -14.66 -6.68 -14.78
CA ARG A 216 -15.20 -7.36 -15.96
C ARG A 216 -16.70 -7.07 -16.13
N GLY A 217 -17.42 -6.88 -15.04
CA GLY A 217 -18.84 -6.62 -15.14
C GLY A 217 -19.18 -5.19 -15.52
N THR A 218 -18.47 -4.21 -14.98
CA THR A 218 -18.81 -2.80 -15.17
C THR A 218 -17.73 -2.00 -15.85
N ASP A 219 -16.48 -2.46 -15.83
CA ASP A 219 -15.33 -1.65 -16.25
C ASP A 219 -15.32 -0.28 -15.56
N HIS A 220 -15.85 -0.22 -14.33
CA HIS A 220 -15.83 1.02 -13.57
C HIS A 220 -14.44 1.29 -13.01
N LEU A 221 -14.00 2.54 -13.12
CA LEU A 221 -12.90 3.01 -12.28
C LEU A 221 -13.27 2.79 -10.81
N LEU A 222 -12.36 2.20 -10.04
CA LEU A 222 -12.60 2.05 -8.60
C LEU A 222 -11.89 3.11 -7.78
N SER A 223 -10.72 3.57 -8.24
CA SER A 223 -9.94 4.58 -7.53
C SER A 223 -10.77 5.82 -7.24
N GLY A 224 -10.70 6.29 -5.98
CA GLY A 224 -11.36 7.52 -5.58
C GLY A 224 -12.82 7.41 -5.21
N LYS A 225 -13.42 6.24 -5.36
CA LYS A 225 -14.85 6.04 -5.06
C LYS A 225 -15.00 5.42 -3.66
N GLN A 226 -16.22 5.46 -3.14
CA GLN A 226 -16.51 4.98 -1.78
C GLN A 226 -17.09 3.57 -1.84
N ALA A 227 -16.55 2.70 -1.01
CA ALA A 227 -17.01 1.31 -0.90
C ALA A 227 -17.41 1.03 0.54
N LEU A 228 -18.46 0.22 0.70
CA LEU A 228 -18.81 -0.34 2.00
C LEU A 228 -18.71 -1.85 1.90
N VAL A 229 -17.82 -2.45 2.69
CA VAL A 229 -17.70 -3.90 2.78
C VAL A 229 -18.42 -4.35 4.04
N ILE A 230 -19.42 -5.22 3.89
CA ILE A 230 -20.15 -5.78 5.03
C ILE A 230 -19.45 -7.07 5.42
N GLY A 231 -18.80 -7.06 6.56
CA GLY A 231 -18.15 -8.26 7.08
C GLY A 231 -16.65 -8.06 6.99
N TYR A 232 -15.93 -8.59 7.99
CA TYR A 232 -14.48 -8.52 7.98
C TYR A 232 -13.89 -9.82 8.52
N GLY A 233 -14.47 -10.95 8.08
CA GLY A 233 -13.85 -12.26 8.25
C GLY A 233 -12.76 -12.45 7.22
N ASP A 234 -12.45 -13.70 6.91
CA ASP A 234 -11.40 -13.92 5.92
C ASP A 234 -11.79 -13.35 4.56
N VAL A 235 -13.04 -13.56 4.15
CA VAL A 235 -13.49 -13.05 2.85
C VAL A 235 -13.59 -11.53 2.88
N GLY A 236 -14.13 -10.97 3.97
CA GLY A 236 -14.20 -9.53 4.11
C GLY A 236 -12.83 -8.87 4.15
N LYS A 237 -11.88 -9.51 4.83
CA LYS A 237 -10.51 -9.01 4.82
C LYS A 237 -9.95 -8.98 3.40
N GLY A 238 -10.06 -10.11 2.68
CA GLY A 238 -9.56 -10.16 1.31
C GLY A 238 -10.28 -9.18 0.40
N SER A 239 -11.59 -9.02 0.60
CA SER A 239 -12.38 -8.12 -0.24
C SER A 239 -12.01 -6.66 0.01
N SER A 240 -11.87 -6.29 1.28
CA SER A 240 -11.48 -4.91 1.60
C SER A 240 -10.13 -4.57 0.98
N GLN A 241 -9.17 -5.51 1.03
CA GLN A 241 -7.88 -5.26 0.41
C GLN A 241 -8.01 -5.14 -1.11
N SER A 242 -8.82 -6.00 -1.73
CA SER A 242 -9.02 -5.94 -3.17
C SER A 242 -9.41 -4.54 -3.63
N LEU A 243 -10.23 -3.87 -2.83
CA LEU A 243 -10.77 -2.56 -3.20
C LEU A 243 -9.84 -1.44 -2.77
N ARG A 244 -9.26 -1.55 -1.58
CA ARG A 244 -8.34 -0.52 -1.09
C ARG A 244 -7.08 -0.43 -1.96
N GLN A 245 -6.58 -1.58 -2.41
CA GLN A 245 -5.38 -1.56 -3.25
C GLN A 245 -5.63 -0.91 -4.62
N GLU A 246 -6.88 -0.83 -5.06
CA GLU A 246 -7.28 -0.09 -6.26
C GLU A 246 -7.45 1.40 -5.99
N GLY A 247 -7.43 1.82 -4.74
CA GLY A 247 -7.61 3.21 -4.38
C GLY A 247 -9.00 3.60 -3.94
N MET A 248 -9.87 2.63 -3.65
CA MET A 248 -11.18 2.96 -3.10
C MET A 248 -11.02 3.49 -1.68
N ILE A 249 -11.95 4.33 -1.27
CA ILE A 249 -12.08 4.70 0.13
C ILE A 249 -13.05 3.67 0.71
N VAL A 250 -12.54 2.75 1.53
CA VAL A 250 -13.29 1.58 1.98
C VAL A 250 -13.72 1.79 3.42
N LYS A 251 -15.02 1.63 3.68
CA LYS A 251 -15.59 1.52 5.01
C LYS A 251 -16.01 0.07 5.25
N VAL A 252 -15.95 -0.36 6.51
CA VAL A 252 -16.16 -1.76 6.88
C VAL A 252 -17.24 -1.80 7.95
N ALA A 253 -18.21 -2.68 7.78
CA ALA A 253 -19.19 -2.98 8.82
C ALA A 253 -18.90 -4.37 9.39
N GLU A 254 -19.14 -4.53 10.71
CA GLU A 254 -18.98 -5.82 11.35
C GLU A 254 -19.90 -5.90 12.56
N VAL A 255 -20.23 -7.14 12.95
CA VAL A 255 -20.88 -7.38 14.24
C VAL A 255 -19.89 -7.91 15.27
N ASP A 256 -18.72 -8.34 14.84
CA ASP A 256 -17.72 -8.95 15.70
C ASP A 256 -16.72 -7.88 16.08
N PRO A 257 -16.62 -7.49 17.35
CA PRO A 257 -15.73 -6.38 17.70
C PRO A 257 -14.26 -6.71 17.48
N ILE A 258 -13.88 -7.98 17.57
CA ILE A 258 -12.48 -8.32 17.30
C ILE A 258 -12.15 -8.08 15.83
N CYS A 259 -13.04 -8.52 14.92
CA CYS A 259 -12.81 -8.27 13.50
C CYS A 259 -12.90 -6.77 13.19
N ALA A 260 -13.81 -6.05 13.86
CA ALA A 260 -13.84 -4.60 13.72
C ALA A 260 -12.53 -3.97 14.17
N MET A 261 -11.96 -4.45 15.29
N MET A 261 -11.96 -4.44 15.29
CA MET A 261 -10.67 -3.93 15.75
CA MET A 261 -10.68 -3.93 15.74
C MET A 261 -9.59 -4.11 14.70
C MET A 261 -9.60 -4.10 14.68
N GLN A 262 -9.56 -5.29 14.06
CA GLN A 262 -8.60 -5.52 12.98
C GLN A 262 -8.82 -4.55 11.83
N ALA A 263 -10.08 -4.30 11.46
CA ALA A 263 -10.34 -3.35 10.38
C ALA A 263 -9.82 -1.95 10.72
N CYS A 264 -9.99 -1.52 11.97
CA CYS A 264 -9.48 -0.21 12.36
C CYS A 264 -7.97 -0.15 12.22
N MET A 265 -7.28 -1.13 12.80
CA MET A 265 -5.83 -1.16 12.73
C MET A 265 -5.32 -1.34 11.31
N ASP A 266 -6.12 -1.96 10.44
CA ASP A 266 -5.76 -2.12 9.04
C ASP A 266 -5.97 -0.86 8.23
N GLY A 267 -6.47 0.20 8.86
CA GLY A 267 -6.65 1.49 8.21
C GLY A 267 -8.01 1.74 7.62
N PHE A 268 -9.04 1.04 8.08
CA PHE A 268 -10.40 1.26 7.61
C PHE A 268 -11.25 1.95 8.66
N GLU A 269 -12.19 2.76 8.18
CA GLU A 269 -13.22 3.31 9.05
C GLU A 269 -14.34 2.28 9.22
N VAL A 270 -14.73 2.01 10.47
CA VAL A 270 -15.75 1.01 10.77
C VAL A 270 -17.07 1.72 11.04
N VAL A 271 -18.10 1.34 10.28
CA VAL A 271 -19.37 2.04 10.27
C VAL A 271 -20.49 1.03 10.23
N SER A 272 -21.68 1.48 10.57
CA SER A 272 -22.85 0.63 10.45
C SER A 272 -23.86 1.25 9.49
N PRO A 273 -24.55 0.42 8.69
CA PRO A 273 -25.64 0.97 7.86
C PRO A 273 -26.76 1.54 8.72
N TYR A 274 -26.85 1.14 9.99
CA TYR A 274 -27.91 1.55 10.89
C TYR A 274 -27.39 2.53 11.93
N LYS A 275 -28.20 3.52 12.25
CA LYS A 275 -27.84 4.51 13.25
C LYS A 275 -27.56 3.82 14.58
N ASN A 276 -26.37 4.08 15.13
CA ASN A 276 -25.88 3.47 16.36
C ASN A 276 -25.79 1.95 16.25
N GLY A 277 -25.81 1.42 15.03
CA GLY A 277 -25.75 -0.01 14.82
C GLY A 277 -27.02 -0.79 15.09
N ILE A 278 -28.14 -0.11 15.33
CA ILE A 278 -29.38 -0.76 15.73
C ILE A 278 -30.33 -0.79 14.53
N ASN A 279 -30.59 -1.98 14.02
CA ASN A 279 -31.63 -2.17 13.00
C ASN A 279 -32.95 -2.47 13.71
N ASP A 280 -33.82 -1.48 13.80
CA ASP A 280 -35.14 -1.66 14.39
C ASP A 280 -36.20 -1.94 13.33
N GLY A 281 -35.80 -2.23 12.10
CA GLY A 281 -36.70 -2.54 11.02
C GLY A 281 -37.20 -1.35 10.22
N THR A 282 -37.24 -0.17 10.80
CA THR A 282 -37.84 0.99 10.16
C THR A 282 -36.82 1.71 9.27
N GLU A 283 -37.35 2.48 8.32
CA GLU A 283 -36.47 3.27 7.46
C GLU A 283 -35.71 4.31 8.26
N ALA A 284 -36.31 4.82 9.35
CA ALA A 284 -35.66 5.86 10.14
C ALA A 284 -34.36 5.40 10.78
N SER A 285 -34.11 4.10 10.87
CA SER A 285 -32.85 3.63 11.46
C SER A 285 -31.73 3.51 10.43
N ILE A 286 -32.03 3.66 9.14
CA ILE A 286 -30.98 3.68 8.13
C ILE A 286 -30.19 4.96 8.24
N ASP A 287 -28.87 4.84 8.24
CA ASP A 287 -28.00 6.01 8.08
C ASP A 287 -28.05 6.43 6.60
N ALA A 288 -29.02 7.27 6.26
CA ALA A 288 -29.22 7.65 4.85
C ALA A 288 -28.06 8.47 4.30
N ALA A 289 -27.47 9.34 5.13
CA ALA A 289 -26.33 10.15 4.69
C ALA A 289 -25.13 9.28 4.35
N LEU A 290 -24.86 8.27 5.16
CA LEU A 290 -23.79 7.32 4.86
C LEU A 290 -24.08 6.55 3.57
N LEU A 291 -25.26 5.94 3.49
CA LEU A 291 -25.55 5.10 2.33
C LEU A 291 -25.63 5.93 1.06
N GLY A 292 -26.04 7.19 1.17
CA GLY A 292 -26.16 8.05 0.03
C GLY A 292 -24.84 8.46 -0.60
N LYS A 293 -23.70 8.10 -0.01
CA LYS A 293 -22.40 8.43 -0.58
C LYS A 293 -21.61 7.18 -0.94
N ILE A 294 -22.22 6.01 -0.86
CA ILE A 294 -21.55 4.74 -1.18
C ILE A 294 -21.72 4.40 -2.65
N ASP A 295 -20.61 4.14 -3.34
CA ASP A 295 -20.62 3.76 -4.75
C ASP A 295 -20.65 2.25 -4.98
N LEU A 296 -20.32 1.45 -3.96
CA LEU A 296 -20.17 0.02 -4.12
C LEU A 296 -20.36 -0.63 -2.75
N ILE A 297 -21.24 -1.61 -2.69
CA ILE A 297 -21.42 -2.41 -1.48
C ILE A 297 -21.15 -3.87 -1.82
N VAL A 298 -20.37 -4.53 -0.99
CA VAL A 298 -19.99 -5.93 -1.14
C VAL A 298 -20.34 -6.67 0.16
N THR A 299 -21.12 -7.73 0.06
CA THR A 299 -21.45 -8.53 1.23
C THR A 299 -20.54 -9.74 1.29
N THR A 300 -20.06 -10.06 2.51
CA THR A 300 -19.03 -11.08 2.69
C THR A 300 -19.30 -11.97 3.91
N THR A 301 -20.53 -12.01 4.40
CA THR A 301 -20.77 -12.46 5.77
C THR A 301 -21.11 -13.95 5.90
N GLY A 302 -21.70 -14.57 4.89
CA GLY A 302 -22.30 -15.89 5.14
C GLY A 302 -23.54 -15.83 6.00
N ASN A 303 -24.07 -14.63 6.25
CA ASN A 303 -25.27 -14.38 7.03
C ASN A 303 -26.38 -13.95 6.07
N VAL A 304 -27.54 -13.64 6.65
CA VAL A 304 -28.76 -13.44 5.88
C VAL A 304 -29.19 -11.98 5.98
N ASN A 305 -29.47 -11.37 4.83
CA ASN A 305 -30.08 -10.04 4.76
C ASN A 305 -29.19 -8.98 5.42
N VAL A 306 -27.90 -8.99 5.07
CA VAL A 306 -26.98 -7.98 5.58
C VAL A 306 -26.93 -6.74 4.70
N CYS A 307 -27.54 -6.79 3.51
CA CYS A 307 -27.79 -5.62 2.67
C CYS A 307 -29.30 -5.70 2.39
N ASP A 308 -30.09 -5.03 3.22
CA ASP A 308 -31.53 -5.25 3.26
C ASP A 308 -32.26 -4.25 2.37
N ALA A 309 -33.59 -4.35 2.35
CA ALA A 309 -34.36 -3.55 1.40
C ALA A 309 -34.20 -2.05 1.67
N ASN A 310 -34.19 -1.66 2.94
CA ASN A 310 -34.10 -0.24 3.28
C ASN A 310 -32.72 0.31 2.94
N MET A 311 -31.67 -0.49 3.12
CA MET A 311 -30.34 -0.08 2.65
C MET A 311 -30.33 0.11 1.14
N LEU A 312 -30.98 -0.80 0.42
CA LEU A 312 -31.02 -0.68 -1.04
C LEU A 312 -31.77 0.57 -1.47
N LYS A 313 -32.82 0.93 -0.74
CA LYS A 313 -33.58 2.13 -1.08
C LYS A 313 -32.78 3.41 -0.83
N ALA A 314 -31.89 3.38 0.15
CA ALA A 314 -31.09 4.53 0.53
C ALA A 314 -29.76 4.65 -0.23
N LEU A 315 -29.33 3.62 -0.97
CA LEU A 315 -28.02 3.68 -1.60
C LEU A 315 -27.97 4.80 -2.65
N LYS A 316 -26.79 5.39 -2.79
CA LYS A 316 -26.52 6.38 -3.82
C LYS A 316 -26.91 5.88 -5.21
N LYS A 317 -27.45 6.78 -6.04
CA LYS A 317 -27.81 6.41 -7.40
C LYS A 317 -26.62 5.80 -8.13
N ARG A 318 -26.90 4.72 -8.87
CA ARG A 318 -25.92 4.05 -9.73
C ARG A 318 -24.82 3.36 -8.94
N ALA A 319 -25.05 3.09 -7.66
CA ALA A 319 -24.13 2.23 -6.92
C ALA A 319 -24.16 0.80 -7.45
N VAL A 320 -23.03 0.13 -7.32
CA VAL A 320 -22.90 -1.28 -7.63
C VAL A 320 -23.13 -2.09 -6.35
N VAL A 321 -23.91 -3.15 -6.47
CA VAL A 321 -24.25 -4.05 -5.37
C VAL A 321 -23.77 -5.44 -5.74
N CYS A 322 -23.00 -6.09 -4.86
CA CYS A 322 -22.61 -7.45 -5.15
C CYS A 322 -22.40 -8.23 -3.86
N ASN A 323 -22.34 -9.54 -4.02
CA ASN A 323 -22.21 -10.49 -2.91
C ASN A 323 -21.10 -11.46 -3.25
N ILE A 324 -20.15 -11.62 -2.32
CA ILE A 324 -19.12 -12.62 -2.50
C ILE A 324 -19.16 -13.69 -1.41
N GLY A 325 -20.19 -13.69 -0.57
CA GLY A 325 -20.48 -14.85 0.25
C GLY A 325 -21.10 -15.99 -0.55
N HIS A 326 -21.26 -17.14 0.08
CA HIS A 326 -21.60 -18.35 -0.68
C HIS A 326 -23.01 -18.30 -1.28
N PHE A 327 -23.98 -17.72 -0.58
CA PHE A 327 -25.37 -17.77 -0.99
C PHE A 327 -25.89 -16.36 -1.24
N ASP A 328 -26.85 -16.24 -2.17
CA ASP A 328 -27.31 -14.93 -2.62
C ASP A 328 -28.20 -14.20 -1.61
N ASN A 329 -28.67 -14.87 -0.57
CA ASN A 329 -29.58 -14.21 0.35
C ASN A 329 -28.90 -13.19 1.27
N GLU A 330 -27.61 -12.92 1.11
CA GLU A 330 -27.00 -11.82 1.85
C GLU A 330 -27.62 -10.48 1.45
N ILE A 331 -28.00 -10.33 0.18
CA ILE A 331 -28.69 -9.16 -0.35
C ILE A 331 -30.15 -9.54 -0.51
N ASP A 332 -31.06 -8.60 -0.21
CA ASP A 332 -32.48 -8.86 -0.45
C ASP A 332 -32.81 -8.58 -1.92
N THR A 333 -32.36 -9.47 -2.79
CA THR A 333 -32.72 -9.35 -4.20
C THR A 333 -34.20 -9.66 -4.43
N ALA A 334 -34.81 -10.46 -3.55
CA ALA A 334 -36.24 -10.75 -3.69
C ALA A 334 -37.06 -9.46 -3.66
N PHE A 335 -36.78 -8.59 -2.69
CA PHE A 335 -37.40 -7.27 -2.66
C PHE A 335 -37.23 -6.55 -4.00
N MET A 336 -36.02 -6.56 -4.55
CA MET A 336 -35.78 -5.85 -5.82
C MET A 336 -36.53 -6.51 -6.98
N ARG A 337 -36.66 -7.84 -6.97
CA ARG A 337 -37.46 -8.50 -8.00
C ARG A 337 -38.93 -8.12 -7.88
N LYS A 338 -39.41 -7.94 -6.65
CA LYS A 338 -40.82 -7.63 -6.43
C LYS A 338 -41.16 -6.21 -6.85
N ASN A 339 -40.25 -5.25 -6.62
CA ASN A 339 -40.63 -3.86 -6.67
C ASN A 339 -40.00 -3.05 -7.81
N TRP A 340 -38.88 -3.50 -8.37
CA TRP A 340 -38.11 -2.67 -9.30
C TRP A 340 -37.87 -3.40 -10.62
N ALA A 341 -37.71 -2.62 -11.68
CA ALA A 341 -37.58 -3.15 -13.04
C ALA A 341 -36.12 -3.48 -13.36
N TRP A 342 -35.88 -4.69 -13.87
CA TRP A 342 -34.53 -5.17 -14.14
C TRP A 342 -34.22 -5.02 -15.62
N GLU A 343 -33.08 -4.41 -15.92
CA GLU A 343 -32.61 -4.23 -17.29
C GLU A 343 -31.28 -4.93 -17.43
N GLU A 344 -31.25 -6.01 -18.22
CA GLU A 344 -30.00 -6.75 -18.39
C GLU A 344 -29.05 -5.92 -19.26
N VAL A 345 -27.88 -5.62 -18.73
CA VAL A 345 -26.84 -4.99 -19.52
C VAL A 345 -26.15 -6.02 -20.40
N LYS A 346 -25.70 -7.09 -19.79
CA LYS A 346 -25.14 -8.25 -20.45
C LYS A 346 -25.27 -9.37 -19.42
N PRO A 347 -24.91 -10.62 -19.73
CA PRO A 347 -25.06 -11.70 -18.74
C PRO A 347 -24.46 -11.34 -17.38
N GLN A 348 -25.18 -11.68 -16.31
CA GLN A 348 -24.77 -11.44 -14.94
C GLN A 348 -24.49 -9.96 -14.63
N VAL A 349 -25.07 -9.02 -15.38
CA VAL A 349 -25.03 -7.59 -15.06
C VAL A 349 -26.41 -7.00 -15.31
N HIS A 350 -27.06 -6.48 -14.27
CA HIS A 350 -28.41 -5.94 -14.38
C HIS A 350 -28.47 -4.54 -13.78
N LYS A 351 -29.08 -3.61 -14.50
CA LYS A 351 -29.49 -2.35 -13.92
C LYS A 351 -30.85 -2.57 -13.28
N ILE A 352 -31.01 -2.08 -12.06
CA ILE A 352 -32.25 -2.27 -11.32
C ILE A 352 -32.82 -0.89 -11.07
N HIS A 353 -33.90 -0.57 -11.75
CA HIS A 353 -34.43 0.78 -11.81
C HIS A 353 -35.40 1.00 -10.65
N ARG A 354 -35.04 1.91 -9.76
CA ARG A 354 -35.82 2.13 -8.55
C ARG A 354 -37.04 3.00 -8.78
N THR A 355 -37.37 3.30 -10.04
CA THR A 355 -38.54 4.12 -10.36
C THR A 355 -39.84 3.34 -10.32
N GLY A 356 -39.80 2.01 -10.35
CA GLY A 356 -41.03 1.25 -10.33
C GLY A 356 -40.82 -0.13 -10.90
N LYS A 357 -41.91 -0.89 -10.90
CA LYS A 357 -41.86 -2.31 -11.23
C LYS A 357 -42.07 -2.60 -12.70
N ASP A 358 -43.01 -1.89 -13.34
CA ASP A 358 -43.42 -2.27 -14.68
C ASP A 358 -42.37 -1.93 -15.72
N GLY A 359 -42.45 -0.76 -16.33
CA GLY A 359 -41.45 -0.36 -17.28
C GLY A 359 -40.24 0.26 -16.62
N PHE A 360 -39.30 0.69 -17.46
CA PHE A 360 -38.26 1.61 -17.05
C PHE A 360 -37.94 2.52 -18.22
N ASP A 361 -37.45 3.72 -17.90
CA ASP A 361 -36.94 4.65 -18.90
C ASP A 361 -35.50 4.27 -19.22
N ALA A 362 -35.19 4.13 -20.52
CA ALA A 362 -33.86 3.70 -20.92
C ALA A 362 -32.78 4.64 -20.41
N HIS A 363 -33.13 5.91 -20.16
CA HIS A 363 -32.20 6.93 -19.70
C HIS A 363 -32.44 7.31 -18.25
N ASN A 364 -33.18 6.49 -17.51
CA ASN A 364 -33.38 6.75 -16.10
C ASN A 364 -32.03 6.77 -15.39
N ASP A 365 -31.84 7.76 -14.51
CA ASP A 365 -30.59 7.87 -13.75
C ASP A 365 -30.67 7.20 -12.38
N ASP A 366 -31.84 6.76 -11.94
CA ASP A 366 -32.01 6.18 -10.60
C ASP A 366 -32.10 4.67 -10.69
N TYR A 367 -30.93 4.03 -10.80
CA TYR A 367 -30.82 2.59 -10.82
C TYR A 367 -29.62 2.18 -9.98
N LEU A 368 -29.60 0.92 -9.59
CA LEU A 368 -28.41 0.27 -9.07
C LEU A 368 -27.93 -0.77 -10.08
N ILE A 369 -26.64 -1.10 -10.01
CA ILE A 369 -26.07 -2.18 -10.82
C ILE A 369 -25.84 -3.37 -9.91
N LEU A 370 -26.52 -4.48 -10.21
CA LEU A 370 -26.39 -5.74 -9.49
C LEU A 370 -25.59 -6.71 -10.33
N LEU A 371 -24.56 -7.31 -9.73
CA LEU A 371 -23.70 -8.27 -10.40
C LEU A 371 -24.08 -9.71 -10.04
N ALA A 372 -24.07 -10.59 -11.04
CA ALA A 372 -24.32 -12.01 -10.88
C ALA A 372 -25.64 -12.30 -10.14
N GLU A 373 -26.59 -11.37 -10.24
CA GLU A 373 -27.90 -11.52 -9.57
C GLU A 373 -27.73 -11.79 -8.07
N GLY A 374 -26.66 -11.26 -7.47
CA GLY A 374 -26.41 -11.47 -6.06
C GLY A 374 -25.67 -12.75 -5.72
N ARG A 375 -25.39 -13.62 -6.70
CA ARG A 375 -24.61 -14.82 -6.46
C ARG A 375 -23.13 -14.46 -6.38
N LEU A 376 -22.33 -15.41 -5.85
CA LEU A 376 -20.88 -15.21 -5.68
C LEU A 376 -20.30 -14.46 -6.87
N VAL A 377 -19.93 -13.20 -6.65
CA VAL A 377 -19.63 -12.33 -7.79
C VAL A 377 -18.28 -12.67 -8.41
N ASN A 378 -17.33 -13.21 -7.63
CA ASN A 378 -16.02 -13.47 -8.20
C ASN A 378 -16.10 -14.60 -9.22
N LEU A 379 -16.91 -15.61 -8.94
CA LEU A 379 -17.11 -16.70 -9.90
C LEU A 379 -18.17 -16.35 -10.94
N GLY A 380 -19.12 -15.48 -10.62
CA GLY A 380 -20.19 -15.15 -11.53
C GLY A 380 -19.77 -14.19 -12.64
N ASN A 381 -18.99 -13.18 -12.28
CA ASN A 381 -18.54 -12.17 -13.24
C ASN A 381 -17.08 -12.29 -13.64
N ALA A 382 -16.33 -13.21 -13.01
CA ALA A 382 -14.99 -13.49 -13.50
C ALA A 382 -14.72 -15.00 -13.43
N THR A 383 -13.54 -15.42 -12.98
CA THR A 383 -13.24 -16.85 -12.96
C THR A 383 -12.90 -17.34 -11.55
N GLY A 384 -13.35 -16.64 -10.52
CA GLY A 384 -13.04 -17.03 -9.17
C GLY A 384 -11.56 -16.90 -8.88
N HIS A 385 -11.10 -17.70 -7.91
CA HIS A 385 -9.71 -17.64 -7.47
C HIS A 385 -8.76 -18.16 -8.55
N PRO A 386 -7.52 -17.70 -8.56
CA PRO A 386 -6.54 -18.21 -9.52
C PRO A 386 -6.00 -19.58 -9.14
N SER A 387 -5.46 -20.27 -10.15
CA SER A 387 -4.97 -21.63 -9.96
C SER A 387 -3.97 -21.73 -8.81
N ARG A 388 -3.03 -20.78 -8.72
CA ARG A 388 -2.00 -20.95 -7.71
C ARG A 388 -2.56 -20.82 -6.29
N ILE A 389 -3.72 -20.17 -6.13
CA ILE A 389 -4.37 -20.12 -4.82
C ILE A 389 -5.19 -21.38 -4.59
N MET A 390 -5.97 -21.81 -5.58
CA MET A 390 -6.79 -23.02 -5.45
C MET A 390 -5.93 -24.27 -5.25
N ASP A 391 -4.67 -24.22 -5.66
CA ASP A 391 -3.73 -25.31 -5.42
C ASP A 391 -3.72 -25.73 -3.96
N GLY A 392 -3.67 -24.75 -3.04
CA GLY A 392 -3.67 -25.09 -1.62
C GLY A 392 -4.95 -25.79 -1.20
N SER A 393 -6.09 -25.17 -1.51
CA SER A 393 -7.39 -25.73 -1.11
C SER A 393 -7.56 -27.14 -1.65
N PHE A 394 -7.23 -27.33 -2.93
CA PHE A 394 -7.51 -28.60 -3.56
C PHE A 394 -6.49 -29.67 -3.22
N ALA A 395 -5.28 -29.29 -2.81
CA ALA A 395 -4.38 -30.29 -2.25
C ALA A 395 -4.93 -30.82 -0.93
N ASN A 396 -5.48 -29.95 -0.09
CA ASN A 396 -6.15 -30.40 1.13
C ASN A 396 -7.32 -31.31 0.80
N GLN A 397 -8.08 -31.00 -0.25
CA GLN A 397 -9.20 -31.84 -0.66
C GLN A 397 -8.72 -33.24 -1.03
N VAL A 398 -7.63 -33.34 -1.80
CA VAL A 398 -7.12 -34.65 -2.18
C VAL A 398 -6.68 -35.44 -0.96
N LEU A 399 -5.98 -34.78 -0.03
CA LEU A 399 -5.53 -35.50 1.17
C LEU A 399 -6.69 -35.90 2.06
N ALA A 400 -7.74 -35.06 2.11
CA ALA A 400 -8.91 -35.40 2.91
C ALA A 400 -9.63 -36.61 2.33
N GLN A 401 -9.75 -36.66 1.00
CA GLN A 401 -10.39 -37.79 0.34
C GLN A 401 -9.63 -39.09 0.59
N ILE A 402 -8.30 -39.04 0.45
CA ILE A 402 -7.49 -40.24 0.68
C ILE A 402 -7.67 -40.73 2.11
N HIS A 403 -7.61 -39.81 3.07
CA HIS A 403 -7.71 -40.21 4.47
C HIS A 403 -9.04 -40.88 4.78
N LEU A 404 -10.15 -40.22 4.42
CA LEU A 404 -11.46 -40.79 4.71
C LEU A 404 -11.71 -42.08 3.94
N PHE A 405 -11.27 -42.13 2.68
CA PHE A 405 -11.51 -43.35 1.90
C PHE A 405 -10.74 -44.54 2.45
N GLU A 406 -9.51 -44.31 2.93
CA GLU A 406 -8.76 -45.41 3.54
C GLU A 406 -9.31 -45.78 4.91
N GLN A 407 -10.05 -44.89 5.56
CA GLN A 407 -10.64 -45.20 6.85
C GLN A 407 -11.77 -46.22 6.72
N LYS A 408 -12.51 -46.19 5.60
CA LYS A 408 -13.57 -47.15 5.31
C LYS A 408 -14.66 -47.13 6.38
N TYR A 409 -15.14 -45.93 6.71
CA TYR A 409 -16.12 -45.77 7.79
C TYR A 409 -17.36 -46.64 7.55
N ALA A 410 -17.81 -46.74 6.30
CA ALA A 410 -19.03 -47.47 6.01
C ALA A 410 -18.92 -48.97 6.23
N ASP A 411 -17.70 -49.50 6.39
CA ASP A 411 -17.50 -50.93 6.61
C ASP A 411 -17.35 -51.29 8.08
N LEU A 412 -17.54 -50.34 8.98
CA LEU A 412 -17.34 -50.65 10.39
C LEU A 412 -18.66 -51.05 11.03
N PRO A 413 -18.60 -51.81 12.14
CA PRO A 413 -19.83 -52.11 12.88
C PRO A 413 -20.39 -50.84 13.51
N ALA A 414 -21.69 -50.90 13.83
CA ALA A 414 -22.40 -49.70 14.28
C ALA A 414 -21.79 -49.10 15.54
N ALA A 415 -21.20 -49.94 16.40
CA ALA A 415 -20.57 -49.44 17.61
C ALA A 415 -19.34 -48.59 17.28
N GLU A 416 -18.41 -49.15 16.50
CA GLU A 416 -17.24 -48.39 16.09
C GLU A 416 -17.62 -47.17 15.27
N LYS A 417 -18.78 -47.20 14.61
CA LYS A 417 -19.21 -46.05 13.81
C LYS A 417 -19.52 -44.85 14.70
N ALA A 418 -20.22 -45.06 15.81
CA ALA A 418 -20.54 -43.96 16.70
C ALA A 418 -19.29 -43.29 17.24
N LYS A 419 -18.18 -44.04 17.34
CA LYS A 419 -16.94 -43.48 17.87
C LYS A 419 -16.26 -42.56 16.86
N ARG A 420 -16.51 -42.73 15.58
CA ARG A 420 -15.79 -41.97 14.55
C ARG A 420 -16.66 -40.99 13.79
N LEU A 421 -17.95 -40.88 14.13
CA LEU A 421 -18.80 -39.87 13.51
C LEU A 421 -18.40 -38.48 13.97
N SER A 422 -17.55 -37.80 13.20
CA SER A 422 -16.96 -36.55 13.64
C SER A 422 -16.74 -35.63 12.45
N VAL A 423 -16.49 -34.36 12.76
CA VAL A 423 -16.01 -33.38 11.79
C VAL A 423 -14.61 -32.98 12.23
N GLU A 424 -13.61 -33.33 11.42
CA GLU A 424 -12.21 -33.15 11.76
C GLU A 424 -11.53 -32.23 10.76
N VAL A 425 -10.44 -31.61 11.19
CA VAL A 425 -9.54 -30.94 10.29
C VAL A 425 -8.34 -31.84 10.04
N LEU A 426 -7.59 -31.53 8.98
CA LEU A 426 -6.36 -32.24 8.70
C LEU A 426 -5.26 -31.84 9.69
N PRO A 427 -4.33 -32.75 9.98
CA PRO A 427 -3.31 -32.43 10.96
C PRO A 427 -2.37 -31.35 10.44
N LYS A 428 -1.76 -30.62 11.38
CA LYS A 428 -0.95 -29.47 11.00
C LYS A 428 0.25 -29.86 10.14
N LYS A 429 0.83 -31.04 10.41
CA LYS A 429 1.96 -31.50 9.59
C LYS A 429 1.60 -31.50 8.10
N LEU A 430 0.38 -31.93 7.77
CA LEU A 430 -0.03 -31.95 6.37
C LEU A 430 -0.28 -30.55 5.84
N ASP A 431 -0.85 -29.67 6.69
CA ASP A 431 -1.03 -28.26 6.35
C ASP A 431 0.30 -27.63 5.97
N GLU A 432 1.33 -27.91 6.78
CA GLU A 432 2.67 -27.38 6.53
C GLU A 432 3.26 -27.93 5.23
N GLU A 433 3.08 -29.22 4.95
CA GLU A 433 3.64 -29.78 3.72
C GLU A 433 2.94 -29.21 2.49
N VAL A 434 1.64 -28.95 2.57
CA VAL A 434 0.98 -28.26 1.46
C VAL A 434 1.57 -26.86 1.28
N ALA A 435 1.76 -26.15 2.39
CA ALA A 435 2.33 -24.81 2.34
C ALA A 435 3.72 -24.82 1.74
N LEU A 436 4.53 -25.83 2.08
CA LEU A 436 5.89 -25.89 1.56
C LEU A 436 5.91 -25.98 0.05
N GLU A 437 5.04 -26.81 -0.52
CA GLU A 437 4.98 -26.93 -1.97
C GLU A 437 4.51 -25.62 -2.61
N MET A 438 3.60 -24.90 -1.94
CA MET A 438 3.18 -23.59 -2.44
C MET A 438 4.34 -22.60 -2.44
N VAL A 439 5.08 -22.53 -1.32
CA VAL A 439 6.23 -21.63 -1.24
C VAL A 439 7.25 -21.98 -2.33
N LYS A 440 7.54 -23.27 -2.52
CA LYS A 440 8.46 -23.67 -3.57
C LYS A 440 7.96 -23.25 -4.95
N GLY A 441 6.64 -23.15 -5.13
CA GLY A 441 6.12 -22.72 -6.41
C GLY A 441 6.39 -21.26 -6.70
N PHE A 442 6.55 -20.44 -5.66
CA PHE A 442 6.99 -19.06 -5.83
C PHE A 442 8.50 -18.92 -5.92
N GLY A 443 9.25 -20.03 -5.83
CA GLY A 443 10.69 -19.96 -5.70
C GLY A 443 11.16 -19.53 -4.32
N GLY A 444 10.31 -19.59 -3.31
CA GLY A 444 10.74 -19.26 -1.97
C GLY A 444 11.58 -20.38 -1.37
N VAL A 445 12.49 -20.00 -0.46
CA VAL A 445 13.41 -20.95 0.16
C VAL A 445 13.17 -20.92 1.67
N VAL A 446 12.65 -22.01 2.20
CA VAL A 446 12.41 -22.13 3.64
C VAL A 446 13.71 -22.53 4.32
N THR A 447 14.02 -21.87 5.44
CA THR A 447 15.21 -22.21 6.22
C THR A 447 14.95 -23.45 7.08
N GLN A 448 15.97 -24.28 7.23
CA GLN A 448 15.92 -25.45 8.09
C GLN A 448 16.47 -25.11 9.47
N LEU A 449 15.71 -25.45 10.50
CA LEU A 449 16.19 -25.28 11.87
C LEU A 449 17.43 -26.13 12.12
N THR A 450 18.40 -25.58 12.85
CA THR A 450 19.44 -26.43 13.39
C THR A 450 18.87 -27.27 14.53
N PRO A 451 19.53 -28.38 14.88
CA PRO A 451 19.10 -29.11 16.07
C PRO A 451 19.01 -28.26 17.32
N LYS A 452 20.01 -27.41 17.58
CA LYS A 452 19.98 -26.58 18.78
C LYS A 452 18.84 -25.58 18.72
N GLN A 453 18.53 -25.05 17.54
CA GLN A 453 17.41 -24.11 17.41
C GLN A 453 16.08 -24.81 17.65
N ALA A 454 15.90 -26.00 17.06
CA ALA A 454 14.64 -26.73 17.23
C ALA A 454 14.43 -27.09 18.69
N GLU A 455 15.50 -27.46 19.38
CA GLU A 455 15.42 -27.73 20.81
C GLU A 455 15.07 -26.46 21.60
N TYR A 456 15.57 -25.30 21.14
CA TYR A 456 15.39 -24.06 21.90
C TYR A 456 13.92 -23.65 21.94
N ILE A 457 13.20 -23.83 20.83
CA ILE A 457 11.79 -23.44 20.75
C ILE A 457 10.85 -24.63 20.95
N GLY A 458 11.39 -25.82 21.21
CA GLY A 458 10.57 -26.97 21.52
C GLY A 458 9.84 -27.59 20.36
N VAL A 459 10.45 -27.62 19.17
CA VAL A 459 9.85 -28.25 18.00
C VAL A 459 10.83 -29.24 17.40
N SER A 460 10.30 -30.16 16.58
CA SER A 460 11.14 -31.01 15.74
C SER A 460 11.62 -30.22 14.54
N VAL A 461 12.80 -30.60 14.03
CA VAL A 461 13.34 -29.92 12.85
C VAL A 461 12.39 -30.07 11.66
N GLU A 462 11.66 -31.17 11.59
CA GLU A 462 10.74 -31.40 10.48
C GLU A 462 9.35 -30.86 10.72
N GLY A 463 9.09 -30.24 11.88
CA GLY A 463 7.78 -29.76 12.21
C GLY A 463 6.93 -30.83 12.88
N PRO A 464 5.71 -30.46 13.32
CA PRO A 464 5.10 -29.13 13.15
C PRO A 464 5.78 -28.03 13.97
N PHE A 465 5.64 -26.80 13.50
CA PHE A 465 6.37 -25.68 14.08
C PHE A 465 5.52 -24.85 15.03
N LYS A 466 4.22 -25.08 15.10
CA LYS A 466 3.33 -24.28 15.91
C LYS A 466 2.39 -25.19 16.70
N PRO A 467 1.93 -24.73 17.87
CA PRO A 467 0.89 -25.48 18.58
C PRO A 467 -0.43 -25.36 17.84
N ASP A 468 -1.33 -26.31 18.10
CA ASP A 468 -2.60 -26.30 17.39
C ASP A 468 -3.42 -25.04 17.65
N THR A 469 -3.17 -24.36 18.78
CA THR A 469 -3.86 -23.12 19.10
C THR A 469 -3.37 -21.92 18.28
N TYR A 470 -2.29 -22.05 17.53
CA TYR A 470 -1.69 -20.88 16.88
C TYR A 470 -2.59 -20.38 15.75
N ARG A 471 -2.71 -19.05 15.64
CA ARG A 471 -3.69 -18.43 14.75
C ARG A 471 -3.09 -17.86 13.46
N TYR A 472 -1.77 -17.78 13.32
CA TYR A 472 -1.12 -17.23 12.13
C TYR A 472 -1.64 -15.83 11.77
N GLY B 12 -31.48 2.95 -44.67
CA GLY B 12 -30.57 2.30 -45.59
C GLY B 12 -29.12 2.74 -45.47
N PHE B 13 -28.69 3.04 -44.24
CA PHE B 13 -27.32 3.48 -44.00
C PHE B 13 -26.36 2.30 -44.13
N THR B 14 -25.39 2.42 -45.04
CA THR B 14 -24.44 1.34 -45.31
C THR B 14 -22.98 1.79 -45.24
N ASP B 15 -22.71 3.05 -44.93
CA ASP B 15 -21.37 3.62 -44.97
C ASP B 15 -20.59 3.29 -43.68
N TYR B 16 -20.33 1.99 -43.49
CA TYR B 16 -19.62 1.52 -42.30
C TYR B 16 -19.16 0.10 -42.53
N LYS B 17 -18.27 -0.36 -41.65
CA LYS B 17 -17.97 -1.79 -41.58
C LYS B 17 -17.60 -2.16 -40.15
N VAL B 18 -18.39 -3.06 -39.56
CA VAL B 18 -18.17 -3.51 -38.20
C VAL B 18 -18.33 -5.03 -38.18
N ALA B 19 -17.93 -5.62 -37.04
CA ALA B 19 -17.99 -7.07 -36.91
C ALA B 19 -19.42 -7.59 -36.96
N ASP B 20 -20.34 -6.92 -36.26
CA ASP B 20 -21.68 -7.45 -36.09
C ASP B 20 -22.57 -6.31 -35.64
N ILE B 21 -23.42 -5.83 -36.55
CA ILE B 21 -24.27 -4.69 -36.26
C ILE B 21 -25.33 -5.03 -35.21
N THR B 22 -25.67 -6.32 -35.05
CA THR B 22 -26.68 -6.70 -34.07
C THR B 22 -26.21 -6.52 -32.63
N LEU B 23 -24.93 -6.19 -32.41
CA LEU B 23 -24.47 -5.85 -31.07
C LEU B 23 -24.79 -4.41 -30.70
N ALA B 24 -25.49 -3.67 -31.56
CA ALA B 24 -25.69 -2.24 -31.35
C ALA B 24 -26.42 -1.95 -30.03
N ALA B 25 -27.45 -2.72 -29.73
CA ALA B 25 -28.26 -2.42 -28.54
C ALA B 25 -27.45 -2.62 -27.27
N TRP B 26 -26.65 -3.69 -27.21
CA TRP B 26 -25.74 -3.87 -26.10
C TRP B 26 -24.77 -2.71 -25.99
N GLY B 27 -24.20 -2.30 -27.13
CA GLY B 27 -23.33 -1.13 -27.11
C GLY B 27 -24.02 0.12 -26.59
N ARG B 28 -25.27 0.35 -27.00
CA ARG B 28 -25.98 1.54 -26.55
C ARG B 28 -26.21 1.50 -25.04
N ARG B 29 -26.56 0.33 -24.50
CA ARG B 29 -26.66 0.19 -23.04
C ARG B 29 -25.36 0.61 -22.36
N GLU B 30 -24.23 0.19 -22.90
CA GLU B 30 -22.96 0.53 -22.27
C GLU B 30 -22.58 2.00 -22.47
N LEU B 31 -22.97 2.60 -23.61
CA LEU B 31 -22.74 4.03 -23.77
C LEU B 31 -23.51 4.84 -22.72
N ILE B 32 -24.75 4.44 -22.43
CA ILE B 32 -25.59 5.17 -21.49
C ILE B 32 -24.99 5.11 -20.09
N ILE B 33 -24.41 3.96 -19.71
CA ILE B 33 -23.68 3.87 -18.44
C ILE B 33 -22.43 4.75 -18.48
N ALA B 34 -21.66 4.66 -19.57
CA ALA B 34 -20.41 5.41 -19.65
C ALA B 34 -20.66 6.90 -19.56
N GLU B 35 -21.77 7.37 -20.13
CA GLU B 35 -22.14 8.78 -20.00
C GLU B 35 -22.20 9.21 -18.54
N SER B 36 -22.77 8.39 -17.67
CA SER B 36 -22.85 8.74 -16.26
C SER B 36 -21.48 8.71 -15.58
N GLU B 37 -20.48 8.10 -16.21
CA GLU B 37 -19.13 8.04 -15.68
C GLU B 37 -18.21 9.09 -16.28
N MET B 38 -18.72 9.97 -17.15
CA MET B 38 -17.90 10.92 -17.88
C MET B 38 -18.49 12.33 -17.76
N PRO B 39 -18.41 12.93 -16.57
CA PRO B 39 -19.11 14.21 -16.35
C PRO B 39 -18.43 15.40 -17.01
N ALA B 40 -17.11 15.40 -17.15
CA ALA B 40 -16.47 16.49 -17.88
C ALA B 40 -16.89 16.48 -19.34
N LEU B 41 -16.87 15.30 -19.96
CA LEU B 41 -17.26 15.21 -21.36
C LEU B 41 -18.74 15.51 -21.55
N MET B 42 -19.60 14.93 -20.70
CA MET B 42 -21.02 15.24 -20.82
C MET B 42 -21.32 16.68 -20.44
N GLY B 43 -20.51 17.26 -19.54
CA GLY B 43 -20.66 18.68 -19.25
C GLY B 43 -20.41 19.55 -20.47
N LEU B 44 -19.37 19.22 -21.24
CA LEU B 44 -19.12 19.94 -22.51
C LEU B 44 -20.30 19.77 -23.45
N ARG B 45 -20.78 18.52 -23.58
CA ARG B 45 -21.95 18.25 -24.40
C ARG B 45 -23.12 19.16 -24.03
N ARG B 46 -23.41 19.29 -22.73
CA ARG B 46 -24.53 20.12 -22.32
C ARG B 46 -24.22 21.61 -22.45
N LYS B 47 -22.96 22.00 -22.26
CA LYS B 47 -22.63 23.41 -22.27
C LYS B 47 -22.60 23.98 -23.68
N TYR B 48 -22.15 23.21 -24.66
CA TYR B 48 -21.90 23.70 -26.00
C TYR B 48 -22.94 23.25 -27.02
N ALA B 49 -23.90 22.40 -26.63
CA ALA B 49 -24.84 21.85 -27.61
C ALA B 49 -25.56 22.97 -28.37
N GLY B 50 -26.11 23.94 -27.64
CA GLY B 50 -26.88 24.99 -28.30
C GLY B 50 -26.06 25.89 -29.20
N GLN B 51 -24.79 26.13 -28.84
CA GLN B 51 -23.94 26.99 -29.64
C GLN B 51 -23.47 26.31 -30.93
N GLN B 52 -23.38 24.98 -30.92
CA GLN B 52 -22.91 24.20 -32.06
C GLN B 52 -21.54 24.67 -32.55
N PRO B 53 -20.51 24.63 -31.70
CA PRO B 53 -19.20 25.16 -32.10
C PRO B 53 -18.48 24.32 -33.13
N LEU B 54 -18.93 23.09 -33.41
CA LEU B 54 -18.31 22.25 -34.42
C LEU B 54 -19.17 22.13 -35.67
N LYS B 55 -20.15 23.00 -35.84
CA LYS B 55 -20.93 23.01 -37.08
C LYS B 55 -20.03 23.34 -38.26
N GLY B 56 -20.07 22.50 -39.29
CA GLY B 56 -19.15 22.60 -40.41
C GLY B 56 -17.85 21.85 -40.22
N ALA B 57 -17.55 21.39 -39.01
CA ALA B 57 -16.39 20.54 -38.80
C ALA B 57 -16.63 19.16 -39.39
N LYS B 58 -15.61 18.63 -40.06
CA LYS B 58 -15.68 17.31 -40.66
CA LYS B 58 -15.68 17.31 -40.66
C LYS B 58 -14.40 16.59 -40.25
N ILE B 59 -14.52 15.71 -39.25
CA ILE B 59 -13.37 15.16 -38.53
C ILE B 59 -13.07 13.75 -39.01
N LEU B 60 -11.84 13.55 -39.47
CA LEU B 60 -11.25 12.22 -39.58
C LEU B 60 -10.71 11.83 -38.21
N GLY B 61 -11.25 10.77 -37.63
CA GLY B 61 -10.81 10.31 -36.33
C GLY B 61 -10.26 8.91 -36.40
N CYS B 62 -9.10 8.71 -35.78
CA CYS B 62 -8.43 7.40 -35.73
C CYS B 62 -8.01 7.14 -34.29
N ILE B 63 -8.81 6.36 -33.56
CA ILE B 63 -8.52 6.06 -32.16
C ILE B 63 -9.36 4.87 -31.74
N HIS B 64 -8.76 3.98 -30.94
CA HIS B 64 -9.38 2.79 -30.36
C HIS B 64 -10.90 2.93 -30.27
N MET B 65 -11.63 2.08 -30.99
CA MET B 65 -13.08 2.21 -31.09
C MET B 65 -13.74 1.49 -29.91
N THR B 66 -13.50 2.08 -28.73
CA THR B 66 -14.05 1.62 -27.47
C THR B 66 -15.36 2.32 -27.15
N ILE B 67 -16.02 1.86 -26.07
CA ILE B 67 -17.19 2.54 -25.56
C ILE B 67 -16.85 4.00 -25.21
N GLN B 68 -15.66 4.23 -24.66
CA GLN B 68 -15.27 5.57 -24.26
C GLN B 68 -15.09 6.47 -25.48
N THR B 69 -14.45 5.94 -26.52
CA THR B 69 -14.38 6.65 -27.79
C THR B 69 -15.78 6.91 -28.35
N GLY B 70 -16.70 5.96 -28.14
CA GLY B 70 -18.08 6.18 -28.57
C GLY B 70 -18.69 7.44 -27.97
N VAL B 71 -18.45 7.68 -26.67
CA VAL B 71 -18.97 8.89 -26.03
C VAL B 71 -18.28 10.13 -26.58
N LEU B 72 -16.99 10.04 -26.89
CA LEU B 72 -16.28 11.14 -27.51
C LEU B 72 -16.89 11.46 -28.88
N ILE B 73 -17.08 10.42 -29.71
CA ILE B 73 -17.64 10.61 -31.04
C ILE B 73 -18.99 11.32 -30.97
N GLU B 74 -19.89 10.80 -30.13
CA GLU B 74 -21.21 11.38 -30.03
C GLU B 74 -21.20 12.76 -29.38
N THR B 75 -20.17 13.10 -28.61
CA THR B 75 -20.06 14.48 -28.14
C THR B 75 -19.69 15.41 -29.30
N LEU B 76 -18.69 15.01 -30.10
CA LEU B 76 -18.33 15.81 -31.27
C LEU B 76 -19.51 16.00 -32.20
N VAL B 77 -20.28 14.93 -32.43
CA VAL B 77 -21.46 15.01 -33.30
C VAL B 77 -22.52 15.91 -32.69
N ALA B 78 -22.69 15.84 -31.36
CA ALA B 78 -23.71 16.65 -30.69
C ALA B 78 -23.40 18.13 -30.75
N LEU B 79 -22.13 18.49 -30.88
CA LEU B 79 -21.73 19.89 -30.99
C LEU B 79 -21.63 20.35 -32.44
N GLY B 80 -22.05 19.51 -33.39
CA GLY B 80 -22.23 19.92 -34.78
C GLY B 80 -21.34 19.20 -35.78
N ALA B 81 -20.36 18.41 -35.34
CA ALA B 81 -19.40 17.85 -36.28
C ALA B 81 -19.98 16.68 -37.08
N GLU B 82 -19.45 16.48 -38.27
CA GLU B 82 -19.53 15.18 -38.92
C GLU B 82 -18.18 14.49 -38.79
N VAL B 83 -18.21 13.15 -38.72
CA VAL B 83 -16.99 12.37 -38.53
C VAL B 83 -17.02 11.11 -39.39
N ARG B 84 -15.83 10.58 -39.67
CA ARG B 84 -15.61 9.27 -40.26
C ARG B 84 -14.49 8.64 -39.44
N TRP B 85 -14.73 7.43 -38.90
CA TRP B 85 -13.90 6.92 -37.82
C TRP B 85 -13.27 5.58 -38.14
N SER B 86 -12.05 5.38 -37.62
CA SER B 86 -11.41 4.07 -37.58
C SER B 86 -10.68 3.91 -36.25
N SER B 87 -10.26 2.69 -35.97
CA SER B 87 -9.47 2.38 -34.79
C SER B 87 -7.99 2.59 -35.11
N CYS B 88 -7.22 2.98 -34.10
CA CYS B 88 -5.78 3.05 -34.29
C CYS B 88 -5.03 1.77 -33.85
N ASN B 89 -5.74 0.66 -33.61
CA ASN B 89 -5.09 -0.60 -33.29
C ASN B 89 -5.96 -1.77 -33.70
N ILE B 90 -5.32 -2.85 -34.17
CA ILE B 90 -6.06 -3.98 -34.74
C ILE B 90 -6.83 -4.79 -33.70
N PHE B 91 -6.50 -4.67 -32.41
CA PHE B 91 -7.15 -5.46 -31.36
C PHE B 91 -7.95 -4.64 -30.36
N SER B 92 -8.02 -3.31 -30.50
CA SER B 92 -8.54 -2.48 -29.41
C SER B 92 -10.02 -2.15 -29.52
N THR B 93 -10.64 -2.36 -30.68
CA THR B 93 -12.07 -2.09 -30.83
C THR B 93 -12.90 -2.98 -29.90
N GLN B 94 -13.93 -2.39 -29.28
CA GLN B 94 -15.01 -3.14 -28.66
C GLN B 94 -16.14 -3.22 -29.69
N ASP B 95 -16.45 -4.42 -30.17
CA ASP B 95 -17.35 -4.56 -31.31
C ASP B 95 -18.75 -4.03 -30.99
N GLN B 96 -19.17 -4.06 -29.72
CA GLN B 96 -20.47 -3.49 -29.40
C GLN B 96 -20.44 -1.96 -29.48
N ALA B 97 -19.29 -1.34 -29.17
CA ALA B 97 -19.16 0.09 -29.34
C ALA B 97 -19.20 0.48 -30.82
N ALA B 98 -18.44 -0.23 -31.65
CA ALA B 98 -18.43 0.05 -33.08
C ALA B 98 -19.82 -0.13 -33.68
N ALA B 99 -20.53 -1.16 -33.25
CA ALA B 99 -21.88 -1.41 -33.79
C ALA B 99 -22.83 -0.30 -33.40
N ALA B 100 -22.79 0.15 -32.14
CA ALA B 100 -23.66 1.24 -31.70
C ALA B 100 -23.42 2.50 -32.51
N ILE B 101 -22.15 2.84 -32.76
CA ILE B 101 -21.83 4.03 -33.54
C ILE B 101 -22.36 3.89 -34.96
N ALA B 102 -22.06 2.76 -35.60
CA ALA B 102 -22.56 2.51 -36.95
C ALA B 102 -24.09 2.58 -36.99
N ALA B 103 -24.76 1.98 -36.01
CA ALA B 103 -26.22 1.98 -35.97
C ALA B 103 -26.78 3.38 -35.75
N ALA B 104 -25.98 4.29 -35.24
CA ALA B 104 -26.37 5.69 -35.11
C ALA B 104 -26.23 6.46 -36.42
N GLY B 105 -25.84 5.80 -37.51
CA GLY B 105 -25.63 6.51 -38.75
C GLY B 105 -24.31 7.22 -38.86
N ILE B 106 -23.31 6.82 -38.07
CA ILE B 106 -22.00 7.45 -38.06
C ILE B 106 -21.03 6.51 -38.78
N PRO B 107 -20.33 6.96 -39.82
CA PRO B 107 -19.38 6.07 -40.52
C PRO B 107 -18.23 5.63 -39.62
N VAL B 108 -18.11 4.32 -39.42
CA VAL B 108 -17.05 3.75 -38.59
C VAL B 108 -16.59 2.47 -39.25
N PHE B 109 -15.27 2.27 -39.32
CA PHE B 109 -14.67 1.09 -39.95
C PHE B 109 -13.70 0.49 -38.93
N ALA B 110 -14.18 -0.50 -38.17
CA ALA B 110 -13.41 -1.01 -37.04
C ALA B 110 -14.04 -2.28 -36.50
N TRP B 111 -13.19 -3.27 -36.22
CA TRP B 111 -13.58 -4.47 -35.51
C TRP B 111 -12.37 -4.99 -34.78
N LYS B 112 -12.62 -5.79 -33.75
CA LYS B 112 -11.54 -6.37 -32.98
C LYS B 112 -10.93 -7.53 -33.75
N GLY B 113 -9.62 -7.51 -33.93
CA GLY B 113 -8.95 -8.59 -34.63
C GLY B 113 -8.71 -8.35 -36.10
N GLU B 114 -8.51 -7.10 -36.52
CA GLU B 114 -8.18 -6.81 -37.90
C GLU B 114 -6.80 -7.38 -38.27
N THR B 115 -6.63 -7.66 -39.56
CA THR B 115 -5.29 -7.85 -40.08
C THR B 115 -4.65 -6.49 -40.36
N GLU B 116 -3.35 -6.50 -40.65
CA GLU B 116 -2.67 -5.25 -40.99
C GLU B 116 -3.26 -4.64 -42.26
N GLU B 117 -3.63 -5.47 -43.23
CA GLU B 117 -4.28 -4.99 -44.44
C GLU B 117 -5.63 -4.36 -44.15
N GLU B 118 -6.44 -5.01 -43.31
CA GLU B 118 -7.75 -4.47 -42.96
C GLU B 118 -7.62 -3.16 -42.19
N TYR B 119 -6.62 -3.06 -41.30
CA TYR B 119 -6.36 -1.83 -40.57
C TYR B 119 -6.13 -0.68 -41.53
N GLU B 120 -5.22 -0.87 -42.49
CA GLU B 120 -4.95 0.12 -43.52
C GLU B 120 -6.21 0.47 -44.29
N TRP B 121 -6.99 -0.55 -44.66
CA TRP B 121 -8.20 -0.33 -45.44
C TRP B 121 -9.21 0.50 -44.65
N CYS B 122 -9.32 0.25 -43.34
CA CYS B 122 -10.27 1.02 -42.53
C CYS B 122 -9.89 2.50 -42.50
N ILE B 123 -8.61 2.83 -42.35
CA ILE B 123 -8.24 4.23 -42.36
C ILE B 123 -8.57 4.84 -43.72
N GLU B 124 -8.32 4.09 -44.79
CA GLU B 124 -8.63 4.58 -46.13
C GLU B 124 -10.13 4.83 -46.30
N GLN B 125 -10.97 4.03 -45.66
CA GLN B 125 -12.40 4.25 -45.79
C GLN B 125 -12.85 5.52 -45.07
N THR B 126 -12.10 6.00 -44.08
CA THR B 126 -12.46 7.29 -43.50
C THR B 126 -12.00 8.45 -44.40
N ILE B 127 -10.81 8.30 -45.02
CA ILE B 127 -10.23 9.35 -45.85
C ILE B 127 -11.03 9.54 -47.14
N LEU B 128 -11.51 8.44 -47.72
CA LEU B 128 -12.23 8.50 -48.99
C LEU B 128 -13.72 8.31 -48.73
N LYS B 129 -14.55 9.07 -49.45
CA LYS B 129 -15.99 8.84 -49.45
C LYS B 129 -16.46 8.73 -50.88
N ASP B 130 -17.14 7.61 -51.19
CA ASP B 130 -17.57 7.32 -52.56
C ASP B 130 -16.39 7.37 -53.53
N GLY B 131 -15.24 6.88 -53.07
CA GLY B 131 -14.09 6.75 -53.94
C GLY B 131 -13.27 8.01 -54.14
N GLN B 132 -13.66 9.11 -53.54
CA GLN B 132 -12.92 10.36 -53.67
C GLN B 132 -12.64 10.91 -52.29
N PRO B 133 -11.62 11.76 -52.15
CA PRO B 133 -11.31 12.34 -50.83
C PRO B 133 -12.51 13.01 -50.20
N TRP B 134 -12.78 12.65 -48.95
CA TRP B 134 -13.79 13.36 -48.17
C TRP B 134 -13.40 14.83 -48.03
N ASP B 135 -14.40 15.69 -47.86
CA ASP B 135 -14.14 17.11 -47.58
C ASP B 135 -13.81 17.32 -46.10
N ALA B 136 -12.78 16.61 -45.65
CA ALA B 136 -12.31 16.73 -44.28
C ALA B 136 -11.67 18.09 -44.03
N ASN B 137 -11.76 18.55 -42.78
CA ASN B 137 -11.09 19.76 -42.37
C ASN B 137 -10.55 19.71 -40.93
N MET B 138 -10.67 18.57 -40.25
CA MET B 138 -10.08 18.37 -38.93
C MET B 138 -9.59 16.94 -38.83
N VAL B 139 -8.63 16.73 -37.94
CA VAL B 139 -8.08 15.40 -37.70
C VAL B 139 -7.98 15.18 -36.19
N LEU B 140 -8.44 14.02 -35.75
CA LEU B 140 -8.23 13.55 -34.38
C LEU B 140 -7.52 12.21 -34.51
N ASP B 141 -6.35 12.10 -33.88
CA ASP B 141 -5.48 10.96 -34.08
C ASP B 141 -4.97 10.45 -32.73
N ASP B 142 -4.55 9.19 -32.76
CA ASP B 142 -3.97 8.51 -31.59
C ASP B 142 -2.83 7.65 -32.14
N GLY B 143 -1.61 8.16 -32.08
CA GLY B 143 -0.44 7.41 -32.50
C GLY B 143 0.17 7.89 -33.79
N GLY B 144 -0.56 8.67 -34.58
CA GLY B 144 0.02 9.29 -35.76
C GLY B 144 -0.12 8.54 -37.06
N ASP B 145 -0.74 7.35 -37.07
CA ASP B 145 -0.82 6.60 -38.34
C ASP B 145 -1.65 7.36 -39.37
N LEU B 146 -2.82 7.84 -38.97
CA LEU B 146 -3.66 8.61 -39.88
C LEU B 146 -2.96 9.88 -40.33
N THR B 147 -2.32 10.58 -39.39
CA THR B 147 -1.58 11.79 -39.75
C THR B 147 -0.50 11.49 -40.78
N GLU B 148 0.20 10.35 -40.61
CA GLU B 148 1.26 9.97 -41.53
C GLU B 148 0.72 9.65 -42.92
N ILE B 149 -0.40 8.93 -43.01
CA ILE B 149 -0.98 8.59 -44.30
C ILE B 149 -1.41 9.86 -45.06
N LEU B 150 -2.01 10.81 -44.35
CA LEU B 150 -2.40 12.07 -44.98
C LEU B 150 -1.18 12.80 -45.53
N HIS B 151 -0.13 12.92 -44.73
CA HIS B 151 1.05 13.66 -45.20
C HIS B 151 1.72 12.95 -46.36
N LYS B 152 1.77 11.62 -46.32
CA LYS B 152 2.47 10.86 -47.37
C LYS B 152 1.62 10.73 -48.63
N LYS B 153 0.32 10.51 -48.48
CA LYS B 153 -0.50 10.09 -49.60
C LYS B 153 -1.55 11.11 -50.03
N TYR B 154 -2.01 11.99 -49.14
CA TYR B 154 -3.06 12.95 -49.46
C TYR B 154 -2.71 14.39 -49.12
N PRO B 155 -1.57 14.91 -49.62
CA PRO B 155 -1.23 16.31 -49.29
C PRO B 155 -2.31 17.31 -49.64
N GLN B 156 -3.02 17.09 -50.76
CA GLN B 156 -4.06 18.04 -51.18
C GLN B 156 -5.18 18.14 -50.15
N MET B 157 -5.48 17.04 -49.44
CA MET B 157 -6.46 17.11 -48.37
C MET B 157 -5.97 17.98 -47.21
N LEU B 158 -4.68 17.90 -46.88
CA LEU B 158 -4.15 18.68 -45.76
C LEU B 158 -4.22 20.18 -46.02
N GLU B 159 -4.22 20.61 -47.28
CA GLU B 159 -4.38 22.03 -47.59
C GLU B 159 -5.66 22.60 -47.00
N ARG B 160 -6.70 21.78 -46.85
CA ARG B 160 -8.01 22.23 -46.39
C ARG B 160 -8.28 21.85 -44.93
N ILE B 161 -7.31 21.29 -44.23
CA ILE B 161 -7.51 20.82 -42.86
C ILE B 161 -6.95 21.84 -41.88
N HIS B 162 -7.74 22.15 -40.84
CA HIS B 162 -7.41 23.23 -39.91
C HIS B 162 -6.45 22.81 -38.80
N GLY B 163 -6.39 21.52 -38.49
CA GLY B 163 -5.49 21.09 -37.43
C GLY B 163 -5.65 19.63 -37.12
N ILE B 164 -4.79 19.17 -36.22
CA ILE B 164 -4.73 17.81 -35.73
C ILE B 164 -4.75 17.88 -34.21
N THR B 165 -5.57 17.06 -33.57
CA THR B 165 -5.51 16.89 -32.11
C THR B 165 -5.03 15.47 -31.85
N GLU B 166 -3.84 15.35 -31.25
CA GLU B 166 -3.14 14.08 -31.13
C GLU B 166 -3.14 13.60 -29.69
N GLU B 167 -3.56 12.34 -29.50
CA GLU B 167 -3.89 11.81 -28.18
C GLU B 167 -2.66 11.42 -27.36
N THR B 168 -1.61 10.88 -27.98
CA THR B 168 -0.70 10.07 -27.20
C THR B 168 0.77 10.44 -27.44
N THR B 169 1.59 10.03 -26.46
CA THR B 169 3.00 10.39 -26.43
C THR B 169 3.71 10.05 -27.74
N THR B 170 3.47 8.85 -28.27
CA THR B 170 4.16 8.45 -29.50
C THR B 170 3.72 9.30 -30.68
N GLY B 171 2.42 9.60 -30.78
CA GLY B 171 1.96 10.46 -31.86
C GLY B 171 2.54 11.86 -31.78
N VAL B 172 2.66 12.39 -30.57
CA VAL B 172 3.24 13.74 -30.40
C VAL B 172 4.68 13.74 -30.85
N HIS B 173 5.44 12.69 -30.49
CA HIS B 173 6.83 12.62 -30.93
C HIS B 173 6.92 12.69 -32.46
N ARG B 174 6.00 12.03 -33.15
CA ARG B 174 6.03 12.01 -34.62
C ARG B 174 5.67 13.38 -35.18
N LEU B 175 4.71 14.08 -34.57
CA LEU B 175 4.41 15.45 -34.96
C LEU B 175 5.63 16.34 -34.80
N LEU B 176 6.33 16.20 -33.67
CA LEU B 176 7.47 17.07 -33.42
C LEU B 176 8.61 16.79 -34.41
N ASP B 177 8.79 15.54 -34.83
CA ASP B 177 9.79 15.25 -35.86
C ASP B 177 9.43 15.94 -37.17
N MET B 178 8.14 15.88 -37.55
CA MET B 178 7.71 16.55 -38.77
C MET B 178 7.92 18.05 -38.66
N LEU B 179 7.58 18.64 -37.51
CA LEU B 179 7.79 20.07 -37.33
C LEU B 179 9.26 20.42 -37.46
N LYS B 180 10.13 19.62 -36.83
CA LYS B 180 11.58 19.82 -36.95
C LYS B 180 12.01 19.80 -38.40
N ASN B 181 11.54 18.81 -39.16
CA ASN B 181 11.97 18.59 -40.54
C ASN B 181 11.26 19.49 -41.54
N GLY B 182 10.36 20.36 -41.09
CA GLY B 182 9.62 21.18 -42.02
C GLY B 182 8.60 20.44 -42.87
N THR B 183 8.17 19.24 -42.44
CA THR B 183 7.22 18.47 -43.22
C THR B 183 5.80 18.51 -42.67
N LEU B 184 5.60 19.03 -41.46
CA LEU B 184 4.26 19.13 -40.90
C LEU B 184 3.47 20.22 -41.62
N LYS B 185 2.27 19.88 -42.11
CA LYS B 185 1.52 20.78 -42.98
C LYS B 185 0.43 21.56 -42.28
N VAL B 186 0.00 21.15 -41.09
CA VAL B 186 -1.08 21.81 -40.36
C VAL B 186 -0.74 21.83 -38.88
N PRO B 187 -1.26 22.81 -38.14
CA PRO B 187 -0.95 22.90 -36.71
C PRO B 187 -1.59 21.77 -35.94
N ALA B 188 -1.06 21.52 -34.74
CA ALA B 188 -1.54 20.43 -33.91
C ALA B 188 -1.68 20.90 -32.47
N ILE B 189 -2.63 20.29 -31.77
CA ILE B 189 -2.68 20.37 -30.31
C ILE B 189 -2.23 19.03 -29.76
N ASN B 190 -1.23 19.09 -28.88
CA ASN B 190 -0.70 17.97 -28.09
C ASN B 190 -1.64 17.79 -26.91
N VAL B 191 -2.63 16.89 -27.09
CA VAL B 191 -3.59 16.63 -26.04
C VAL B 191 -2.93 15.81 -24.92
N ASN B 192 -1.90 15.03 -25.26
CA ASN B 192 -1.27 14.16 -24.27
C ASN B 192 -0.77 14.94 -23.06
N ASP B 193 -0.24 16.15 -23.28
CA ASP B 193 0.48 16.82 -22.20
C ASP B 193 -0.38 17.74 -21.34
N SER B 194 -1.70 17.75 -21.51
CA SER B 194 -2.57 18.23 -20.44
C SER B 194 -2.34 17.36 -19.21
N VAL B 195 -2.39 17.97 -18.02
CA VAL B 195 -2.19 17.17 -16.80
C VAL B 195 -3.36 16.22 -16.60
N THR B 196 -4.58 16.66 -16.96
CA THR B 196 -5.77 15.81 -16.93
C THR B 196 -5.75 14.76 -18.02
N LYS B 197 -4.68 14.67 -18.81
CA LYS B 197 -4.46 13.55 -19.71
C LYS B 197 -3.25 12.75 -19.25
N SER B 198 -2.03 13.29 -19.43
CA SER B 198 -0.80 12.55 -19.17
C SER B 198 -0.75 11.97 -17.75
N LYS B 199 -1.06 12.78 -16.73
CA LYS B 199 -0.95 12.33 -15.36
C LYS B 199 -2.28 11.81 -14.81
N ASN B 200 -3.18 11.41 -15.69
CA ASN B 200 -4.46 10.81 -15.38
C ASN B 200 -4.58 9.52 -16.19
N ASP B 201 -4.74 9.69 -17.50
CA ASP B 201 -4.82 8.60 -18.48
C ASP B 201 -3.56 7.74 -18.46
N ASN B 202 -2.40 8.34 -18.76
CA ASN B 202 -1.22 7.52 -19.00
C ASN B 202 -0.83 6.73 -17.75
N LYS B 203 -1.02 7.34 -16.58
CA LYS B 203 -0.60 6.74 -15.30
C LYS B 203 -1.73 5.94 -14.69
N TYR B 204 -2.77 6.61 -14.21
CA TYR B 204 -3.85 5.90 -13.51
C TYR B 204 -4.60 4.96 -14.43
N GLY B 205 -4.76 5.32 -15.71
CA GLY B 205 -5.40 4.40 -16.64
C GLY B 205 -4.67 3.08 -16.73
N CYS B 206 -3.35 3.13 -16.85
CA CYS B 206 -2.60 1.89 -16.87
C CYS B 206 -2.60 1.20 -15.51
N ARG B 207 -2.69 1.97 -14.42
CA ARG B 207 -2.86 1.35 -13.11
CA ARG B 207 -2.85 1.34 -13.12
C ARG B 207 -4.10 0.46 -13.09
N HIS B 208 -5.21 0.96 -13.60
CA HIS B 208 -6.46 0.20 -13.61
C HIS B 208 -6.38 -1.00 -14.57
N SER B 209 -5.90 -0.79 -15.80
CA SER B 209 -6.15 -1.74 -16.86
C SER B 209 -4.99 -2.71 -17.15
N LEU B 210 -3.79 -2.50 -16.60
CA LEU B 210 -2.74 -3.49 -16.86
C LEU B 210 -3.04 -4.80 -16.16
N ASN B 211 -3.21 -4.77 -14.82
CA ASN B 211 -3.49 -6.04 -14.14
CA ASN B 211 -3.51 -6.01 -14.13
C ASN B 211 -4.84 -6.59 -14.59
N ASP B 212 -5.76 -5.73 -15.00
CA ASP B 212 -7.02 -6.15 -15.60
C ASP B 212 -6.78 -7.07 -16.80
N ALA B 213 -5.97 -6.62 -17.76
CA ALA B 213 -5.76 -7.40 -18.97
C ALA B 213 -4.99 -8.69 -18.71
N ILE B 214 -4.05 -8.66 -17.77
CA ILE B 214 -3.29 -9.87 -17.47
C ILE B 214 -4.20 -10.92 -16.85
N LYS B 215 -5.07 -10.52 -15.92
CA LYS B 215 -6.04 -11.45 -15.34
C LYS B 215 -6.97 -12.02 -16.40
N ARG B 216 -7.48 -11.16 -17.29
CA ARG B 216 -8.40 -11.65 -18.31
C ARG B 216 -7.70 -12.62 -19.26
N GLY B 217 -6.44 -12.35 -19.58
CA GLY B 217 -5.73 -13.22 -20.52
C GLY B 217 -5.28 -14.54 -19.94
N THR B 218 -4.76 -14.53 -18.71
CA THR B 218 -4.14 -15.72 -18.13
C THR B 218 -4.79 -16.23 -16.86
N ASP B 219 -5.55 -15.39 -16.16
CA ASP B 219 -6.06 -15.67 -14.82
C ASP B 219 -4.94 -16.04 -13.83
N HIS B 220 -3.72 -15.58 -14.12
CA HIS B 220 -2.60 -15.86 -13.22
C HIS B 220 -2.73 -15.09 -11.91
N LEU B 221 -2.52 -15.78 -10.79
CA LEU B 221 -2.16 -15.11 -9.55
C LEU B 221 -0.93 -14.24 -9.80
N LEU B 222 -0.99 -12.99 -9.33
CA LEU B 222 0.15 -12.08 -9.44
C LEU B 222 0.90 -11.90 -8.12
N SER B 223 0.20 -11.93 -6.99
CA SER B 223 0.82 -11.79 -5.67
C SER B 223 1.97 -12.78 -5.51
N GLY B 224 3.10 -12.29 -5.01
CA GLY B 224 4.24 -13.14 -4.73
C GLY B 224 5.15 -13.42 -5.91
N LYS B 225 4.77 -13.05 -7.13
CA LYS B 225 5.59 -13.34 -8.30
C LYS B 225 6.45 -12.13 -8.66
N GLN B 226 7.44 -12.37 -9.53
CA GLN B 226 8.44 -11.37 -9.88
CA GLN B 226 8.43 -11.36 -9.87
C GLN B 226 8.09 -10.74 -11.23
N ALA B 227 8.02 -9.42 -11.25
CA ALA B 227 7.74 -8.67 -12.47
C ALA B 227 8.91 -7.75 -12.79
N LEU B 228 9.13 -7.53 -14.09
CA LEU B 228 10.09 -6.54 -14.56
C LEU B 228 9.34 -5.58 -15.47
N VAL B 229 9.30 -4.29 -15.09
CA VAL B 229 8.68 -3.25 -15.90
C VAL B 229 9.78 -2.46 -16.57
N ILE B 230 9.76 -2.41 -17.90
CA ILE B 230 10.74 -1.66 -18.68
C ILE B 230 10.19 -0.27 -18.88
N GLY B 231 10.81 0.71 -18.23
CA GLY B 231 10.38 2.09 -18.32
C GLY B 231 9.63 2.54 -17.08
N TYR B 232 9.75 3.83 -16.78
CA TYR B 232 9.13 4.40 -15.57
C TYR B 232 8.75 5.85 -15.85
N GLY B 233 8.25 6.12 -17.05
CA GLY B 233 7.56 7.35 -17.36
C GLY B 233 6.15 7.27 -16.82
N ASP B 234 5.21 7.98 -17.44
CA ASP B 234 3.84 7.97 -16.92
C ASP B 234 3.22 6.59 -16.99
N VAL B 235 3.38 5.90 -18.13
CA VAL B 235 2.81 4.57 -18.29
C VAL B 235 3.57 3.55 -17.43
N GLY B 236 4.89 3.66 -17.35
CA GLY B 236 5.64 2.74 -16.50
C GLY B 236 5.34 2.93 -15.03
N LYS B 237 5.11 4.18 -14.60
CA LYS B 237 4.72 4.43 -13.22
C LYS B 237 3.38 3.78 -12.90
N GLY B 238 2.39 3.97 -13.77
CA GLY B 238 1.09 3.40 -13.51
C GLY B 238 1.11 1.88 -13.61
N SER B 239 1.88 1.35 -14.54
CA SER B 239 2.01 -0.09 -14.71
C SER B 239 2.69 -0.72 -13.50
N SER B 240 3.76 -0.10 -13.00
CA SER B 240 4.43 -0.62 -11.82
C SER B 240 3.50 -0.67 -10.61
N GLN B 241 2.71 0.39 -10.42
CA GLN B 241 1.73 0.39 -9.34
C GLN B 241 0.66 -0.67 -9.56
N SER B 242 0.21 -0.85 -10.80
CA SER B 242 -0.78 -1.89 -11.14
C SER B 242 -0.34 -3.26 -10.64
N LEU B 243 0.95 -3.57 -10.77
CA LEU B 243 1.47 -4.86 -10.35
C LEU B 243 1.80 -4.88 -8.86
N ARG B 244 2.44 -3.84 -8.35
CA ARG B 244 2.81 -3.82 -6.94
C ARG B 244 1.59 -3.91 -6.04
N GLN B 245 0.51 -3.23 -6.40
CA GLN B 245 -0.67 -3.22 -5.53
C GLN B 245 -1.36 -4.57 -5.50
N GLU B 246 -1.07 -5.43 -6.48
CA GLU B 246 -1.51 -6.82 -6.47
C GLU B 246 -0.58 -7.72 -5.66
N GLY B 247 0.50 -7.19 -5.11
CA GLY B 247 1.47 -7.98 -4.38
C GLY B 247 2.62 -8.55 -5.20
N MET B 248 2.80 -8.13 -6.45
CA MET B 248 4.00 -8.55 -7.16
C MET B 248 5.23 -7.91 -6.54
N ILE B 249 6.36 -8.60 -6.65
CA ILE B 249 7.67 -8.03 -6.40
C ILE B 249 8.14 -7.41 -7.72
N VAL B 250 8.18 -6.09 -7.79
CA VAL B 250 8.36 -5.37 -9.04
C VAL B 250 9.77 -4.78 -9.08
N LYS B 251 10.50 -5.12 -10.14
CA LYS B 251 11.74 -4.43 -10.48
C LYS B 251 11.47 -3.57 -11.71
N VAL B 252 12.19 -2.45 -11.81
CA VAL B 252 11.97 -1.44 -12.83
C VAL B 252 13.30 -1.21 -13.56
N ALA B 253 13.23 -1.12 -14.89
CA ALA B 253 14.37 -0.70 -15.70
C ALA B 253 14.10 0.67 -16.31
N GLU B 254 15.16 1.43 -16.52
CA GLU B 254 15.05 2.77 -17.08
C GLU B 254 16.37 3.17 -17.69
N VAL B 255 16.29 4.02 -18.72
CA VAL B 255 17.46 4.72 -19.21
C VAL B 255 17.56 6.13 -18.64
N ASP B 256 16.48 6.69 -18.11
CA ASP B 256 16.45 8.05 -17.61
C ASP B 256 16.73 8.01 -16.11
N PRO B 257 17.87 8.53 -15.64
CA PRO B 257 18.18 8.40 -14.20
C PRO B 257 17.27 9.21 -13.30
N ILE B 258 16.57 10.24 -13.80
CA ILE B 258 15.60 10.93 -12.96
C ILE B 258 14.39 10.02 -12.72
N CYS B 259 13.88 9.41 -13.78
CA CYS B 259 12.80 8.44 -13.64
C CYS B 259 13.22 7.25 -12.78
N ALA B 260 14.46 6.76 -12.95
CA ALA B 260 14.96 5.69 -12.10
C ALA B 260 15.03 6.13 -10.64
N MET B 261 15.45 7.38 -10.40
N MET B 261 15.45 7.38 -10.40
CA MET B 261 15.45 7.91 -9.05
CA MET B 261 15.45 7.91 -9.05
C MET B 261 14.06 7.85 -8.44
C MET B 261 14.06 7.85 -8.44
N GLN B 262 13.03 8.16 -9.24
CA GLN B 262 11.66 8.09 -8.74
C GLN B 262 11.29 6.65 -8.39
N ALA B 263 11.67 5.70 -9.24
CA ALA B 263 11.35 4.30 -8.95
C ALA B 263 11.97 3.85 -7.64
N CYS B 264 13.22 4.21 -7.38
CA CYS B 264 13.85 3.84 -6.11
C CYS B 264 13.09 4.46 -4.95
N MET B 265 12.85 5.76 -5.02
CA MET B 265 12.17 6.46 -3.93
C MET B 265 10.75 5.93 -3.73
N ASP B 266 10.11 5.45 -4.80
CA ASP B 266 8.80 4.81 -4.72
C ASP B 266 8.87 3.39 -4.21
N GLY B 267 10.06 2.89 -3.88
CA GLY B 267 10.17 1.60 -3.25
C GLY B 267 10.37 0.43 -4.18
N PHE B 268 10.92 0.67 -5.38
CA PHE B 268 11.24 -0.37 -6.35
C PHE B 268 12.75 -0.51 -6.45
N GLU B 269 13.18 -1.74 -6.70
CA GLU B 269 14.57 -2.02 -7.05
C GLU B 269 14.74 -1.75 -8.54
N VAL B 270 15.77 -0.97 -8.90
CA VAL B 270 16.00 -0.61 -10.29
C VAL B 270 17.11 -1.49 -10.84
N VAL B 271 16.81 -2.20 -11.92
CA VAL B 271 17.70 -3.21 -12.49
C VAL B 271 17.75 -3.01 -13.99
N SER B 272 18.76 -3.60 -14.61
CA SER B 272 18.85 -3.60 -16.06
C SER B 272 18.89 -5.02 -16.58
N PRO B 273 18.22 -5.32 -17.70
CA PRO B 273 18.36 -6.66 -18.29
C PRO B 273 19.79 -7.01 -18.65
N TYR B 274 20.64 -6.00 -18.83
CA TYR B 274 22.00 -6.18 -19.30
C TYR B 274 22.97 -5.89 -18.16
N LYS B 275 24.06 -6.65 -18.15
CA LYS B 275 25.07 -6.48 -17.12
C LYS B 275 25.69 -5.10 -17.21
N ASN B 276 25.74 -4.41 -16.07
CA ASN B 276 26.17 -3.01 -15.99
C ASN B 276 25.38 -2.09 -16.92
N GLY B 277 24.19 -2.54 -17.35
CA GLY B 277 23.33 -1.74 -18.21
C GLY B 277 23.80 -1.59 -19.63
N ILE B 278 24.83 -2.33 -20.06
CA ILE B 278 25.42 -2.17 -21.37
C ILE B 278 24.78 -3.18 -22.32
N ASN B 279 23.99 -2.67 -23.27
CA ASN B 279 23.30 -3.50 -24.26
C ASN B 279 24.15 -3.53 -25.53
N ASP B 280 25.05 -4.51 -25.60
CA ASP B 280 25.98 -4.62 -26.72
C ASP B 280 25.54 -5.62 -27.79
N GLY B 281 24.41 -6.30 -27.59
CA GLY B 281 23.90 -7.22 -28.57
C GLY B 281 24.30 -8.67 -28.39
N THR B 282 25.12 -8.97 -27.39
CA THR B 282 25.58 -10.33 -27.15
C THR B 282 24.69 -11.02 -26.12
N GLU B 283 24.51 -12.33 -26.29
CA GLU B 283 23.87 -13.15 -25.25
C GLU B 283 24.61 -13.01 -23.93
N ALA B 284 25.93 -12.82 -23.98
CA ALA B 284 26.73 -12.76 -22.77
C ALA B 284 26.44 -11.51 -21.96
N SER B 285 25.86 -10.47 -22.57
CA SER B 285 25.55 -9.27 -21.81
C SER B 285 24.25 -9.38 -21.03
N ILE B 286 23.49 -10.45 -21.21
CA ILE B 286 22.21 -10.62 -20.54
C ILE B 286 22.45 -11.10 -19.13
N ASP B 287 21.80 -10.44 -18.17
CA ASP B 287 21.80 -10.91 -16.79
C ASP B 287 20.91 -12.15 -16.70
N ALA B 288 21.50 -13.33 -16.91
CA ALA B 288 20.72 -14.55 -16.97
C ALA B 288 20.04 -14.86 -15.63
N ALA B 289 20.75 -14.64 -14.52
CA ALA B 289 20.19 -14.88 -13.20
C ALA B 289 18.92 -14.05 -12.99
N LEU B 290 19.00 -12.76 -13.32
CA LEU B 290 17.84 -11.88 -13.18
C LEU B 290 16.70 -12.34 -14.08
N LEU B 291 16.95 -12.46 -15.38
CA LEU B 291 15.88 -12.78 -16.32
C LEU B 291 15.25 -14.14 -16.01
N GLY B 292 16.04 -15.09 -15.51
CA GLY B 292 15.51 -16.38 -15.16
C GLY B 292 14.63 -16.40 -13.93
N LYS B 293 14.47 -15.27 -13.23
CA LYS B 293 13.60 -15.14 -12.07
C LYS B 293 12.30 -14.44 -12.38
N ILE B 294 12.14 -13.90 -13.58
CA ILE B 294 11.04 -12.99 -13.89
C ILE B 294 9.87 -13.82 -14.38
N ASP B 295 8.72 -13.64 -13.73
CA ASP B 295 7.48 -14.27 -14.16
C ASP B 295 6.69 -13.41 -15.13
N LEU B 296 6.97 -12.11 -15.21
CA LEU B 296 6.18 -11.20 -16.02
C LEU B 296 7.06 -10.02 -16.43
N ILE B 297 7.12 -9.75 -17.73
CA ILE B 297 7.76 -8.53 -18.24
C ILE B 297 6.72 -7.69 -18.97
N VAL B 298 6.76 -6.38 -18.71
CA VAL B 298 5.85 -5.41 -19.33
C VAL B 298 6.70 -4.28 -19.89
N THR B 299 6.55 -3.98 -21.18
CA THR B 299 7.25 -2.86 -21.81
C THR B 299 6.34 -1.64 -21.84
N THR B 300 6.90 -0.45 -21.48
CA THR B 300 6.09 0.77 -21.35
C THR B 300 6.77 2.00 -21.97
N THR B 301 7.66 1.81 -22.94
CA THR B 301 8.63 2.85 -23.27
C THR B 301 8.27 3.72 -24.45
N GLY B 302 7.51 3.20 -25.42
CA GLY B 302 7.45 3.86 -26.71
C GLY B 302 8.72 3.77 -27.51
N ASN B 303 9.68 2.95 -27.08
CA ASN B 303 10.95 2.78 -27.76
C ASN B 303 10.89 1.47 -28.55
N VAL B 304 12.01 1.08 -29.15
CA VAL B 304 12.07 -0.08 -30.02
C VAL B 304 12.95 -1.14 -29.38
N ASN B 305 12.44 -2.37 -29.35
CA ASN B 305 13.23 -3.55 -29.00
C ASN B 305 13.79 -3.47 -27.58
N VAL B 306 12.94 -3.05 -26.63
CA VAL B 306 13.35 -3.01 -25.23
C VAL B 306 13.14 -4.34 -24.53
N CYS B 307 12.49 -5.31 -25.17
CA CYS B 307 12.45 -6.69 -24.72
C CYS B 307 12.92 -7.50 -25.92
N ASP B 308 14.23 -7.72 -26.03
CA ASP B 308 14.81 -8.22 -27.26
C ASP B 308 14.90 -9.74 -27.27
N ALA B 309 15.50 -10.29 -28.33
CA ALA B 309 15.53 -11.74 -28.51
C ALA B 309 16.37 -12.41 -27.43
N ASN B 310 17.47 -11.78 -27.01
CA ASN B 310 18.31 -12.38 -25.99
C ASN B 310 17.65 -12.33 -24.62
N MET B 311 16.88 -11.28 -24.34
CA MET B 311 16.04 -11.29 -23.15
C MET B 311 15.00 -12.40 -23.22
N LEU B 312 14.35 -12.55 -24.38
CA LEU B 312 13.31 -13.55 -24.53
C LEU B 312 13.86 -14.97 -24.37
N LYS B 313 15.08 -15.20 -24.83
CA LYS B 313 15.70 -16.53 -24.69
C LYS B 313 16.06 -16.82 -23.24
N ALA B 314 16.32 -15.79 -22.44
CA ALA B 314 16.77 -15.98 -21.07
C ALA B 314 15.63 -16.01 -20.06
N LEU B 315 14.42 -15.58 -20.45
CA LEU B 315 13.34 -15.49 -19.48
C LEU B 315 13.04 -16.84 -18.85
N LYS B 316 12.61 -16.78 -17.59
CA LYS B 316 12.09 -17.94 -16.89
C LYS B 316 11.02 -18.64 -17.72
N LYS B 317 11.04 -19.97 -17.70
CA LYS B 317 10.03 -20.73 -18.40
C LYS B 317 8.65 -20.30 -17.94
N ARG B 318 7.73 -20.18 -18.91
CA ARG B 318 6.32 -19.86 -18.68
C ARG B 318 6.11 -18.43 -18.19
N ALA B 319 7.09 -17.55 -18.37
CA ALA B 319 6.87 -16.13 -18.06
C ALA B 319 5.88 -15.51 -19.03
N VAL B 320 5.18 -14.49 -18.57
CA VAL B 320 4.24 -13.74 -19.39
C VAL B 320 4.96 -12.52 -19.94
N VAL B 321 4.76 -12.26 -21.23
CA VAL B 321 5.38 -11.14 -21.95
C VAL B 321 4.27 -10.27 -22.52
N CYS B 322 4.34 -8.97 -22.26
CA CYS B 322 3.32 -8.11 -22.80
C CYS B 322 3.84 -6.69 -22.94
N ASN B 323 3.12 -5.90 -23.72
CA ASN B 323 3.48 -4.53 -24.07
C ASN B 323 2.29 -3.63 -23.85
N ILE B 324 2.50 -2.52 -23.15
CA ILE B 324 1.46 -1.51 -22.98
C ILE B 324 1.85 -0.16 -23.58
N GLY B 325 3.00 -0.10 -24.29
CA GLY B 325 3.31 1.05 -25.13
C GLY B 325 2.53 1.02 -26.44
N HIS B 326 2.60 2.12 -27.19
CA HIS B 326 1.68 2.25 -28.32
C HIS B 326 1.89 1.19 -29.42
N PHE B 327 3.13 0.81 -29.71
CA PHE B 327 3.41 -0.06 -30.85
C PHE B 327 4.05 -1.36 -30.40
N ASP B 328 3.89 -2.40 -31.23
CA ASP B 328 4.33 -3.75 -30.83
C ASP B 328 5.81 -4.02 -31.03
N ASN B 329 6.56 -3.10 -31.62
CA ASN B 329 7.99 -3.36 -31.81
C ASN B 329 8.79 -3.16 -30.53
N GLU B 330 8.16 -2.85 -29.40
CA GLU B 330 8.88 -2.82 -28.14
C GLU B 330 9.41 -4.20 -27.79
N ILE B 331 8.67 -5.25 -28.14
CA ILE B 331 9.09 -6.63 -28.01
C ILE B 331 9.49 -7.15 -29.39
N ASP B 332 10.56 -7.95 -29.45
CA ASP B 332 10.99 -8.56 -30.72
C ASP B 332 10.11 -9.79 -30.99
N THR B 333 8.85 -9.51 -31.34
CA THR B 333 7.96 -10.60 -31.76
C THR B 333 8.39 -11.18 -33.09
N ALA B 334 9.04 -10.39 -33.95
CA ALA B 334 9.50 -10.90 -35.24
C ALA B 334 10.46 -12.05 -35.06
N PHE B 335 11.37 -11.94 -34.08
CA PHE B 335 12.27 -13.04 -33.76
C PHE B 335 11.47 -14.29 -33.38
N MET B 336 10.43 -14.12 -32.56
CA MET B 336 9.67 -15.28 -32.09
C MET B 336 8.88 -15.92 -33.23
N ARG B 337 8.33 -15.11 -34.12
CA ARG B 337 7.63 -15.67 -35.29
C ARG B 337 8.57 -16.49 -36.15
N LYS B 338 9.83 -16.07 -36.25
CA LYS B 338 10.77 -16.69 -37.17
C LYS B 338 11.36 -17.99 -36.60
N ASN B 339 11.41 -18.11 -35.28
CA ASN B 339 12.18 -19.17 -34.63
C ASN B 339 11.34 -20.12 -33.79
N TRP B 340 10.23 -19.69 -33.22
CA TRP B 340 9.52 -20.46 -32.22
C TRP B 340 8.10 -20.77 -32.68
N ALA B 341 7.53 -21.84 -32.13
CA ALA B 341 6.22 -22.31 -32.53
C ALA B 341 5.15 -21.63 -31.68
N TRP B 342 4.11 -21.11 -32.34
CA TRP B 342 3.04 -20.39 -31.65
C TRP B 342 1.83 -21.31 -31.47
N GLU B 343 1.33 -21.39 -30.25
CA GLU B 343 0.11 -22.12 -29.93
C GLU B 343 -0.89 -21.11 -29.39
N GLU B 344 -2.00 -20.92 -30.10
CA GLU B 344 -3.03 -20.04 -29.56
C GLU B 344 -3.76 -20.74 -28.41
N VAL B 345 -3.81 -20.07 -27.27
CA VAL B 345 -4.64 -20.54 -26.15
C VAL B 345 -6.08 -20.13 -26.39
N LYS B 346 -6.27 -18.85 -26.65
CA LYS B 346 -7.54 -18.22 -27.02
C LYS B 346 -7.18 -16.88 -27.66
N PRO B 347 -8.16 -16.15 -28.21
CA PRO B 347 -7.80 -14.93 -28.93
C PRO B 347 -6.93 -14.00 -28.08
N GLN B 348 -5.84 -13.52 -28.68
CA GLN B 348 -4.88 -12.59 -28.05
C GLN B 348 -4.10 -13.21 -26.90
N VAL B 349 -4.00 -14.54 -26.86
CA VAL B 349 -3.16 -15.24 -25.89
C VAL B 349 -2.46 -16.37 -26.62
N HIS B 350 -1.13 -16.32 -26.68
CA HIS B 350 -0.36 -17.33 -27.40
C HIS B 350 0.74 -17.86 -26.51
N LYS B 351 0.90 -19.18 -26.48
CA LYS B 351 2.11 -19.81 -25.95
C LYS B 351 3.16 -19.89 -27.05
N ILE B 352 4.37 -19.44 -26.75
CA ILE B 352 5.48 -19.44 -27.69
C ILE B 352 6.47 -20.51 -27.23
N HIS B 353 6.54 -21.62 -27.97
CA HIS B 353 7.35 -22.76 -27.56
C HIS B 353 8.77 -22.56 -28.06
N ARG B 354 9.71 -22.41 -27.12
CA ARG B 354 11.10 -22.13 -27.42
C ARG B 354 11.88 -23.39 -27.80
N THR B 355 11.18 -24.50 -28.01
CA THR B 355 11.80 -25.76 -28.38
C THR B 355 12.08 -25.88 -29.87
N GLY B 356 11.58 -24.96 -30.68
CA GLY B 356 11.81 -25.00 -32.11
C GLY B 356 10.64 -24.38 -32.85
N LYS B 357 10.78 -24.33 -34.18
CA LYS B 357 9.77 -23.71 -35.03
C LYS B 357 8.78 -24.74 -35.58
N ASP B 358 9.25 -25.95 -35.87
CA ASP B 358 8.43 -26.96 -36.56
C ASP B 358 7.61 -27.70 -35.51
N GLY B 359 6.39 -27.22 -35.27
CA GLY B 359 5.49 -27.85 -34.33
C GLY B 359 5.95 -27.71 -32.89
N PHE B 360 5.15 -28.28 -31.99
CA PHE B 360 5.43 -28.23 -30.56
C PHE B 360 4.79 -29.44 -29.88
N ASP B 361 5.26 -29.73 -28.67
CA ASP B 361 4.62 -30.70 -27.80
C ASP B 361 3.55 -29.99 -26.98
N ALA B 362 2.35 -30.57 -26.95
CA ALA B 362 1.24 -29.93 -26.23
C ALA B 362 1.51 -29.80 -24.73
N HIS B 363 2.36 -30.66 -24.19
CA HIS B 363 2.74 -30.65 -22.78
C HIS B 363 4.16 -30.13 -22.56
N ASN B 364 4.72 -29.44 -23.56
CA ASN B 364 6.01 -28.79 -23.39
C ASN B 364 5.96 -27.81 -22.23
N ASP B 365 7.03 -27.78 -21.45
CA ASP B 365 7.11 -26.86 -20.33
C ASP B 365 7.88 -25.59 -20.66
N ASP B 366 8.61 -25.57 -21.77
CA ASP B 366 9.48 -24.44 -22.10
C ASP B 366 8.78 -23.55 -23.12
N TYR B 367 7.92 -22.67 -22.61
CA TYR B 367 7.22 -21.71 -23.44
C TYR B 367 7.11 -20.40 -22.71
N LEU B 368 6.80 -19.35 -23.48
CA LEU B 368 6.38 -18.06 -22.94
C LEU B 368 4.92 -17.84 -23.30
N ILE B 369 4.26 -16.99 -22.53
CA ILE B 369 2.91 -16.55 -22.84
C ILE B 369 3.00 -15.10 -23.31
N LEU B 370 2.55 -14.87 -24.54
CA LEU B 370 2.53 -13.55 -25.16
C LEU B 370 1.08 -13.08 -25.24
N LEU B 371 0.84 -11.86 -24.79
CA LEU B 371 -0.48 -11.26 -24.79
C LEU B 371 -0.62 -10.29 -25.95
N ALA B 372 -1.78 -10.35 -26.62
CA ALA B 372 -2.16 -9.40 -27.67
C ALA B 372 -1.15 -9.37 -28.81
N GLU B 373 -0.40 -10.45 -28.99
CA GLU B 373 0.67 -10.55 -29.99
C GLU B 373 1.62 -9.35 -29.88
N GLY B 374 1.83 -8.88 -28.65
CA GLY B 374 2.71 -7.75 -28.40
C GLY B 374 2.07 -6.39 -28.63
N ARG B 375 0.79 -6.32 -28.99
CA ARG B 375 0.12 -5.04 -29.12
C ARG B 375 -0.35 -4.54 -27.76
N LEU B 376 -0.74 -3.26 -27.70
CA LEU B 376 -1.19 -2.65 -26.44
C LEU B 376 -2.07 -3.60 -25.64
N VAL B 377 -1.58 -4.08 -24.50
CA VAL B 377 -2.20 -5.23 -23.85
C VAL B 377 -3.49 -4.83 -23.14
N ASN B 378 -3.54 -3.62 -22.57
CA ASN B 378 -4.74 -3.24 -21.82
C ASN B 378 -5.95 -3.17 -22.73
N LEU B 379 -5.77 -2.63 -23.95
CA LEU B 379 -6.86 -2.63 -24.92
C LEU B 379 -7.02 -3.96 -25.64
N GLY B 380 -5.94 -4.72 -25.82
CA GLY B 380 -6.04 -5.96 -26.57
C GLY B 380 -6.68 -7.09 -25.79
N ASN B 381 -6.42 -7.16 -24.49
CA ASN B 381 -6.86 -8.26 -23.65
C ASN B 381 -7.93 -7.84 -22.65
N ALA B 382 -8.25 -6.55 -22.57
CA ALA B 382 -9.36 -6.09 -21.74
C ALA B 382 -10.04 -4.93 -22.45
N THR B 383 -10.38 -3.85 -21.76
CA THR B 383 -11.15 -2.77 -22.39
C THR B 383 -10.42 -1.42 -22.30
N GLY B 384 -9.11 -1.43 -22.12
CA GLY B 384 -8.38 -0.20 -21.93
C GLY B 384 -8.78 0.54 -20.66
N HIS B 385 -8.59 1.85 -20.68
CA HIS B 385 -8.86 2.66 -19.51
C HIS B 385 -10.36 2.75 -19.23
N PRO B 386 -10.73 2.94 -17.97
CA PRO B 386 -12.15 3.12 -17.63
C PRO B 386 -12.69 4.47 -18.06
N SER B 387 -14.00 4.51 -18.22
CA SER B 387 -14.69 5.72 -18.66
C SER B 387 -14.33 6.94 -17.83
N ARG B 388 -14.28 6.78 -16.50
CA ARG B 388 -14.10 7.97 -15.66
C ARG B 388 -12.70 8.56 -15.81
N ILE B 389 -11.72 7.76 -16.24
CA ILE B 389 -10.40 8.29 -16.57
C ILE B 389 -10.38 8.89 -17.97
N MET B 390 -10.95 8.19 -18.95
CA MET B 390 -10.95 8.71 -20.32
C MET B 390 -11.75 9.99 -20.42
N ASP B 391 -12.65 10.22 -19.46
CA ASP B 391 -13.38 11.49 -19.37
C ASP B 391 -12.44 12.68 -19.48
N GLY B 392 -11.29 12.61 -18.78
CA GLY B 392 -10.36 13.72 -18.80
C GLY B 392 -9.69 13.86 -20.17
N SER B 393 -9.16 12.75 -20.69
CA SER B 393 -8.51 12.80 -22.00
C SER B 393 -9.44 13.34 -23.07
N PHE B 394 -10.70 12.92 -23.04
CA PHE B 394 -11.61 13.17 -24.15
C PHE B 394 -12.31 14.51 -24.02
N ALA B 395 -12.51 15.02 -22.80
CA ALA B 395 -12.85 16.44 -22.65
C ALA B 395 -11.77 17.31 -23.29
N ASN B 396 -10.50 16.98 -23.04
CA ASN B 396 -9.41 17.71 -23.70
C ASN B 396 -9.49 17.60 -25.22
N GLN B 397 -9.82 16.42 -25.75
CA GLN B 397 -9.94 16.27 -27.19
C GLN B 397 -11.01 17.18 -27.76
N VAL B 398 -12.19 17.22 -27.12
CA VAL B 398 -13.27 18.07 -27.59
C VAL B 398 -12.85 19.53 -27.61
N LEU B 399 -12.28 19.99 -26.50
CA LEU B 399 -11.82 21.38 -26.42
C LEU B 399 -10.73 21.68 -27.45
N ALA B 400 -9.83 20.74 -27.69
CA ALA B 400 -8.78 20.94 -28.69
C ALA B 400 -9.37 21.02 -30.10
N GLN B 401 -10.35 20.16 -30.40
CA GLN B 401 -11.02 20.24 -31.69
C GLN B 401 -11.70 21.59 -31.88
N ILE B 402 -12.40 22.07 -30.84
CA ILE B 402 -13.06 23.37 -30.93
C ILE B 402 -12.04 24.46 -31.20
N HIS B 403 -10.93 24.46 -30.45
CA HIS B 403 -9.96 25.53 -30.56
C HIS B 403 -9.37 25.62 -31.98
N LEU B 404 -8.88 24.49 -32.51
CA LEU B 404 -8.26 24.52 -33.83
C LEU B 404 -9.29 24.77 -34.93
N PHE B 405 -10.47 24.17 -34.84
CA PHE B 405 -11.49 24.44 -35.85
C PHE B 405 -11.86 25.92 -35.87
N GLU B 406 -11.93 26.55 -34.69
CA GLU B 406 -12.27 27.97 -34.69
C GLU B 406 -11.14 28.85 -35.20
N GLN B 407 -9.87 28.39 -35.13
CA GLN B 407 -8.76 29.19 -35.65
CA GLN B 407 -8.80 29.22 -35.65
C GLN B 407 -8.75 29.22 -37.18
N LYS B 408 -9.28 28.19 -37.82
CA LYS B 408 -9.44 28.15 -39.28
C LYS B 408 -8.10 28.31 -40.03
N TYR B 409 -7.08 27.60 -39.57
CA TYR B 409 -5.75 27.70 -40.18
C TYR B 409 -5.78 27.56 -41.71
N ALA B 410 -6.57 26.61 -42.22
CA ALA B 410 -6.56 26.37 -43.66
C ALA B 410 -6.99 27.59 -44.47
N ASP B 411 -7.75 28.52 -43.87
CA ASP B 411 -8.19 29.72 -44.57
C ASP B 411 -7.24 30.90 -44.44
N LEU B 412 -6.19 30.77 -43.65
CA LEU B 412 -5.27 31.88 -43.44
C LEU B 412 -4.39 32.11 -44.67
N PRO B 413 -3.92 33.35 -44.88
CA PRO B 413 -2.91 33.59 -45.91
C PRO B 413 -1.61 32.87 -45.58
N ALA B 414 -0.77 32.70 -46.60
CA ALA B 414 0.46 31.92 -46.45
C ALA B 414 1.34 32.50 -45.35
N ALA B 415 1.47 33.83 -45.28
CA ALA B 415 2.33 34.43 -44.25
C ALA B 415 1.78 34.16 -42.85
N GLU B 416 0.46 34.10 -42.70
CA GLU B 416 -0.11 33.87 -41.38
C GLU B 416 -0.04 32.40 -40.99
N LYS B 417 -0.13 31.50 -41.96
CA LYS B 417 0.09 30.09 -41.69
C LYS B 417 1.46 29.87 -41.08
N ALA B 418 2.49 30.49 -41.67
CA ALA B 418 3.85 30.33 -41.17
C ALA B 418 3.94 30.68 -39.69
N LYS B 419 3.20 31.70 -39.25
CA LYS B 419 3.23 32.14 -37.86
C LYS B 419 2.42 31.26 -36.93
N ARG B 420 1.58 30.37 -37.46
CA ARG B 420 0.70 29.55 -36.65
C ARG B 420 1.02 28.05 -36.73
N LEU B 421 2.02 27.68 -37.53
CA LEU B 421 2.35 26.27 -37.74
C LEU B 421 3.16 25.79 -36.53
N SER B 422 2.50 25.09 -35.62
CA SER B 422 3.13 24.76 -34.35
C SER B 422 2.42 23.57 -33.73
N VAL B 423 3.05 23.01 -32.70
CA VAL B 423 2.47 21.97 -31.85
C VAL B 423 2.35 22.58 -30.46
N GLU B 424 1.12 22.79 -30.00
CA GLU B 424 0.87 23.48 -28.73
C GLU B 424 0.03 22.60 -27.81
N VAL B 425 0.00 22.98 -26.54
CA VAL B 425 -0.85 22.35 -25.57
C VAL B 425 -2.00 23.30 -25.23
N LEU B 426 -3.04 22.77 -24.60
CA LEU B 426 -4.14 23.61 -24.15
C LEU B 426 -3.70 24.46 -22.96
N PRO B 427 -4.29 25.64 -22.79
CA PRO B 427 -3.93 26.50 -21.65
C PRO B 427 -4.28 25.87 -20.32
N LYS B 428 -3.59 26.32 -19.27
CA LYS B 428 -3.74 25.71 -17.96
C LYS B 428 -5.15 25.88 -17.38
N LYS B 429 -5.81 27.01 -17.69
CA LYS B 429 -7.16 27.25 -17.16
C LYS B 429 -8.15 26.17 -17.61
N LEU B 430 -8.08 25.77 -18.89
CA LEU B 430 -8.88 24.65 -19.39
C LEU B 430 -8.54 23.35 -18.68
N ASP B 431 -7.25 23.08 -18.52
CA ASP B 431 -6.80 21.88 -17.80
C ASP B 431 -7.41 21.84 -16.40
N GLU B 432 -7.41 22.98 -15.71
CA GLU B 432 -7.99 23.04 -14.37
C GLU B 432 -9.49 22.84 -14.40
N GLU B 433 -10.19 23.41 -15.39
CA GLU B 433 -11.64 23.28 -15.42
C GLU B 433 -12.07 21.85 -15.71
N VAL B 434 -11.32 21.15 -16.58
CA VAL B 434 -11.52 19.72 -16.75
C VAL B 434 -11.35 18.99 -15.42
N ALA B 435 -10.24 19.26 -14.73
CA ALA B 435 -9.96 18.58 -13.46
C ALA B 435 -11.08 18.83 -12.45
N LEU B 436 -11.65 20.03 -12.44
CA LEU B 436 -12.72 20.34 -11.49
C LEU B 436 -13.93 19.46 -11.72
N GLU B 437 -14.32 19.26 -12.98
CA GLU B 437 -15.46 18.39 -13.27
C GLU B 437 -15.14 16.94 -12.90
N MET B 438 -13.89 16.51 -13.08
CA MET B 438 -13.53 15.16 -12.64
C MET B 438 -13.67 15.03 -11.14
N VAL B 439 -13.18 16.03 -10.40
CA VAL B 439 -13.22 16.00 -8.93
C VAL B 439 -14.66 15.98 -8.46
N LYS B 440 -15.51 16.83 -9.03
CA LYS B 440 -16.92 16.83 -8.63
C LYS B 440 -17.58 15.49 -8.93
N GLY B 441 -17.10 14.78 -9.96
CA GLY B 441 -17.65 13.46 -10.24
C GLY B 441 -17.36 12.45 -9.14
N PHE B 442 -16.25 12.61 -8.42
CA PHE B 442 -15.96 11.82 -7.23
C PHE B 442 -16.69 12.31 -6.00
N GLY B 443 -17.40 13.44 -6.09
CA GLY B 443 -17.99 14.06 -4.93
C GLY B 443 -17.04 14.91 -4.12
N GLY B 444 -15.83 15.13 -4.61
CA GLY B 444 -14.89 16.00 -3.92
C GLY B 444 -15.33 17.45 -3.94
N VAL B 445 -14.90 18.18 -2.92
CA VAL B 445 -15.25 19.57 -2.71
C VAL B 445 -13.96 20.37 -2.68
N VAL B 446 -13.76 21.18 -3.71
CA VAL B 446 -12.60 22.07 -3.79
C VAL B 446 -12.87 23.30 -2.94
N THR B 447 -11.86 23.74 -2.19
CA THR B 447 -11.96 24.95 -1.39
C THR B 447 -11.71 26.17 -2.27
N GLN B 448 -12.42 27.27 -1.98
CA GLN B 448 -12.21 28.54 -2.66
C GLN B 448 -11.31 29.44 -1.81
N LEU B 449 -10.25 29.97 -2.43
CA LEU B 449 -9.37 30.92 -1.78
C LEU B 449 -10.12 32.18 -1.35
N THR B 450 -9.75 32.72 -0.18
CA THR B 450 -10.20 34.06 0.16
C THR B 450 -9.40 35.08 -0.66
N PRO B 451 -9.89 36.32 -0.80
CA PRO B 451 -9.09 37.35 -1.49
C PRO B 451 -7.73 37.56 -0.86
N LYS B 452 -7.66 37.56 0.47
CA LYS B 452 -6.36 37.68 1.15
C LYS B 452 -5.44 36.52 0.82
N GLN B 453 -6.00 35.30 0.71
CA GLN B 453 -5.16 34.14 0.41
C GLN B 453 -4.69 34.16 -1.02
N ALA B 454 -5.57 34.54 -1.95
CA ALA B 454 -5.16 34.67 -3.35
C ALA B 454 -4.06 35.72 -3.50
N GLU B 455 -4.21 36.85 -2.80
CA GLU B 455 -3.17 37.87 -2.84
C GLU B 455 -1.87 37.34 -2.22
N TYR B 456 -2.00 36.54 -1.16
CA TYR B 456 -0.80 36.10 -0.44
C TYR B 456 0.08 35.19 -1.29
N ILE B 457 -0.52 34.33 -2.11
CA ILE B 457 0.25 33.43 -2.98
C ILE B 457 0.30 33.93 -4.42
N GLY B 458 -0.32 35.07 -4.70
CA GLY B 458 -0.20 35.71 -6.01
C GLY B 458 -0.94 35.02 -7.13
N VAL B 459 -2.16 34.56 -6.88
CA VAL B 459 -3.00 33.94 -7.90
C VAL B 459 -4.36 34.62 -7.88
N SER B 460 -5.09 34.45 -8.98
CA SER B 460 -6.50 34.82 -9.00
C SER B 460 -7.33 33.76 -8.28
N VAL B 461 -8.42 34.19 -7.65
CA VAL B 461 -9.31 33.26 -6.95
C VAL B 461 -9.79 32.15 -7.89
N GLU B 462 -9.99 32.45 -9.16
CA GLU B 462 -10.49 31.47 -10.12
C GLU B 462 -9.38 30.68 -10.81
N GLY B 463 -8.12 30.99 -10.53
CA GLY B 463 -7.02 30.32 -11.20
C GLY B 463 -6.61 31.04 -12.47
N PRO B 464 -5.58 30.55 -13.16
CA PRO B 464 -4.82 29.33 -12.82
C PRO B 464 -4.06 29.43 -11.49
N PHE B 465 -3.85 28.28 -10.85
CA PHE B 465 -3.26 28.27 -9.52
C PHE B 465 -1.77 27.98 -9.52
N LYS B 466 -1.19 27.65 -10.67
CA LYS B 466 0.21 27.25 -10.75
C LYS B 466 0.84 27.93 -11.95
N PRO B 467 2.15 28.19 -11.91
CA PRO B 467 2.85 28.65 -13.11
C PRO B 467 2.94 27.52 -14.13
N ASP B 468 3.15 27.90 -15.39
CA ASP B 468 3.19 26.89 -16.45
C ASP B 468 4.33 25.90 -16.27
N THR B 469 5.37 26.25 -15.53
CA THR B 469 6.46 25.32 -15.27
C THR B 469 6.14 24.27 -14.20
N TYR B 470 4.99 24.36 -13.53
CA TYR B 470 4.71 23.45 -12.43
C TYR B 470 4.50 22.02 -12.93
N ARG B 471 5.06 21.05 -12.20
CA ARG B 471 5.09 19.66 -12.66
C ARG B 471 4.06 18.75 -12.01
N TYR B 472 3.40 19.19 -10.93
CA TYR B 472 2.45 18.36 -10.19
C TYR B 472 3.08 17.03 -9.81
N PHE C 13 39.61 29.98 18.23
CA PHE C 13 38.43 30.27 17.44
C PHE C 13 37.21 30.49 18.32
N THR C 14 36.61 31.68 18.21
CA THR C 14 35.46 32.04 19.04
C THR C 14 34.34 32.69 18.21
N ASP C 15 34.44 32.64 16.88
CA ASP C 15 33.51 33.34 15.99
C ASP C 15 32.35 32.41 15.65
N TYR C 16 31.50 32.19 16.65
CA TYR C 16 30.37 31.28 16.54
C TYR C 16 29.51 31.42 17.79
N LYS C 17 28.28 30.90 17.72
CA LYS C 17 27.50 30.74 18.93
C LYS C 17 26.58 29.54 18.77
N VAL C 18 26.77 28.52 19.59
CA VAL C 18 26.00 27.30 19.54
C VAL C 18 25.52 26.96 20.95
N ALA C 19 24.69 25.92 21.04
CA ALA C 19 24.10 25.57 22.33
C ALA C 19 25.10 24.89 23.25
N ASP C 20 25.97 24.02 22.70
CA ASP C 20 26.92 23.29 23.54
C ASP C 20 28.03 22.74 22.63
N ILE C 21 29.19 23.39 22.67
CA ILE C 21 30.32 22.98 21.84
C ILE C 21 30.79 21.57 22.14
N THR C 22 30.55 21.05 23.35
CA THR C 22 31.01 19.71 23.69
C THR C 22 30.26 18.62 22.92
N LEU C 23 29.14 18.95 22.28
CA LEU C 23 28.47 17.98 21.42
C LEU C 23 29.20 17.72 20.12
N ALA C 24 30.37 18.35 19.90
CA ALA C 24 31.00 18.35 18.60
C ALA C 24 31.39 16.95 18.17
N ALA C 25 31.98 16.17 19.08
CA ALA C 25 32.38 14.81 18.74
C ALA C 25 31.19 13.98 18.30
N TRP C 26 30.07 14.10 19.00
CA TRP C 26 28.84 13.42 18.58
C TRP C 26 28.42 13.90 17.19
N GLY C 27 28.42 15.22 16.97
CA GLY C 27 28.08 15.72 15.66
C GLY C 27 28.98 15.17 14.57
N ARG C 28 30.28 15.03 14.86
CA ARG C 28 31.21 14.54 13.85
C ARG C 28 30.96 13.07 13.52
N ARG C 29 30.61 12.26 14.53
CA ARG C 29 30.24 10.88 14.25
C ARG C 29 29.05 10.83 13.30
N GLU C 30 28.02 11.65 13.54
CA GLU C 30 26.86 11.60 12.65
C GLU C 30 27.15 12.21 11.28
N LEU C 31 28.13 13.12 11.19
CA LEU C 31 28.48 13.64 9.87
C LEU C 31 29.21 12.58 9.06
N ILE C 32 30.06 11.80 9.70
CA ILE C 32 30.78 10.74 9.00
C ILE C 32 29.80 9.71 8.46
N ILE C 33 28.77 9.36 9.25
CA ILE C 33 27.71 8.49 8.76
C ILE C 33 26.96 9.14 7.61
N ALA C 34 26.62 10.42 7.77
CA ALA C 34 25.82 11.11 6.77
C ALA C 34 26.53 11.14 5.41
N GLU C 35 27.85 11.32 5.43
CA GLU C 35 28.60 11.35 4.17
C GLU C 35 28.40 10.05 3.39
N SER C 36 28.31 8.93 4.10
CA SER C 36 28.05 7.64 3.45
C SER C 36 26.65 7.56 2.87
N GLU C 37 25.73 8.42 3.30
CA GLU C 37 24.36 8.43 2.83
C GLU C 37 24.12 9.47 1.75
N MET C 38 25.15 10.20 1.34
CA MET C 38 24.99 11.34 0.44
C MET C 38 25.98 11.20 -0.70
N PRO C 39 25.77 10.23 -1.60
CA PRO C 39 26.73 9.99 -2.68
C PRO C 39 26.81 11.10 -3.72
N ALA C 40 25.71 11.79 -4.03
CA ALA C 40 25.82 12.87 -5.01
C ALA C 40 26.68 14.00 -4.46
N LEU C 41 26.46 14.36 -3.20
CA LEU C 41 27.24 15.44 -2.58
C LEU C 41 28.70 15.05 -2.44
N MET C 42 28.96 13.82 -1.97
N MET C 42 28.98 13.82 -1.98
CA MET C 42 30.34 13.34 -1.86
CA MET C 42 30.37 13.43 -1.85
C MET C 42 31.02 13.29 -3.22
C MET C 42 31.05 13.26 -3.21
N GLY C 43 30.30 12.83 -4.24
CA GLY C 43 30.87 12.78 -5.58
C GLY C 43 31.32 14.15 -6.07
N LEU C 44 30.57 15.20 -5.69
CA LEU C 44 30.96 16.56 -6.06
C LEU C 44 32.26 16.95 -5.36
N ARG C 45 32.43 16.56 -4.09
CA ARG C 45 33.68 16.78 -3.40
C ARG C 45 34.85 16.17 -4.14
N ARG C 46 34.73 14.90 -4.54
CA ARG C 46 35.86 14.24 -5.17
C ARG C 46 36.15 14.83 -6.55
N LYS C 47 35.12 15.21 -7.29
CA LYS C 47 35.30 15.60 -8.68
C LYS C 47 35.73 17.06 -8.82
N TYR C 48 35.35 17.94 -7.88
CA TYR C 48 35.70 19.34 -7.98
C TYR C 48 36.81 19.78 -7.03
N ALA C 49 37.24 18.89 -6.13
CA ALA C 49 38.31 19.24 -5.18
C ALA C 49 39.56 19.71 -5.91
N GLY C 50 39.89 19.06 -7.02
CA GLY C 50 41.04 19.50 -7.80
C GLY C 50 40.87 20.92 -8.31
N GLN C 51 39.73 21.22 -8.93
CA GLN C 51 39.53 22.54 -9.53
C GLN C 51 39.46 23.63 -8.47
N GLN C 52 38.91 23.34 -7.29
CA GLN C 52 38.56 24.35 -6.30
C GLN C 52 37.71 25.45 -6.94
N PRO C 53 36.53 25.11 -7.47
CA PRO C 53 35.73 26.13 -8.18
C PRO C 53 35.26 27.27 -7.30
N LEU C 54 35.22 27.09 -5.98
CA LEU C 54 34.70 28.09 -5.05
C LEU C 54 35.80 28.83 -4.32
N LYS C 55 37.06 28.67 -4.73
CA LYS C 55 38.14 29.44 -4.14
C LYS C 55 37.90 30.93 -4.33
N GLY C 56 37.91 31.68 -3.23
CA GLY C 56 37.57 33.08 -3.26
C GLY C 56 36.10 33.37 -2.99
N ALA C 57 35.25 32.35 -2.97
CA ALA C 57 33.85 32.56 -2.61
C ALA C 57 33.73 32.80 -1.11
N LYS C 58 32.79 33.66 -0.74
CA LYS C 58 32.52 34.01 0.65
C LYS C 58 31.00 33.95 0.78
N ILE C 59 30.49 32.80 1.22
CA ILE C 59 29.06 32.50 1.18
C ILE C 59 28.42 32.84 2.50
N LEU C 60 27.37 33.64 2.46
CA LEU C 60 26.43 33.78 3.57
C LEU C 60 25.37 32.70 3.39
N GLY C 61 25.25 31.81 4.37
CA GLY C 61 24.32 30.70 4.30
C GLY C 61 23.29 30.77 5.41
N CYS C 62 22.02 30.53 5.05
CA CYS C 62 20.93 30.55 6.01
C CYS C 62 20.00 29.38 5.69
N ILE C 63 20.22 28.25 6.35
CA ILE C 63 19.39 27.09 6.16
C ILE C 63 19.54 26.20 7.39
N HIS C 64 18.43 25.58 7.80
CA HIS C 64 18.33 24.64 8.91
C HIS C 64 19.66 23.98 9.24
N MET C 65 20.21 24.28 10.43
CA MET C 65 21.54 23.80 10.79
C MET C 65 21.47 22.35 11.28
N THR C 66 21.21 21.46 10.32
CA THR C 66 21.12 20.03 10.55
C THR C 66 22.44 19.34 10.23
N ILE C 67 22.49 18.04 10.52
CA ILE C 67 23.61 17.21 10.08
C ILE C 67 23.74 17.26 8.57
N GLN C 68 22.61 17.27 7.86
CA GLN C 68 22.66 17.30 6.40
C GLN C 68 23.27 18.59 5.89
N THR C 69 22.88 19.71 6.49
CA THR C 69 23.46 21.00 6.15
C THR C 69 24.93 21.06 6.50
N GLY C 70 25.35 20.32 7.52
CA GLY C 70 26.77 20.25 7.82
C GLY C 70 27.57 19.65 6.68
N VAL C 71 27.02 18.64 6.01
CA VAL C 71 27.75 18.02 4.91
C VAL C 71 27.78 18.96 3.72
N LEU C 72 26.69 19.70 3.49
CA LEU C 72 26.69 20.76 2.47
C LEU C 72 27.75 21.82 2.78
N ILE C 73 27.79 22.27 4.04
CA ILE C 73 28.76 23.30 4.42
C ILE C 73 30.19 22.81 4.17
N GLU C 74 30.49 21.58 4.59
CA GLU C 74 31.84 21.10 4.44
C GLU C 74 32.17 20.77 2.99
N THR C 75 31.16 20.53 2.16
CA THR C 75 31.40 20.39 0.74
C THR C 75 31.82 21.71 0.13
N LEU C 76 31.03 22.77 0.35
CA LEU C 76 31.40 24.11 -0.13
C LEU C 76 32.78 24.51 0.35
N VAL C 77 33.10 24.21 1.62
CA VAL C 77 34.43 24.53 2.14
C VAL C 77 35.48 23.67 1.45
N ALA C 78 35.19 22.38 1.24
CA ALA C 78 36.14 21.52 0.56
C ALA C 78 36.50 22.04 -0.83
N LEU C 79 35.56 22.72 -1.49
CA LEU C 79 35.77 23.22 -2.85
C LEU C 79 36.34 24.63 -2.88
N GLY C 80 36.69 25.19 -1.72
CA GLY C 80 37.42 26.45 -1.66
C GLY C 80 36.69 27.60 -0.99
N ALA C 81 35.41 27.46 -0.65
CA ALA C 81 34.66 28.60 -0.13
C ALA C 81 34.96 28.87 1.34
N GLU C 82 34.77 30.13 1.74
CA GLU C 82 34.52 30.51 3.13
C GLU C 82 33.03 30.73 3.31
N VAL C 83 32.52 30.47 4.52
CA VAL C 83 31.11 30.65 4.81
C VAL C 83 30.93 31.28 6.19
N ARG C 84 29.73 31.85 6.39
CA ARG C 84 29.22 32.24 7.70
C ARG C 84 27.76 31.83 7.72
N TRP C 85 27.35 31.05 8.71
CA TRP C 85 26.13 30.26 8.62
C TRP C 85 25.16 30.53 9.76
N SER C 86 23.86 30.47 9.43
CA SER C 86 22.80 30.51 10.43
C SER C 86 21.69 29.56 9.99
N SER C 87 20.79 29.25 10.92
CA SER C 87 19.62 28.44 10.61
C SER C 87 18.50 29.34 10.10
N CYS C 88 17.62 28.77 9.29
CA CYS C 88 16.46 29.49 8.79
C CYS C 88 15.18 29.16 9.56
N ASN C 89 15.31 28.54 10.74
CA ASN C 89 14.15 28.31 11.59
C ASN C 89 14.62 28.16 13.03
N ILE C 90 13.81 28.66 13.96
CA ILE C 90 14.21 28.71 15.36
C ILE C 90 14.28 27.33 16.00
N PHE C 91 13.62 26.32 15.42
CA PHE C 91 13.55 24.98 16.01
C PHE C 91 14.23 23.91 15.18
N SER C 92 14.80 24.25 14.02
CA SER C 92 15.28 23.22 13.12
C SER C 92 16.72 22.80 13.37
N THR C 93 17.48 23.57 14.13
CA THR C 93 18.89 23.25 14.35
C THR C 93 19.04 21.94 15.12
N GLN C 94 19.99 21.12 14.70
CA GLN C 94 20.49 20.00 15.49
C GLN C 94 21.76 20.45 16.19
N ASP C 95 21.71 20.51 17.53
CA ASP C 95 22.80 21.16 18.26
C ASP C 95 24.12 20.44 18.08
N GLN C 96 24.11 19.13 17.86
CA GLN C 96 25.38 18.43 17.65
C GLN C 96 25.97 18.75 16.27
N ALA C 97 25.12 19.07 15.29
CA ALA C 97 25.62 19.50 13.98
C ALA C 97 26.26 20.89 14.06
N ALA C 98 25.58 21.83 14.72
CA ALA C 98 26.13 23.18 14.87
C ALA C 98 27.46 23.14 15.60
N ALA C 99 27.55 22.35 16.67
CA ALA C 99 28.79 22.20 17.43
C ALA C 99 29.92 21.67 16.55
N ALA C 100 29.66 20.59 15.80
CA ALA C 100 30.69 20.03 14.94
C ALA C 100 31.19 21.06 13.93
N ILE C 101 30.28 21.85 13.36
CA ILE C 101 30.69 22.86 12.38
C ILE C 101 31.51 23.96 13.07
N ALA C 102 31.06 24.41 14.24
CA ALA C 102 31.83 25.42 14.98
C ALA C 102 33.19 24.87 15.37
N ALA C 103 33.24 23.60 15.80
CA ALA C 103 34.51 23.02 16.21
C ALA C 103 35.49 22.86 15.05
N ALA C 104 35.01 22.81 13.82
CA ALA C 104 35.91 22.77 12.67
C ALA C 104 36.39 24.15 12.25
N GLY C 105 36.12 25.18 13.05
CA GLY C 105 36.58 26.52 12.75
C GLY C 105 35.70 27.27 11.76
N ILE C 106 34.46 26.85 11.58
CA ILE C 106 33.56 27.47 10.63
C ILE C 106 32.56 28.34 11.40
N PRO C 107 32.45 29.63 11.09
CA PRO C 107 31.52 30.49 11.84
C PRO C 107 30.08 30.05 11.61
N VAL C 108 29.39 29.76 12.71
CA VAL C 108 27.99 29.35 12.66
C VAL C 108 27.30 29.89 13.91
N PHE C 109 26.06 30.35 13.75
CA PHE C 109 25.29 30.94 14.84
C PHE C 109 23.90 30.32 14.78
N ALA C 110 23.67 29.33 15.65
CA ALA C 110 22.49 28.47 15.51
C ALA C 110 22.33 27.50 16.68
N TRP C 111 21.14 27.49 17.27
CA TRP C 111 20.79 26.46 18.24
C TRP C 111 19.29 26.19 18.17
N LYS C 112 18.89 25.04 18.72
CA LYS C 112 17.49 24.65 18.70
C LYS C 112 16.75 25.39 19.80
N GLY C 113 15.62 25.99 19.46
CA GLY C 113 14.86 26.71 20.46
C GLY C 113 15.32 28.14 20.62
N GLU C 114 15.67 28.79 19.50
CA GLU C 114 15.92 30.22 19.50
C GLU C 114 14.62 31.00 19.73
N THR C 115 14.74 32.19 20.30
CA THR C 115 13.65 33.15 20.24
C THR C 115 13.67 33.85 18.87
N GLU C 116 12.58 34.54 18.57
CA GLU C 116 12.53 35.34 17.33
C GLU C 116 13.67 36.34 17.29
N GLU C 117 13.96 36.98 18.42
CA GLU C 117 15.02 37.99 18.45
C GLU C 117 16.38 37.34 18.27
N GLU C 118 16.58 36.16 18.86
CA GLU C 118 17.85 35.46 18.71
C GLU C 118 18.04 34.96 17.29
N TYR C 119 16.95 34.58 16.63
CA TYR C 119 16.99 34.18 15.24
C TYR C 119 17.51 35.32 14.35
N GLU C 120 16.95 36.52 14.53
CA GLU C 120 17.41 37.68 13.78
C GLU C 120 18.87 37.99 14.12
N TRP C 121 19.23 37.90 15.40
CA TRP C 121 20.60 38.18 15.81
C TRP C 121 21.58 37.22 15.14
N CYS C 122 21.21 35.93 15.03
CA CYS C 122 22.09 34.94 14.43
C CYS C 122 22.41 35.28 12.98
N ILE C 123 21.39 35.66 12.20
CA ILE C 123 21.62 36.07 10.82
C ILE C 123 22.53 37.29 10.78
N GLU C 124 22.30 38.24 11.67
CA GLU C 124 23.13 39.44 11.73
CA GLU C 124 23.14 39.45 11.70
C GLU C 124 24.59 39.09 12.00
N GLN C 125 24.83 38.01 12.74
CA GLN C 125 26.20 37.60 13.04
C GLN C 125 26.92 37.03 11.83
N THR C 126 26.19 36.45 10.88
CA THR C 126 26.84 36.03 9.64
C THR C 126 27.14 37.25 8.76
N ILE C 127 26.20 38.20 8.73
CA ILE C 127 26.35 39.38 7.89
C ILE C 127 27.52 40.24 8.34
N LEU C 128 27.69 40.37 9.65
CA LEU C 128 28.73 41.21 10.24
C LEU C 128 29.90 40.36 10.72
N LYS C 129 31.11 40.85 10.48
CA LYS C 129 32.31 40.25 11.05
C LYS C 129 33.11 41.38 11.71
N ASP C 130 33.33 41.26 13.02
CA ASP C 130 34.01 42.28 13.81
C ASP C 130 33.32 43.65 13.64
N GLY C 131 32.01 43.66 13.89
CA GLY C 131 31.22 44.87 13.86
C GLY C 131 31.08 45.51 12.49
N GLN C 132 31.64 44.91 11.45
CA GLN C 132 31.58 45.47 10.11
C GLN C 132 30.96 44.46 9.15
N PRO C 133 30.34 44.93 8.07
CA PRO C 133 29.86 44.01 7.05
C PRO C 133 30.98 43.12 6.53
N TRP C 134 30.76 41.81 6.61
CA TRP C 134 31.67 40.86 5.99
C TRP C 134 31.69 41.08 4.47
N ASP C 135 32.84 40.83 3.85
CA ASP C 135 32.96 40.96 2.40
C ASP C 135 32.41 39.73 1.70
N ALA C 136 31.14 39.46 1.97
CA ALA C 136 30.44 38.35 1.32
C ALA C 136 30.29 38.61 -0.17
N ASN C 137 30.25 37.52 -0.95
CA ASN C 137 30.00 37.65 -2.39
C ASN C 137 29.06 36.57 -2.93
N MET C 138 28.51 35.71 -2.07
CA MET C 138 27.53 34.70 -2.48
C MET C 138 26.51 34.53 -1.36
N VAL C 139 25.29 34.16 -1.73
CA VAL C 139 24.21 33.94 -0.77
C VAL C 139 23.59 32.57 -1.03
N LEU C 140 23.44 31.77 0.03
CA LEU C 140 22.69 30.54 0.00
C LEU C 140 21.56 30.67 1.02
N ASP C 141 20.32 30.57 0.56
CA ASP C 141 19.16 30.92 1.36
C ASP C 141 18.11 29.81 1.31
N ASP C 142 17.27 29.76 2.35
CA ASP C 142 16.19 28.78 2.44
C ASP C 142 14.97 29.50 3.05
N GLY C 143 14.12 30.04 2.19
CA GLY C 143 12.94 30.73 2.62
C GLY C 143 12.98 32.23 2.43
N GLY C 144 14.16 32.80 2.15
CA GLY C 144 14.26 34.18 1.74
C GLY C 144 14.49 35.20 2.84
N ASP C 145 14.56 34.78 4.11
CA ASP C 145 14.75 35.74 5.19
C ASP C 145 16.08 36.49 5.04
N LEU C 146 17.17 35.75 4.80
CA LEU C 146 18.46 36.38 4.61
C LEU C 146 18.46 37.30 3.39
N THR C 147 17.86 36.83 2.29
CA THR C 147 17.71 37.65 1.09
C THR C 147 16.98 38.94 1.41
N GLU C 148 15.88 38.83 2.16
CA GLU C 148 15.08 40.00 2.51
C GLU C 148 15.89 40.98 3.36
N ILE C 149 16.65 40.48 4.33
CA ILE C 149 17.41 41.36 5.22
C ILE C 149 18.49 42.10 4.43
N LEU C 150 19.20 41.40 3.55
CA LEU C 150 20.22 42.06 2.74
C LEU C 150 19.62 43.16 1.88
N HIS C 151 18.47 42.90 1.25
CA HIS C 151 17.87 43.91 0.38
C HIS C 151 17.36 45.10 1.18
N LYS C 152 16.72 44.86 2.32
CA LYS C 152 16.13 45.96 3.07
C LYS C 152 17.18 46.70 3.91
N LYS C 153 17.98 45.97 4.69
CA LYS C 153 18.84 46.59 5.68
C LYS C 153 20.28 46.80 5.21
N TYR C 154 20.83 45.92 4.38
CA TYR C 154 22.21 46.04 3.93
C TYR C 154 22.31 46.06 2.40
N PRO C 155 21.62 46.99 1.74
CA PRO C 155 21.59 46.95 0.26
C PRO C 155 22.95 47.18 -0.38
N GLN C 156 23.86 47.92 0.27
CA GLN C 156 25.19 48.12 -0.33
C GLN C 156 25.99 46.83 -0.38
N MET C 157 25.73 45.89 0.53
CA MET C 157 26.43 44.61 0.46
C MET C 157 26.09 43.86 -0.82
N LEU C 158 24.86 44.01 -1.32
CA LEU C 158 24.45 43.32 -2.53
C LEU C 158 25.22 43.76 -3.76
N GLU C 159 25.96 44.86 -3.68
CA GLU C 159 26.75 45.31 -4.81
C GLU C 159 27.97 44.42 -5.06
N ARG C 160 28.38 43.63 -4.07
CA ARG C 160 29.53 42.74 -4.21
C ARG C 160 29.14 41.27 -4.38
N ILE C 161 27.86 40.94 -4.33
CA ILE C 161 27.39 39.56 -4.31
C ILE C 161 27.03 39.13 -5.72
N HIS C 162 27.55 37.97 -6.13
CA HIS C 162 27.36 37.54 -7.51
C HIS C 162 26.03 36.84 -7.73
N GLY C 163 25.46 36.21 -6.69
CA GLY C 163 24.22 35.49 -6.87
C GLY C 163 23.65 34.95 -5.58
N ILE C 164 22.39 34.54 -5.67
CA ILE C 164 21.64 33.91 -4.59
C ILE C 164 21.22 32.53 -5.09
N THR C 165 21.37 31.50 -4.24
CA THR C 165 20.81 30.20 -4.55
C THR C 165 19.78 29.87 -3.48
N GLU C 166 18.52 29.74 -3.89
CA GLU C 166 17.40 29.61 -2.98
C GLU C 166 16.85 28.18 -2.99
N GLU C 167 16.55 27.68 -1.79
CA GLU C 167 16.30 26.27 -1.58
C GLU C 167 14.83 25.87 -1.79
N THR C 168 13.89 26.71 -1.38
CA THR C 168 12.55 26.20 -1.14
C THR C 168 11.49 27.02 -1.88
N THR C 169 10.32 26.40 -1.98
CA THR C 169 9.21 26.93 -2.78
C THR C 169 8.85 28.35 -2.33
N THR C 170 8.60 28.54 -1.03
CA THR C 170 8.26 29.86 -0.50
C THR C 170 9.33 30.90 -0.85
N GLY C 171 10.61 30.55 -0.68
CA GLY C 171 11.67 31.50 -0.99
C GLY C 171 11.73 31.86 -2.47
N VAL C 172 11.45 30.89 -3.33
CA VAL C 172 11.44 31.18 -4.77
C VAL C 172 10.30 32.13 -5.11
N HIS C 173 9.12 31.89 -4.52
CA HIS C 173 8.01 32.82 -4.69
C HIS C 173 8.44 34.25 -4.31
N ARG C 174 9.15 34.39 -3.19
CA ARG C 174 9.59 35.73 -2.79
C ARG C 174 10.58 36.31 -3.79
N LEU C 175 11.46 35.47 -4.35
CA LEU C 175 12.41 35.93 -5.37
C LEU C 175 11.69 36.45 -6.60
N LEU C 176 10.63 35.75 -7.03
CA LEU C 176 9.93 36.16 -8.26
C LEU C 176 9.17 37.46 -8.05
N ASP C 177 8.57 37.64 -6.86
CA ASP C 177 7.85 38.89 -6.58
CA ASP C 177 7.85 38.89 -6.61
C ASP C 177 8.80 40.09 -6.65
N MET C 178 10.01 39.92 -6.13
CA MET C 178 10.99 41.00 -6.23
C MET C 178 11.42 41.23 -7.68
N LEU C 179 11.57 40.14 -8.45
CA LEU C 179 11.91 40.30 -9.85
C LEU C 179 10.82 41.06 -10.60
N LYS C 180 9.57 40.65 -10.41
CA LYS C 180 8.44 41.36 -11.02
C LYS C 180 8.43 42.83 -10.62
N ASN C 181 8.80 43.14 -9.38
CA ASN C 181 8.77 44.50 -8.86
C ASN C 181 10.05 45.28 -9.16
N GLY C 182 11.03 44.67 -9.80
CA GLY C 182 12.27 45.37 -10.09
C GLY C 182 13.12 45.67 -8.87
N THR C 183 12.94 44.92 -7.79
CA THR C 183 13.72 45.16 -6.57
C THR C 183 14.78 44.09 -6.32
N LEU C 184 14.78 43.00 -7.08
CA LEU C 184 15.85 42.01 -6.98
C LEU C 184 17.14 42.57 -7.56
N LYS C 185 18.23 42.53 -6.77
CA LYS C 185 19.46 43.22 -7.12
C LYS C 185 20.55 42.31 -7.67
N VAL C 186 20.44 40.99 -7.47
CA VAL C 186 21.45 40.06 -7.98
C VAL C 186 20.73 38.86 -8.58
N PRO C 187 21.39 38.13 -9.49
CA PRO C 187 20.75 36.95 -10.08
C PRO C 187 20.61 35.81 -9.07
N ALA C 188 19.66 34.94 -9.35
CA ALA C 188 19.35 33.84 -8.47
C ALA C 188 19.15 32.57 -9.28
N ILE C 189 19.46 31.43 -8.67
CA ILE C 189 19.11 30.13 -9.22
C ILE C 189 18.03 29.53 -8.34
N ASN C 190 16.92 29.15 -8.97
CA ASN C 190 15.83 28.44 -8.32
C ASN C 190 16.27 26.98 -8.19
N VAL C 191 16.81 26.62 -7.01
CA VAL C 191 17.25 25.25 -6.76
C VAL C 191 16.05 24.34 -6.55
N ASN C 192 14.93 24.89 -6.06
CA ASN C 192 13.77 24.09 -5.68
C ASN C 192 13.26 23.25 -6.84
N ASP C 193 13.29 23.80 -8.05
CA ASP C 193 12.61 23.19 -9.18
C ASP C 193 13.50 22.31 -10.05
N SER C 194 14.72 22.00 -9.62
CA SER C 194 15.34 20.77 -10.11
C SER C 194 14.42 19.62 -9.73
N VAL C 195 14.31 18.63 -10.60
CA VAL C 195 13.47 17.48 -10.27
C VAL C 195 14.08 16.72 -9.11
N THR C 196 15.42 16.61 -9.06
CA THR C 196 16.06 15.93 -7.96
C THR C 196 16.00 16.74 -6.66
N LYS C 197 15.39 17.93 -6.68
CA LYS C 197 15.06 18.63 -5.46
C LYS C 197 13.55 18.55 -5.22
N SER C 198 12.75 19.27 -6.01
CA SER C 198 11.31 19.37 -5.75
C SER C 198 10.66 18.00 -5.60
N LYS C 199 10.85 17.12 -6.58
CA LYS C 199 10.18 15.83 -6.63
C LYS C 199 10.98 14.74 -5.92
N ASN C 200 11.81 15.14 -4.96
CA ASN C 200 12.58 14.24 -4.14
C ASN C 200 12.44 14.72 -2.70
N ASP C 201 13.11 15.82 -2.40
CA ASP C 201 12.98 16.55 -1.15
C ASP C 201 11.53 16.81 -0.76
N ASN C 202 10.83 17.68 -1.51
CA ASN C 202 9.56 18.23 -1.05
C ASN C 202 8.53 17.13 -0.80
N LYS C 203 8.54 16.10 -1.64
CA LYS C 203 7.57 15.00 -1.53
C LYS C 203 8.12 13.88 -0.64
N TYR C 204 9.17 13.20 -1.11
CA TYR C 204 9.64 12.00 -0.41
C TYR C 204 10.21 12.34 0.96
N GLY C 205 10.84 13.51 1.10
CA GLY C 205 11.36 13.90 2.39
C GLY C 205 10.27 14.04 3.44
N CYS C 206 9.15 14.66 3.06
CA CYS C 206 8.02 14.79 3.98
C CYS C 206 7.35 13.45 4.25
N ARG C 207 7.40 12.53 3.27
CA ARG C 207 6.88 11.19 3.52
CA ARG C 207 6.88 11.19 3.52
C ARG C 207 7.65 10.50 4.64
N HIS C 208 8.97 10.69 4.66
CA HIS C 208 9.80 10.09 5.70
C HIS C 208 9.64 10.81 7.04
N SER C 209 9.62 12.14 7.03
CA SER C 209 9.79 12.88 8.28
C SER C 209 8.49 13.34 8.93
N LEU C 210 7.35 13.31 8.26
CA LEU C 210 6.13 13.81 8.89
C LEU C 210 5.65 12.86 9.99
N ASN C 211 5.38 11.59 9.65
CA ASN C 211 4.94 10.67 10.69
CA ASN C 211 4.95 10.64 10.67
C ASN C 211 6.01 10.46 11.74
N ASP C 212 7.28 10.59 11.34
CA ASP C 212 8.41 10.54 12.27
C ASP C 212 8.26 11.60 13.35
N ALA C 213 8.00 12.85 12.96
CA ALA C 213 7.89 13.93 13.96
C ALA C 213 6.65 13.78 14.82
N ILE C 214 5.55 13.31 14.25
CA ILE C 214 4.32 13.15 15.04
C ILE C 214 4.53 12.08 16.10
N LYS C 215 5.15 10.96 15.72
CA LYS C 215 5.47 9.91 16.69
C LYS C 215 6.38 10.43 17.78
N ARG C 216 7.47 11.13 17.42
CA ARG C 216 8.38 11.62 18.45
C ARG C 216 7.69 12.62 19.38
N GLY C 217 6.80 13.45 18.85
CA GLY C 217 6.14 14.46 19.67
C GLY C 217 5.09 13.89 20.62
N THR C 218 4.28 12.95 20.12
CA THR C 218 3.11 12.46 20.85
C THR C 218 3.12 10.98 21.13
N ASP C 219 3.88 10.19 20.36
CA ASP C 219 3.83 8.73 20.43
C ASP C 219 2.42 8.19 20.23
N HIS C 220 1.58 8.97 19.54
CA HIS C 220 0.23 8.51 19.22
C HIS C 220 0.25 7.40 18.17
N LEU C 221 -0.59 6.39 18.38
CA LEU C 221 -0.97 5.52 17.27
C LEU C 221 -1.64 6.33 16.17
N LEU C 222 -1.29 6.06 14.92
CA LEU C 222 -1.93 6.77 13.82
C LEU C 222 -2.89 5.89 13.04
N SER C 223 -2.64 4.58 12.98
CA SER C 223 -3.52 3.65 12.30
C SER C 223 -4.94 3.78 12.85
N GLY C 224 -5.91 3.86 11.94
CA GLY C 224 -7.31 3.88 12.32
C GLY C 224 -7.88 5.24 12.62
N LYS C 225 -7.05 6.27 12.73
CA LYS C 225 -7.51 7.61 13.06
C LYS C 225 -7.67 8.45 11.79
N GLN C 226 -8.39 9.56 11.95
CA GLN C 226 -8.76 10.43 10.84
C GLN C 226 -7.78 11.59 10.74
N ALA C 227 -7.22 11.79 9.55
CA ALA C 227 -6.35 12.92 9.28
C ALA C 227 -6.97 13.81 8.21
N LEU C 228 -6.70 15.11 8.31
CA LEU C 228 -7.01 16.06 7.26
C LEU C 228 -5.72 16.77 6.86
N VAL C 229 -5.29 16.57 5.60
CA VAL C 229 -4.12 17.25 5.07
C VAL C 229 -4.60 18.42 4.23
N ILE C 230 -4.22 19.63 4.62
CA ILE C 230 -4.57 20.83 3.85
C ILE C 230 -3.46 21.03 2.83
N GLY C 231 -3.79 20.84 1.56
CA GLY C 231 -2.88 21.02 0.45
C GLY C 231 -2.45 19.68 -0.14
N TYR C 232 -2.23 19.67 -1.45
CA TYR C 232 -1.77 18.46 -2.11
C TYR C 232 -0.81 18.82 -3.25
N GLY C 233 0.07 19.77 -2.98
CA GLY C 233 1.26 20.00 -3.79
C GLY C 233 2.28 18.94 -3.46
N ASP C 234 3.56 19.25 -3.68
CA ASP C 234 4.58 18.24 -3.42
C ASP C 234 4.63 17.85 -1.94
N VAL C 235 4.60 18.84 -1.05
CA VAL C 235 4.63 18.56 0.39
C VAL C 235 3.35 17.87 0.82
N GLY C 236 2.20 18.28 0.27
CA GLY C 236 0.95 17.64 0.63
C GLY C 236 0.87 16.20 0.15
N LYS C 237 1.42 15.91 -1.04
CA LYS C 237 1.47 14.54 -1.54
C LYS C 237 2.31 13.65 -0.64
N GLY C 238 3.51 14.11 -0.29
CA GLY C 238 4.36 13.33 0.60
C GLY C 238 3.76 13.18 1.99
N SER C 239 3.18 14.26 2.51
CA SER C 239 2.57 14.24 3.84
C SER C 239 1.41 13.26 3.89
N SER C 240 0.53 13.34 2.90
CA SER C 240 -0.61 12.41 2.81
C SER C 240 -0.15 10.97 2.79
N GLN C 241 0.91 10.69 2.05
CA GLN C 241 1.43 9.33 1.98
C GLN C 241 2.07 8.91 3.31
N SER C 242 2.81 9.82 3.96
CA SER C 242 3.35 9.55 5.29
C SER C 242 2.27 9.04 6.24
N LEU C 243 1.06 9.60 6.15
CA LEU C 243 -0.04 9.26 7.05
C LEU C 243 -0.82 8.03 6.58
N ARG C 244 -1.11 7.97 5.27
CA ARG C 244 -1.86 6.83 4.75
C ARG C 244 -1.08 5.54 4.90
N GLN C 245 0.25 5.60 4.74
CA GLN C 245 1.04 4.37 4.85
C GLN C 245 1.05 3.83 6.27
N GLU C 246 0.79 4.70 7.26
CA GLU C 246 0.65 4.29 8.66
C GLU C 246 -0.73 3.71 8.96
N GLY C 247 -1.66 3.74 8.02
CA GLY C 247 -3.02 3.32 8.24
C GLY C 247 -3.99 4.40 8.67
N MET C 248 -3.63 5.68 8.54
CA MET C 248 -4.60 6.74 8.80
C MET C 248 -5.64 6.78 7.68
N ILE C 249 -6.85 7.20 8.04
CA ILE C 249 -7.87 7.49 7.03
C ILE C 249 -7.68 8.96 6.68
N VAL C 250 -7.18 9.22 5.48
CA VAL C 250 -6.68 10.55 5.11
C VAL C 250 -7.68 11.21 4.18
N LYS C 251 -8.10 12.43 4.55
CA LYS C 251 -8.85 13.32 3.68
C LYS C 251 -7.97 14.50 3.28
N VAL C 252 -8.18 14.99 2.06
CA VAL C 252 -7.32 16.02 1.47
C VAL C 252 -8.17 17.25 1.13
N ALA C 253 -7.67 18.44 1.47
CA ALA C 253 -8.27 19.68 1.00
C ALA C 253 -7.35 20.35 -0.01
N GLU C 254 -7.96 21.01 -0.99
CA GLU C 254 -7.20 21.72 -2.02
C GLU C 254 -8.03 22.85 -2.59
N VAL C 255 -7.32 23.87 -3.08
CA VAL C 255 -7.95 24.88 -3.94
C VAL C 255 -7.60 24.68 -5.41
N ASP C 256 -6.61 23.83 -5.72
CA ASP C 256 -6.21 23.59 -7.10
C ASP C 256 -6.92 22.34 -7.57
N PRO C 257 -7.85 22.43 -8.52
CA PRO C 257 -8.59 21.22 -8.93
C PRO C 257 -7.73 20.15 -9.58
N ILE C 258 -6.60 20.50 -10.21
CA ILE C 258 -5.71 19.46 -10.76
C ILE C 258 -5.08 18.64 -9.64
N CYS C 259 -4.51 19.32 -8.64
CA CYS C 259 -3.99 18.61 -7.47
C CYS C 259 -5.09 17.82 -6.77
N ALA C 260 -6.30 18.37 -6.72
CA ALA C 260 -7.41 17.63 -6.12
C ALA C 260 -7.71 16.37 -6.91
N MET C 261 -7.69 16.46 -8.25
N MET C 261 -7.69 16.46 -8.25
CA MET C 261 -7.88 15.29 -9.09
CA MET C 261 -7.87 15.29 -9.11
C MET C 261 -6.85 14.22 -8.78
C MET C 261 -6.85 14.21 -8.77
N GLN C 262 -5.58 14.60 -8.60
CA GLN C 262 -4.57 13.64 -8.24
C GLN C 262 -4.86 12.98 -6.90
N ALA C 263 -5.39 13.76 -5.94
CA ALA C 263 -5.70 13.18 -4.64
C ALA C 263 -6.80 12.13 -4.75
N CYS C 264 -7.83 12.42 -5.53
CA CYS C 264 -8.90 11.44 -5.77
C CYS C 264 -8.34 10.16 -6.37
N MET C 265 -7.60 10.29 -7.47
CA MET C 265 -7.01 9.14 -8.14
C MET C 265 -6.06 8.39 -7.24
N ASP C 266 -5.38 9.10 -6.33
CA ASP C 266 -4.49 8.45 -5.38
C ASP C 266 -5.25 7.76 -4.26
N GLY C 267 -6.58 7.79 -4.27
CA GLY C 267 -7.35 7.08 -3.29
C GLY C 267 -7.72 7.86 -2.06
N PHE C 268 -7.79 9.18 -2.14
CA PHE C 268 -8.21 10.01 -1.02
C PHE C 268 -9.53 10.68 -1.31
N GLU C 269 -10.30 10.89 -0.25
CA GLU C 269 -11.49 11.71 -0.27
C GLU C 269 -11.09 13.18 -0.16
N VAL C 270 -11.59 14.01 -1.07
CA VAL C 270 -11.26 15.43 -1.12
C VAL C 270 -12.42 16.20 -0.49
N VAL C 271 -12.12 16.94 0.58
CA VAL C 271 -13.12 17.65 1.36
C VAL C 271 -12.65 19.07 1.59
N SER C 272 -13.59 19.93 1.99
CA SER C 272 -13.25 21.28 2.41
C SER C 272 -13.63 21.50 3.86
N PRO C 273 -12.83 22.26 4.64
CA PRO C 273 -13.30 22.64 5.99
C PRO C 273 -14.57 23.46 5.96
N TYR C 274 -14.93 24.03 4.80
CA TYR C 274 -16.06 24.95 4.66
C TYR C 274 -17.15 24.29 3.83
N LYS C 275 -18.39 24.56 4.21
CA LYS C 275 -19.54 24.10 3.45
C LYS C 275 -19.46 24.64 2.03
N ASN C 276 -19.49 23.73 1.05
CA ASN C 276 -19.35 24.02 -0.37
C ASN C 276 -18.02 24.72 -0.69
N GLY C 277 -17.03 24.58 0.18
CA GLY C 277 -15.74 25.20 -0.06
C GLY C 277 -15.69 26.70 0.10
N ILE C 278 -16.76 27.35 0.56
CA ILE C 278 -16.86 28.81 0.62
C ILE C 278 -16.49 29.29 2.03
N ASN C 279 -15.30 29.90 2.14
CA ASN C 279 -14.75 30.43 3.40
C ASN C 279 -15.16 31.89 3.50
N ASP C 280 -16.35 32.14 4.08
CA ASP C 280 -16.91 33.49 4.16
C ASP C 280 -16.69 34.16 5.51
N GLY C 281 -15.86 33.60 6.39
CA GLY C 281 -15.52 34.25 7.63
C GLY C 281 -16.38 33.88 8.82
N THR C 282 -17.57 33.33 8.60
CA THR C 282 -18.48 33.02 9.69
C THR C 282 -18.21 31.62 10.25
N GLU C 283 -18.62 31.41 11.50
CA GLU C 283 -18.58 30.06 12.05
C GLU C 283 -19.56 29.15 11.33
N ALA C 284 -20.66 29.71 10.81
CA ALA C 284 -21.66 28.89 10.14
C ALA C 284 -21.10 28.23 8.90
N SER C 285 -20.08 28.83 8.28
CA SER C 285 -19.46 28.24 7.10
C SER C 285 -18.64 27.00 7.42
N ILE C 286 -18.31 26.76 8.69
CA ILE C 286 -17.46 25.62 9.04
C ILE C 286 -18.27 24.34 8.97
N ASP C 287 -17.70 23.32 8.33
CA ASP C 287 -18.28 21.98 8.35
C ASP C 287 -17.95 21.36 9.72
N ALA C 288 -18.81 21.63 10.69
CA ALA C 288 -18.53 21.21 12.07
C ALA C 288 -18.53 19.69 12.18
N ALA C 289 -19.37 19.00 11.42
CA ALA C 289 -19.42 17.54 11.50
C ALA C 289 -18.12 16.92 11.00
N LEU C 290 -17.58 17.44 9.89
CA LEU C 290 -16.30 16.95 9.39
C LEU C 290 -15.18 17.21 10.39
N LEU C 291 -15.05 18.46 10.84
CA LEU C 291 -13.93 18.81 11.72
C LEU C 291 -14.05 18.11 13.07
N GLY C 292 -15.28 17.81 13.50
CA GLY C 292 -15.47 17.09 14.76
C GLY C 292 -15.02 15.65 14.73
N LYS C 293 -14.66 15.13 13.57
CA LYS C 293 -14.18 13.75 13.45
C LYS C 293 -12.69 13.66 13.17
N ILE C 294 -11.98 14.78 13.08
CA ILE C 294 -10.59 14.80 12.65
C ILE C 294 -9.67 14.70 13.86
N ASP C 295 -8.80 13.68 13.86
CA ASP C 295 -7.82 13.47 14.91
C ASP C 295 -6.51 14.21 14.66
N LEU C 296 -6.24 14.63 13.42
CA LEU C 296 -4.96 15.20 13.07
C LEU C 296 -5.14 16.09 11.85
N ILE C 297 -4.71 17.34 11.95
CA ILE C 297 -4.71 18.23 10.80
C ILE C 297 -3.28 18.66 10.53
N VAL C 298 -2.88 18.64 9.26
CA VAL C 298 -1.54 18.99 8.82
C VAL C 298 -1.69 20.00 7.69
N THR C 299 -1.06 21.16 7.83
CA THR C 299 -1.08 22.19 6.77
C THR C 299 0.19 22.09 5.94
N THR C 300 0.04 22.21 4.60
CA THR C 300 1.15 21.98 3.69
C THR C 300 1.22 23.01 2.56
N THR C 301 0.64 24.19 2.74
CA THR C 301 0.29 25.02 1.58
C THR C 301 1.31 26.09 1.23
N GLY C 302 2.02 26.65 2.21
CA GLY C 302 2.69 27.90 1.95
C GLY C 302 1.78 29.10 1.87
N ASN C 303 0.49 28.93 2.16
CA ASN C 303 -0.50 29.99 2.19
C ASN C 303 -0.72 30.44 3.65
N VAL C 304 -1.60 31.42 3.84
CA VAL C 304 -1.84 31.99 5.16
C VAL C 304 -3.21 31.55 5.66
N ASN C 305 -3.26 31.08 6.90
CA ASN C 305 -4.52 30.87 7.63
C ASN C 305 -5.41 29.84 6.96
N VAL C 306 -4.80 28.70 6.59
CA VAL C 306 -5.57 27.60 6.03
C VAL C 306 -6.09 26.67 7.11
N CYS C 307 -5.62 26.83 8.35
CA CYS C 307 -6.24 26.22 9.52
C CYS C 307 -6.56 27.37 10.48
N ASP C 308 -7.77 27.93 10.34
CA ASP C 308 -8.08 29.22 10.94
C ASP C 308 -8.78 29.04 12.30
N ALA C 309 -9.11 30.17 12.91
CA ALA C 309 -9.66 30.18 14.26
C ALA C 309 -10.95 29.35 14.34
N ASN C 310 -11.83 29.50 13.36
CA ASN C 310 -13.11 28.79 13.41
C ASN C 310 -12.89 27.28 13.25
N MET C 311 -11.93 26.89 12.43
CA MET C 311 -11.60 25.47 12.32
C MET C 311 -11.05 24.95 13.63
N LEU C 312 -10.13 25.69 14.25
CA LEU C 312 -9.55 25.26 15.53
C LEU C 312 -10.63 25.10 16.59
N LYS C 313 -11.64 25.97 16.58
CA LYS C 313 -12.72 25.84 17.56
C LYS C 313 -13.55 24.60 17.32
N ALA C 314 -13.71 24.21 16.05
CA ALA C 314 -14.56 23.09 15.66
C ALA C 314 -13.86 21.73 15.76
N LEU C 315 -12.54 21.71 15.92
CA LEU C 315 -11.80 20.45 15.87
C LEU C 315 -12.24 19.49 16.97
N LYS C 316 -12.15 18.20 16.66
CA LYS C 316 -12.36 17.16 17.65
C LYS C 316 -11.47 17.38 18.87
N LYS C 317 -12.04 17.18 20.06
CA LYS C 317 -11.23 17.23 21.27
C LYS C 317 -10.01 16.35 21.12
N ARG C 318 -8.85 16.88 21.54
CA ARG C 318 -7.57 16.19 21.61
C ARG C 318 -6.95 15.91 20.25
N ALA C 319 -7.44 16.55 19.19
CA ALA C 319 -6.78 16.48 17.90
C ALA C 319 -5.38 17.07 17.96
N VAL C 320 -4.48 16.56 17.12
CA VAL C 320 -3.14 17.11 16.94
C VAL C 320 -3.18 18.09 15.77
N VAL C 321 -2.53 19.24 15.93
CA VAL C 321 -2.47 20.29 14.92
C VAL C 321 -1.00 20.56 14.61
N CYS C 322 -0.64 20.58 13.33
CA CYS C 322 0.76 20.82 12.99
C CYS C 322 0.87 21.36 11.57
N ASN C 323 2.02 21.95 11.31
CA ASN C 323 2.29 22.61 10.06
C ASN C 323 3.63 22.15 9.53
N ILE C 324 3.68 21.80 8.25
CA ILE C 324 4.93 21.41 7.62
C ILE C 324 5.24 22.30 6.40
N GLY C 325 4.45 23.34 6.18
CA GLY C 325 4.83 24.43 5.31
C GLY C 325 5.92 25.28 5.95
N HIS C 326 6.41 26.26 5.20
CA HIS C 326 7.63 26.94 5.65
C HIS C 326 7.38 27.85 6.85
N PHE C 327 6.22 28.50 6.92
CA PHE C 327 5.99 29.54 7.92
C PHE C 327 4.82 29.18 8.81
N ASP C 328 4.88 29.66 10.06
CA ASP C 328 3.92 29.27 11.10
C ASP C 328 2.62 30.05 11.08
N ASN C 329 2.34 30.82 10.04
CA ASN C 329 1.04 31.47 9.90
C ASN C 329 0.05 30.63 9.08
N GLU C 330 0.40 29.40 8.71
CA GLU C 330 -0.60 28.53 8.10
C GLU C 330 -1.72 28.20 9.08
N ILE C 331 -1.37 28.08 10.36
CA ILE C 331 -2.33 27.90 11.45
C ILE C 331 -2.43 29.22 12.19
N ASP C 332 -3.64 29.57 12.63
CA ASP C 332 -3.83 30.79 13.40
C ASP C 332 -3.39 30.56 14.84
N THR C 333 -2.08 30.48 15.03
CA THR C 333 -1.54 30.30 16.38
C THR C 333 -1.73 31.55 17.23
N ALA C 334 -1.81 32.73 16.59
CA ALA C 334 -2.03 33.97 17.34
C ALA C 334 -3.40 33.96 18.02
N PHE C 335 -4.43 33.48 17.32
CA PHE C 335 -5.73 33.29 17.96
C PHE C 335 -5.63 32.43 19.20
N MET C 336 -4.84 31.36 19.14
CA MET C 336 -4.73 30.46 20.28
C MET C 336 -3.92 31.10 21.40
N ARG C 337 -2.89 31.87 21.06
CA ARG C 337 -2.15 32.59 22.10
C ARG C 337 -3.05 33.58 22.82
N LYS C 338 -3.95 34.22 22.09
CA LYS C 338 -4.78 35.27 22.67
C LYS C 338 -5.90 34.71 23.55
N ASN C 339 -6.43 33.54 23.22
CA ASN C 339 -7.69 33.09 23.78
C ASN C 339 -7.60 31.85 24.66
N TRP C 340 -6.61 30.99 24.46
CA TRP C 340 -6.55 29.70 25.11
C TRP C 340 -5.28 29.55 25.94
N ALA C 341 -5.30 28.60 26.88
CA ALA C 341 -4.20 28.41 27.82
C ALA C 341 -3.27 27.31 27.32
N TRP C 342 -1.97 27.60 27.28
CA TRP C 342 -0.97 26.67 26.76
C TRP C 342 -0.29 25.93 27.91
N GLU C 343 -0.29 24.60 27.82
CA GLU C 343 0.38 23.73 28.78
C GLU C 343 1.47 22.98 28.04
N GLU C 344 2.72 23.28 28.35
CA GLU C 344 3.82 22.56 27.69
C GLU C 344 3.87 21.12 28.20
N VAL C 345 3.80 20.16 27.28
CA VAL C 345 4.05 18.77 27.63
C VAL C 345 5.55 18.53 27.78
N LYS C 346 6.27 18.89 26.73
CA LYS C 346 7.72 18.85 26.63
C LYS C 346 8.10 19.81 25.51
N PRO C 347 9.38 20.07 25.28
CA PRO C 347 9.74 21.06 24.26
C PRO C 347 9.09 20.75 22.92
N GLN C 348 8.51 21.78 22.31
CA GLN C 348 7.86 21.72 21.00
C GLN C 348 6.58 20.87 21.01
N VAL C 349 6.01 20.61 22.18
CA VAL C 349 4.71 19.94 22.30
C VAL C 349 3.90 20.71 23.33
N HIS C 350 2.75 21.26 22.92
CA HIS C 350 1.91 22.03 23.83
C HIS C 350 0.47 21.55 23.76
N LYS C 351 -0.13 21.34 24.92
CA LYS C 351 -1.58 21.20 25.01
C LYS C 351 -2.19 22.59 25.04
N ILE C 352 -3.22 22.80 24.24
CA ILE C 352 -3.86 24.11 24.15
C ILE C 352 -5.28 23.94 24.64
N HIS C 353 -5.56 24.46 25.85
CA HIS C 353 -6.82 24.23 26.54
C HIS C 353 -7.87 25.22 26.07
N ARG C 354 -8.92 24.70 25.42
CA ARG C 354 -9.96 25.53 24.85
C ARG C 354 -10.98 25.99 25.87
N THR C 355 -10.70 25.74 27.16
CA THR C 355 -11.61 26.16 28.22
C THR C 355 -11.46 27.64 28.57
N GLY C 356 -10.37 28.28 28.17
CA GLY C 356 -10.17 29.67 28.52
C GLY C 356 -8.72 30.05 28.43
N LYS C 357 -8.47 31.32 28.77
CA LYS C 357 -7.16 31.94 28.58
C LYS C 357 -6.29 31.87 29.83
N ASP C 358 -6.87 32.16 31.00
CA ASP C 358 -6.09 32.31 32.23
C ASP C 358 -6.23 31.03 33.05
N GLY C 359 -5.22 30.17 32.95
CA GLY C 359 -5.20 28.92 33.69
C GLY C 359 -5.93 27.80 32.97
N PHE C 360 -5.76 26.60 33.51
CA PHE C 360 -6.38 25.40 32.96
C PHE C 360 -6.44 24.35 34.05
N ASP C 361 -7.31 23.37 33.84
CA ASP C 361 -7.41 22.18 34.69
C ASP C 361 -6.47 21.12 34.13
N ALA C 362 -5.58 20.59 34.99
CA ALA C 362 -4.61 19.59 34.52
C ALA C 362 -5.29 18.37 33.90
N HIS C 363 -6.55 18.14 34.23
CA HIS C 363 -7.30 16.99 33.72
C HIS C 363 -8.38 17.41 32.74
N ASN C 364 -8.35 18.64 32.25
CA ASN C 364 -9.27 19.06 31.21
C ASN C 364 -9.15 18.13 30.01
N ASP C 365 -10.28 17.74 29.44
CA ASP C 365 -10.29 16.89 28.26
C ASP C 365 -10.48 17.67 26.96
N ASP C 366 -10.79 18.96 27.04
CA ASP C 366 -11.04 19.79 25.85
C ASP C 366 -9.78 20.58 25.52
N TYR C 367 -8.81 19.91 24.89
CA TYR C 367 -7.58 20.56 24.47
C TYR C 367 -7.19 20.05 23.09
N LEU C 368 -6.31 20.81 22.43
CA LEU C 368 -5.63 20.40 21.21
C LEU C 368 -4.14 20.25 21.50
N ILE C 369 -3.48 19.38 20.76
CA ILE C 369 -2.02 19.26 20.84
C ILE C 369 -1.42 19.93 19.61
N LEU C 370 -0.68 21.01 19.85
CA LEU C 370 0.04 21.73 18.81
C LEU C 370 1.50 21.29 18.83
N LEU C 371 2.04 20.95 17.67
CA LEU C 371 3.45 20.58 17.56
C LEU C 371 4.29 21.74 17.05
N ALA C 372 5.45 21.92 17.68
CA ALA C 372 6.46 22.91 17.28
C ALA C 372 5.92 24.34 17.24
N GLU C 373 4.88 24.62 18.02
CA GLU C 373 4.25 25.93 18.05
C GLU C 373 3.90 26.40 16.63
N GLY C 374 3.45 25.46 15.80
CA GLY C 374 3.05 25.77 14.44
C GLY C 374 4.18 25.90 13.43
N ARG C 375 5.44 25.80 13.86
CA ARG C 375 6.58 25.83 12.95
C ARG C 375 6.77 24.48 12.27
N LEU C 376 7.66 24.45 11.26
CA LEU C 376 7.91 23.24 10.47
C LEU C 376 8.03 22.00 11.33
N VAL C 377 7.04 21.10 11.24
CA VAL C 377 6.96 20.06 12.26
C VAL C 377 8.03 18.99 12.06
N ASN C 378 8.40 18.67 10.81
CA ASN C 378 9.37 17.60 10.62
C ASN C 378 10.72 17.99 11.20
N LEU C 379 11.11 19.25 11.06
CA LEU C 379 12.38 19.69 11.63
C LEU C 379 12.24 20.09 13.10
N GLY C 380 11.05 20.50 13.53
CA GLY C 380 10.85 20.96 14.90
C GLY C 380 10.75 19.84 15.91
N ASN C 381 10.09 18.74 15.54
CA ASN C 381 9.87 17.61 16.44
C ASN C 381 10.66 16.37 16.06
N ALA C 382 11.38 16.39 14.93
CA ALA C 382 12.28 15.30 14.58
C ALA C 382 13.57 15.88 13.99
N THR C 383 14.07 15.31 12.88
CA THR C 383 15.32 15.80 12.30
C THR C 383 15.16 16.16 10.82
N GLY C 384 13.95 16.42 10.37
CA GLY C 384 13.76 16.76 8.98
C GLY C 384 14.01 15.57 8.06
N HIS C 385 14.28 15.89 6.79
CA HIS C 385 14.51 14.89 5.76
C HIS C 385 15.79 14.10 6.06
N PRO C 386 15.84 12.83 5.66
CA PRO C 386 17.06 12.04 5.85
C PRO C 386 18.16 12.41 4.87
N SER C 387 19.40 12.10 5.27
CA SER C 387 20.59 12.49 4.49
C SER C 387 20.48 12.07 3.02
N ARG C 388 19.98 10.86 2.75
CA ARG C 388 19.97 10.36 1.38
C ARG C 388 19.01 11.14 0.49
N ILE C 389 17.96 11.73 1.07
CA ILE C 389 17.09 12.61 0.32
C ILE C 389 17.73 13.98 0.15
N MET C 390 18.23 14.57 1.25
CA MET C 390 18.87 15.88 1.17
C MET C 390 20.09 15.89 0.26
N ASP C 391 20.70 14.73 0.01
CA ASP C 391 21.76 14.58 -0.99
C ASP C 391 21.41 15.25 -2.31
N GLY C 392 20.20 15.00 -2.81
CA GLY C 392 19.80 15.56 -4.08
C GLY C 392 19.67 17.07 -4.03
N SER C 393 18.99 17.58 -3.00
CA SER C 393 18.83 19.02 -2.86
C SER C 393 20.17 19.72 -2.78
N PHE C 394 21.06 19.20 -1.94
CA PHE C 394 22.29 19.91 -1.65
C PHE C 394 23.33 19.74 -2.75
N ALA C 395 23.26 18.65 -3.52
CA ALA C 395 24.10 18.57 -4.71
C ALA C 395 23.73 19.67 -5.70
N ASN C 396 22.43 19.95 -5.84
CA ASN C 396 21.99 21.06 -6.68
C ASN C 396 22.48 22.39 -6.13
N GLN C 397 22.46 22.56 -4.80
CA GLN C 397 22.93 23.79 -4.20
C GLN C 397 24.39 24.05 -4.54
N VAL C 398 25.23 23.02 -4.44
CA VAL C 398 26.64 23.18 -4.74
C VAL C 398 26.83 23.57 -6.20
N LEU C 399 26.16 22.88 -7.11
CA LEU C 399 26.31 23.18 -8.54
C LEU C 399 25.86 24.60 -8.84
N ALA C 400 24.76 25.04 -8.21
CA ALA C 400 24.27 26.38 -8.43
C ALA C 400 25.23 27.44 -7.87
N GLN C 401 25.82 27.16 -6.70
CA GLN C 401 26.83 28.06 -6.17
C GLN C 401 28.03 28.17 -7.10
N ILE C 402 28.50 27.04 -7.63
CA ILE C 402 29.61 27.07 -8.58
C ILE C 402 29.24 27.91 -9.80
N HIS C 403 28.02 27.73 -10.32
CA HIS C 403 27.67 28.42 -11.56
C HIS C 403 27.58 29.92 -11.37
N LEU C 404 26.87 30.38 -10.34
CA LEU C 404 26.73 31.81 -10.13
C LEU C 404 28.06 32.44 -9.75
N PHE C 405 28.87 31.76 -8.93
CA PHE C 405 30.15 32.34 -8.55
C PHE C 405 31.07 32.51 -9.76
N GLU C 406 31.08 31.53 -10.67
CA GLU C 406 31.97 31.64 -11.82
C GLU C 406 31.48 32.64 -12.87
N GLN C 407 30.19 33.00 -12.83
CA GLN C 407 29.68 34.02 -13.73
C GLN C 407 30.11 35.42 -13.30
N LYS C 408 30.35 35.62 -12.00
CA LYS C 408 30.91 36.87 -11.47
C LYS C 408 30.05 38.08 -11.86
N TYR C 409 28.75 38.00 -11.53
CA TYR C 409 27.81 39.05 -11.89
C TYR C 409 28.22 40.41 -11.33
N ALA C 410 28.69 40.43 -10.08
CA ALA C 410 29.04 41.69 -9.44
C ALA C 410 30.15 42.44 -10.18
N ASP C 411 30.93 41.75 -11.01
CA ASP C 411 32.02 42.36 -11.76
C ASP C 411 31.63 42.77 -13.17
N LEU C 412 30.34 42.62 -13.56
CA LEU C 412 29.99 42.90 -14.94
C LEU C 412 29.69 44.39 -15.15
N PRO C 413 29.86 44.88 -16.38
CA PRO C 413 29.39 46.24 -16.69
C PRO C 413 27.88 46.34 -16.52
N ALA C 414 27.42 47.56 -16.25
CA ALA C 414 26.00 47.79 -15.97
C ALA C 414 25.10 47.24 -17.07
N ALA C 415 25.47 47.47 -18.33
CA ALA C 415 24.67 46.94 -19.44
C ALA C 415 24.71 45.42 -19.49
N GLU C 416 25.84 44.82 -19.12
CA GLU C 416 25.91 43.36 -19.08
C GLU C 416 25.13 42.79 -17.90
N LYS C 417 24.97 43.58 -16.84
CA LYS C 417 24.21 43.13 -15.67
C LYS C 417 22.72 43.03 -15.98
N ALA C 418 22.17 44.05 -16.65
CA ALA C 418 20.74 44.07 -16.95
C ALA C 418 20.32 42.82 -17.71
N LYS C 419 21.15 42.36 -18.65
CA LYS C 419 20.84 41.13 -19.38
C LYS C 419 21.02 39.87 -18.52
N ARG C 420 21.72 39.98 -17.39
CA ARG C 420 22.06 38.82 -16.57
C ARG C 420 21.21 38.70 -15.32
N LEU C 421 20.30 39.64 -15.06
CA LEU C 421 19.50 39.65 -13.83
C LEU C 421 18.26 38.80 -14.04
N SER C 422 18.28 37.56 -13.54
CA SER C 422 17.16 36.66 -13.74
C SER C 422 17.16 35.60 -12.66
N VAL C 423 16.05 34.84 -12.61
CA VAL C 423 15.93 33.66 -11.77
C VAL C 423 15.88 32.46 -12.70
N GLU C 424 16.94 31.65 -12.69
CA GLU C 424 17.09 30.55 -13.63
C GLU C 424 17.15 29.23 -12.86
N VAL C 425 17.05 28.14 -13.61
CA VAL C 425 17.18 26.80 -13.04
C VAL C 425 18.40 26.11 -13.68
N LEU C 426 18.79 25.00 -13.07
CA LEU C 426 19.92 24.23 -13.58
C LEU C 426 19.50 23.47 -14.85
N PRO C 427 20.43 23.29 -15.79
CA PRO C 427 20.08 22.51 -16.99
C PRO C 427 19.73 21.07 -16.63
N LYS C 428 18.88 20.46 -17.45
CA LYS C 428 18.40 19.12 -17.18
C LYS C 428 19.55 18.13 -17.10
N LYS C 429 20.59 18.31 -17.92
CA LYS C 429 21.72 17.38 -17.89
C LYS C 429 22.32 17.27 -16.49
N LEU C 430 22.44 18.40 -15.78
CA LEU C 430 22.94 18.35 -14.40
C LEU C 430 21.91 17.72 -13.47
N ASP C 431 20.63 18.02 -13.66
CA ASP C 431 19.57 17.37 -12.89
C ASP C 431 19.69 15.85 -13.01
N GLU C 432 19.90 15.37 -14.24
CA GLU C 432 20.04 13.94 -14.50
C GLU C 432 21.33 13.38 -13.89
N GLU C 433 22.42 14.16 -13.91
CA GLU C 433 23.67 13.66 -13.34
C GLU C 433 23.56 13.50 -11.82
N VAL C 434 22.87 14.43 -11.14
CA VAL C 434 22.57 14.25 -9.73
C VAL C 434 21.77 12.97 -9.52
N ALA C 435 20.71 12.79 -10.32
CA ALA C 435 19.83 11.63 -10.15
C ALA C 435 20.61 10.32 -10.32
N LEU C 436 21.52 10.27 -11.30
CA LEU C 436 22.29 9.05 -11.52
C LEU C 436 23.10 8.67 -10.28
N GLU C 437 23.72 9.66 -9.63
CA GLU C 437 24.47 9.36 -8.40
C GLU C 437 23.54 8.90 -7.28
N MET C 438 22.33 9.44 -7.21
CA MET C 438 21.37 8.95 -6.22
C MET C 438 20.97 7.52 -6.50
N VAL C 439 20.71 7.19 -7.77
CA VAL C 439 20.31 5.83 -8.13
C VAL C 439 21.41 4.84 -7.78
N LYS C 440 22.67 5.18 -8.08
CA LYS C 440 23.76 4.27 -7.76
C LYS C 440 23.87 4.06 -6.26
N GLY C 441 23.53 5.09 -5.46
CA GLY C 441 23.53 4.93 -4.01
C GLY C 441 22.62 3.81 -3.53
N PHE C 442 21.51 3.57 -4.24
CA PHE C 442 20.61 2.47 -3.91
C PHE C 442 21.05 1.14 -4.51
N GLY C 443 22.19 1.10 -5.19
CA GLY C 443 22.54 -0.05 -6.00
C GLY C 443 21.78 -0.18 -7.31
N GLY C 444 21.02 0.84 -7.70
CA GLY C 444 20.27 0.76 -8.94
C GLY C 444 21.18 0.76 -10.16
N VAL C 445 20.71 0.13 -11.23
CA VAL C 445 21.50 0.01 -12.46
C VAL C 445 20.68 0.60 -13.60
N VAL C 446 21.10 1.75 -14.10
CA VAL C 446 20.44 2.40 -15.23
C VAL C 446 20.88 1.75 -16.53
N THR C 447 19.92 1.50 -17.43
CA THR C 447 20.24 0.94 -18.73
C THR C 447 20.72 2.04 -19.68
N GLN C 448 21.64 1.68 -20.57
CA GLN C 448 22.13 2.60 -21.57
C GLN C 448 21.47 2.29 -22.91
N LEU C 449 20.95 3.33 -23.56
CA LEU C 449 20.33 3.17 -24.87
C LEU C 449 21.35 2.70 -25.90
N THR C 450 20.89 1.89 -26.85
CA THR C 450 21.66 1.66 -28.05
C THR C 450 21.59 2.90 -28.93
N PRO C 451 22.53 3.06 -29.86
CA PRO C 451 22.42 4.17 -30.84
C PRO C 451 21.10 4.17 -31.60
N LYS C 452 20.63 3.00 -32.05
CA LYS C 452 19.36 2.92 -32.75
C LYS C 452 18.19 3.33 -31.86
N GLN C 453 18.21 2.87 -30.61
CA GLN C 453 17.14 3.26 -29.68
C GLN C 453 17.16 4.77 -29.44
N ALA C 454 18.36 5.35 -29.26
CA ALA C 454 18.45 6.79 -29.04
C ALA C 454 17.90 7.55 -30.24
N GLU C 455 18.25 7.13 -31.46
CA GLU C 455 17.73 7.77 -32.66
C GLU C 455 16.22 7.60 -32.77
N TYR C 456 15.72 6.41 -32.39
CA TYR C 456 14.28 6.14 -32.50
C TYR C 456 13.45 7.12 -31.66
N ILE C 457 13.88 7.44 -30.44
CA ILE C 457 13.11 8.36 -29.60
C ILE C 457 13.64 9.78 -29.66
N GLY C 458 14.66 10.04 -30.48
CA GLY C 458 15.15 11.39 -30.69
C GLY C 458 15.90 12.00 -29.52
N VAL C 459 16.77 11.23 -28.86
CA VAL C 459 17.62 11.73 -27.78
C VAL C 459 19.04 11.26 -28.04
N SER C 460 19.97 11.88 -27.33
CA SER C 460 21.33 11.39 -27.32
C SER C 460 21.45 10.25 -26.31
N VAL C 461 22.35 9.30 -26.61
CA VAL C 461 22.64 8.21 -25.67
C VAL C 461 23.05 8.78 -24.32
N GLU C 462 23.66 9.95 -24.33
CA GLU C 462 24.14 10.65 -23.15
C GLU C 462 23.02 11.38 -22.41
N GLY C 463 21.89 11.62 -23.06
CA GLY C 463 20.86 12.46 -22.50
C GLY C 463 21.12 13.91 -22.85
N PRO C 464 20.24 14.85 -22.44
CA PRO C 464 19.03 14.66 -21.62
C PRO C 464 17.98 13.80 -22.33
N PHE C 465 17.22 13.07 -21.53
CA PHE C 465 16.29 12.07 -22.05
C PHE C 465 14.87 12.60 -22.20
N LYS C 466 14.61 13.83 -21.75
CA LYS C 466 13.27 14.40 -21.75
C LYS C 466 13.34 15.86 -22.15
N PRO C 467 12.30 16.37 -22.81
CA PRO C 467 12.25 17.81 -23.09
C PRO C 467 12.06 18.60 -21.81
N ASP C 468 12.37 19.89 -21.87
CA ASP C 468 12.24 20.71 -20.67
C ASP C 468 10.80 20.83 -20.19
N THR C 469 9.82 20.52 -21.03
CA THR C 469 8.42 20.59 -20.61
C THR C 469 7.97 19.36 -19.82
N TYR C 470 8.80 18.31 -19.73
CA TYR C 470 8.34 17.05 -19.16
C TYR C 470 8.11 17.19 -17.67
N ARG C 471 7.05 16.56 -17.17
CA ARG C 471 6.64 16.78 -15.78
C ARG C 471 7.01 15.65 -14.81
N TYR C 472 7.47 14.51 -15.31
CA TYR C 472 7.81 13.34 -14.47
C TYR C 472 6.67 12.93 -13.54
N ALA D 11 5.28 11.72 50.93
CA ALA D 11 5.84 12.38 52.12
C ALA D 11 6.54 11.37 53.02
N GLY D 12 7.85 11.24 52.84
CA GLY D 12 8.62 10.22 53.53
C GLY D 12 8.86 8.95 52.74
N PHE D 13 8.45 8.91 51.48
CA PHE D 13 8.51 7.69 50.67
C PHE D 13 9.89 7.55 50.03
N THR D 14 10.61 6.47 50.39
CA THR D 14 11.92 6.19 49.82
C THR D 14 12.02 4.83 49.17
N ASP D 15 10.90 4.09 49.06
CA ASP D 15 10.92 2.70 48.63
C ASP D 15 10.89 2.60 47.11
N TYR D 16 11.92 3.16 46.47
CA TYR D 16 12.03 3.16 45.01
C TYR D 16 13.48 3.42 44.62
N LYS D 17 13.74 3.32 43.32
CA LYS D 17 15.03 3.70 42.75
C LYS D 17 14.80 3.97 41.26
N VAL D 18 14.91 5.23 40.85
CA VAL D 18 14.73 5.63 39.45
C VAL D 18 15.88 6.55 39.05
N ALA D 19 15.96 6.84 37.75
CA ALA D 19 17.05 7.69 37.26
C ALA D 19 17.01 9.09 37.89
N ASP D 20 15.82 9.68 37.96
CA ASP D 20 15.68 11.10 38.31
C ASP D 20 14.23 11.39 38.68
N ILE D 21 13.98 11.56 39.98
CA ILE D 21 12.62 11.77 40.47
C ILE D 21 12.05 13.09 39.96
N THR D 22 12.91 14.06 39.64
CA THR D 22 12.41 15.35 39.19
C THR D 22 11.75 15.28 37.82
N LEU D 23 11.80 14.13 37.13
CA LEU D 23 11.10 13.92 35.87
C LEU D 23 9.62 13.56 36.08
N ALA D 24 9.14 13.60 37.32
CA ALA D 24 7.82 13.06 37.64
C ALA D 24 6.70 13.92 37.05
N ALA D 25 6.83 15.24 37.13
CA ALA D 25 5.76 16.08 36.60
C ALA D 25 5.61 15.87 35.10
N TRP D 26 6.73 15.68 34.40
CA TRP D 26 6.69 15.40 32.97
C TRP D 26 6.00 14.06 32.71
N GLY D 27 6.38 13.03 33.45
CA GLY D 27 5.71 11.73 33.28
C GLY D 27 4.23 11.81 33.54
N ARG D 28 3.82 12.57 34.57
CA ARG D 28 2.40 12.69 34.89
C ARG D 28 1.63 13.34 33.75
N ARG D 29 2.21 14.35 33.10
CA ARG D 29 1.55 14.94 31.94
C ARG D 29 1.37 13.90 30.85
N GLU D 30 2.39 13.07 30.61
CA GLU D 30 2.25 12.05 29.58
C GLU D 30 1.28 10.95 29.99
N LEU D 31 1.22 10.63 31.28
CA LEU D 31 0.25 9.65 31.74
C LEU D 31 -1.18 10.13 31.49
N ILE D 32 -1.43 11.42 31.74
CA ILE D 32 -2.77 11.98 31.54
C ILE D 32 -3.14 11.96 30.07
N ILE D 33 -2.19 12.24 29.19
CA ILE D 33 -2.42 12.05 27.75
C ILE D 33 -2.67 10.57 27.43
N ALA D 34 -1.85 9.68 27.98
CA ALA D 34 -2.00 8.26 27.68
C ALA D 34 -3.35 7.71 28.14
N GLU D 35 -3.85 8.17 29.30
CA GLU D 35 -5.18 7.77 29.75
C GLU D 35 -6.26 8.01 28.67
N SER D 36 -6.19 9.14 27.99
CA SER D 36 -7.16 9.44 26.93
C SER D 36 -6.95 8.58 25.69
N GLU D 37 -5.79 7.94 25.56
CA GLU D 37 -5.53 7.01 24.47
C GLU D 37 -5.80 5.55 24.84
N MET D 38 -6.29 5.27 26.06
CA MET D 38 -6.46 3.89 26.52
C MET D 38 -7.86 3.68 27.07
N PRO D 39 -8.87 3.65 26.20
CA PRO D 39 -10.27 3.55 26.67
C PRO D 39 -10.62 2.21 27.31
N ALA D 40 -10.06 1.09 26.85
CA ALA D 40 -10.41 -0.19 27.45
C ALA D 40 -9.89 -0.27 28.88
N LEU D 41 -8.64 0.13 29.09
CA LEU D 41 -8.05 0.15 30.42
C LEU D 41 -8.77 1.16 31.32
N MET D 42 -8.93 2.39 30.83
N MET D 42 -8.98 2.38 30.83
CA MET D 42 -9.71 3.40 31.54
CA MET D 42 -9.68 3.37 31.64
C MET D 42 -11.10 2.90 31.89
C MET D 42 -11.15 2.99 31.86
N GLY D 43 -11.75 2.25 30.94
CA GLY D 43 -13.10 1.75 31.17
C GLY D 43 -13.13 0.73 32.30
N LEU D 44 -12.10 -0.11 32.39
CA LEU D 44 -12.03 -1.07 33.50
C LEU D 44 -11.89 -0.34 34.83
N ARG D 45 -11.10 0.74 34.86
CA ARG D 45 -11.02 1.57 36.06
C ARG D 45 -12.40 2.04 36.51
N ARG D 46 -13.16 2.63 35.59
CA ARG D 46 -14.50 3.11 35.93
C ARG D 46 -15.42 1.96 36.32
N LYS D 47 -15.31 0.84 35.62
CA LYS D 47 -16.26 -0.26 35.85
C LYS D 47 -16.07 -0.90 37.22
N TYR D 48 -14.82 -1.08 37.65
CA TYR D 48 -14.51 -1.88 38.83
C TYR D 48 -14.03 -1.06 40.02
N ALA D 49 -14.02 0.27 39.93
CA ALA D 49 -13.47 1.08 41.01
C ALA D 49 -14.22 0.85 42.32
N GLY D 50 -15.54 0.90 42.26
CA GLY D 50 -16.34 0.73 43.46
C GLY D 50 -16.24 -0.68 44.02
N GLN D 51 -16.17 -1.68 43.15
CA GLN D 51 -16.11 -3.07 43.62
C GLN D 51 -14.77 -3.41 44.27
N GLN D 52 -13.69 -2.72 43.87
CA GLN D 52 -12.36 -2.97 44.40
C GLN D 52 -11.97 -4.44 44.31
N PRO D 53 -11.96 -5.03 43.11
CA PRO D 53 -11.75 -6.48 43.00
C PRO D 53 -10.34 -6.90 43.33
N LEU D 54 -9.38 -5.98 43.36
CA LEU D 54 -7.99 -6.29 43.67
C LEU D 54 -7.62 -5.90 45.10
N LYS D 55 -8.60 -5.56 45.93
CA LYS D 55 -8.35 -5.28 47.33
C LYS D 55 -7.72 -6.51 47.99
N GLY D 56 -6.53 -6.33 48.55
CA GLY D 56 -5.79 -7.43 49.14
C GLY D 56 -4.81 -8.09 48.20
N ALA D 57 -4.85 -7.76 46.92
CA ALA D 57 -3.86 -8.27 45.99
C ALA D 57 -2.54 -7.54 46.20
N LYS D 58 -1.46 -8.30 46.15
CA LYS D 58 -0.11 -7.76 46.28
C LYS D 58 0.69 -8.31 45.10
N ILE D 59 0.86 -7.48 44.07
CA ILE D 59 1.29 -7.93 42.76
C ILE D 59 2.77 -7.63 42.58
N LEU D 60 3.56 -8.66 42.33
CA LEU D 60 4.91 -8.46 41.81
C LEU D 60 4.82 -8.23 40.30
N GLY D 61 5.28 -7.08 39.84
N GLY D 61 5.27 -7.07 39.84
CA GLY D 61 5.21 -6.77 38.43
CA GLY D 61 5.21 -6.77 38.43
C GLY D 61 6.57 -6.62 37.79
C GLY D 61 6.57 -6.60 37.78
N CYS D 62 6.79 -7.28 36.65
CA CYS D 62 8.03 -7.15 35.90
C CYS D 62 7.69 -6.98 34.42
N ILE D 63 7.70 -5.72 33.95
CA ILE D 63 7.44 -5.39 32.55
C ILE D 63 7.90 -3.96 32.29
N HIS D 64 8.42 -3.72 31.08
CA HIS D 64 8.93 -2.43 30.61
C HIS D 64 8.27 -1.24 31.28
N MET D 65 9.05 -0.44 32.01
CA MET D 65 8.52 0.65 32.82
C MET D 65 8.32 1.89 31.92
N THR D 66 7.36 1.76 31.01
CA THR D 66 6.95 2.80 30.07
C THR D 66 5.75 3.57 30.60
N ILE D 67 5.40 4.64 29.89
CA ILE D 67 4.17 5.39 30.19
C ILE D 67 2.95 4.47 30.15
N GLN D 68 2.91 3.55 29.17
CA GLN D 68 1.78 2.63 29.06
C GLN D 68 1.71 1.70 30.27
N THR D 69 2.85 1.15 30.68
CA THR D 69 2.87 0.36 31.91
C THR D 69 2.44 1.18 33.11
N GLY D 70 2.75 2.48 33.10
CA GLY D 70 2.29 3.35 34.17
C GLY D 70 0.79 3.40 34.29
N VAL D 71 0.08 3.46 33.16
CA VAL D 71 -1.38 3.49 33.21
C VAL D 71 -1.91 2.15 33.72
N LEU D 72 -1.25 1.04 33.32
CA LEU D 72 -1.61 -0.27 33.84
C LEU D 72 -1.43 -0.33 35.36
N ILE D 73 -0.25 0.09 35.85
CA ILE D 73 0.03 0.07 37.27
C ILE D 73 -1.05 0.82 38.05
N GLU D 74 -1.36 2.03 37.60
CA GLU D 74 -2.33 2.85 38.33
C GLU D 74 -3.75 2.30 38.19
N THR D 75 -4.06 1.54 37.13
CA THR D 75 -5.34 0.86 37.05
C THR D 75 -5.41 -0.25 38.11
N LEU D 76 -4.35 -1.05 38.21
CA LEU D 76 -4.29 -2.09 39.23
C LEU D 76 -4.45 -1.49 40.62
N VAL D 77 -3.72 -0.41 40.90
CA VAL D 77 -3.81 0.25 42.19
C VAL D 77 -5.22 0.81 42.40
N ALA D 78 -5.80 1.37 41.35
CA ALA D 78 -7.15 1.94 41.49
C ALA D 78 -8.17 0.86 41.79
N LEU D 79 -7.93 -0.38 41.38
CA LEU D 79 -8.85 -1.48 41.66
C LEU D 79 -8.55 -2.17 42.99
N GLY D 80 -7.63 -1.64 43.79
CA GLY D 80 -7.38 -2.13 45.14
C GLY D 80 -6.00 -2.73 45.38
N ALA D 81 -5.21 -2.98 44.35
CA ALA D 81 -3.98 -3.72 44.51
C ALA D 81 -2.86 -2.87 45.12
N GLU D 82 -1.91 -3.55 45.75
CA GLU D 82 -0.58 -2.99 45.98
C GLU D 82 0.39 -3.68 45.04
N VAL D 83 1.40 -2.94 44.58
CA VAL D 83 2.37 -3.49 43.64
C VAL D 83 3.79 -3.11 44.08
N ARG D 84 4.74 -3.95 43.65
CA ARG D 84 6.16 -3.59 43.61
C ARG D 84 6.63 -3.94 42.19
N TRP D 85 7.31 -2.98 41.53
CA TRP D 85 7.50 -3.05 40.07
C TRP D 85 8.95 -2.96 39.64
N SER D 86 9.26 -3.62 38.54
CA SER D 86 10.55 -3.51 37.87
C SER D 86 10.34 -3.66 36.37
N SER D 87 11.33 -3.25 35.59
CA SER D 87 11.28 -3.44 34.15
C SER D 87 11.77 -4.84 33.80
N CYS D 88 11.32 -5.34 32.65
CA CYS D 88 11.80 -6.62 32.17
C CYS D 88 12.89 -6.47 31.10
N ASN D 89 13.46 -5.27 30.97
CA ASN D 89 14.54 -5.04 30.02
C ASN D 89 15.37 -3.84 30.46
N ILE D 90 16.69 -3.94 30.31
CA ILE D 90 17.60 -2.90 30.80
C ILE D 90 17.48 -1.59 30.03
N PHE D 91 16.89 -1.59 28.83
CA PHE D 91 16.85 -0.38 28.00
C PHE D 91 15.43 0.16 27.79
N SER D 92 14.39 -0.50 28.32
CA SER D 92 13.02 -0.19 27.90
C SER D 92 12.32 0.82 28.78
N THR D 93 12.86 1.16 29.94
CA THR D 93 12.22 2.13 30.82
C THR D 93 12.21 3.53 30.20
N GLN D 94 11.09 4.23 30.34
CA GLN D 94 11.04 5.67 30.16
C GLN D 94 11.17 6.31 31.54
N ASP D 95 12.26 7.06 31.75
CA ASP D 95 12.58 7.52 33.10
C ASP D 95 11.53 8.48 33.65
N GLN D 96 10.86 9.25 32.79
CA GLN D 96 9.78 10.08 33.28
C GLN D 96 8.59 9.23 33.75
N ALA D 97 8.37 8.07 33.12
CA ALA D 97 7.31 7.19 33.58
C ALA D 97 7.65 6.58 34.94
N ALA D 98 8.88 6.09 35.08
CA ALA D 98 9.30 5.52 36.35
C ALA D 98 9.24 6.56 37.46
N ALA D 99 9.65 7.81 37.15
CA ALA D 99 9.60 8.86 38.15
C ALA D 99 8.17 9.17 38.57
N ALA D 100 7.25 9.28 37.61
CA ALA D 100 5.86 9.60 37.98
C ALA D 100 5.28 8.54 38.90
N ILE D 101 5.64 7.27 38.68
CA ILE D 101 5.10 6.18 39.49
C ILE D 101 5.69 6.23 40.90
N ALA D 102 7.02 6.39 41.00
CA ALA D 102 7.65 6.52 42.31
C ALA D 102 7.10 7.72 43.08
N ALA D 103 6.84 8.82 42.37
CA ALA D 103 6.33 10.01 43.06
C ALA D 103 4.89 9.84 43.52
N ALA D 104 4.15 8.90 42.93
CA ALA D 104 2.83 8.54 43.41
C ALA D 104 2.88 7.64 44.63
N GLY D 105 4.07 7.37 45.17
CA GLY D 105 4.18 6.49 46.32
C GLY D 105 4.10 5.02 46.00
N ILE D 106 4.47 4.62 44.80
CA ILE D 106 4.41 3.23 44.35
C ILE D 106 5.83 2.72 44.20
N PRO D 107 6.18 1.59 44.82
CA PRO D 107 7.56 1.07 44.69
C PRO D 107 7.87 0.64 43.26
N VAL D 108 8.90 1.26 42.68
CA VAL D 108 9.34 0.93 41.33
C VAL D 108 10.85 1.05 41.30
N PHE D 109 11.51 0.09 40.64
CA PHE D 109 12.96 0.02 40.59
C PHE D 109 13.31 -0.19 39.12
N ALA D 110 13.65 0.90 38.43
CA ALA D 110 13.77 0.83 36.99
C ALA D 110 14.38 2.12 36.45
N TRP D 111 15.31 1.98 35.51
CA TRP D 111 15.80 3.13 34.77
C TRP D 111 16.32 2.65 33.42
N LYS D 112 16.40 3.59 32.48
CA LYS D 112 16.91 3.26 31.15
C LYS D 112 18.42 3.12 31.22
N GLY D 113 18.93 2.03 30.69
CA GLY D 113 20.37 1.83 30.67
C GLY D 113 20.93 1.13 31.90
N GLU D 114 20.20 0.14 32.39
CA GLU D 114 20.70 -0.65 33.52
C GLU D 114 21.79 -1.61 33.07
N THR D 115 22.72 -1.90 33.98
CA THR D 115 23.60 -3.04 33.76
C THR D 115 22.85 -4.34 34.07
N GLU D 116 23.43 -5.46 33.66
CA GLU D 116 22.83 -6.74 33.98
C GLU D 116 22.73 -6.95 35.49
N GLU D 117 23.71 -6.45 36.25
CA GLU D 117 23.68 -6.59 37.70
C GLU D 117 22.56 -5.74 38.30
N GLU D 118 22.40 -4.50 37.82
CA GLU D 118 21.33 -3.64 38.29
C GLU D 118 19.96 -4.19 37.93
N TYR D 119 19.85 -4.83 36.76
CA TYR D 119 18.59 -5.44 36.35
C TYR D 119 18.14 -6.50 37.35
N GLU D 120 19.02 -7.44 37.68
CA GLU D 120 18.69 -8.45 38.68
C GLU D 120 18.39 -7.81 40.03
N TRP D 121 19.20 -6.83 40.44
CA TRP D 121 18.96 -6.12 41.69
C TRP D 121 17.55 -5.54 41.74
N CYS D 122 17.10 -4.92 40.65
CA CYS D 122 15.78 -4.29 40.62
C CYS D 122 14.67 -5.32 40.84
N ILE D 123 14.74 -6.46 40.16
CA ILE D 123 13.75 -7.52 40.39
C ILE D 123 13.77 -7.93 41.86
N GLU D 124 14.97 -8.11 42.43
CA GLU D 124 15.07 -8.50 43.83
CA GLU D 124 15.08 -8.50 43.84
C GLU D 124 14.46 -7.45 44.77
N GLN D 125 14.53 -6.17 44.39
CA GLN D 125 13.95 -5.16 45.26
C GLN D 125 12.43 -5.22 45.29
N THR D 126 11.80 -5.78 44.25
CA THR D 126 10.36 -5.97 44.32
C THR D 126 10.01 -7.20 45.15
N ILE D 127 10.83 -8.25 45.05
CA ILE D 127 10.57 -9.49 45.78
C ILE D 127 10.73 -9.29 47.29
N LEU D 128 11.78 -8.58 47.69
CA LEU D 128 12.09 -8.36 49.11
C LEU D 128 11.62 -6.97 49.52
N LYS D 129 11.02 -6.87 50.69
CA LYS D 129 10.76 -5.58 51.30
C LYS D 129 11.34 -5.58 52.71
N ASP D 130 12.22 -4.61 52.98
CA ASP D 130 12.96 -4.53 54.24
C ASP D 130 13.74 -5.83 54.49
N GLY D 131 14.31 -6.38 53.42
CA GLY D 131 15.20 -7.52 53.50
C GLY D 131 14.52 -8.86 53.68
N GLN D 132 13.19 -8.92 53.66
CA GLN D 132 12.43 -10.14 53.81
C GLN D 132 11.46 -10.29 52.65
N PRO D 133 10.99 -11.50 52.38
CA PRO D 133 10.01 -11.68 51.31
C PRO D 133 8.77 -10.83 51.55
N TRP D 134 8.45 -9.98 50.58
CA TRP D 134 7.17 -9.27 50.57
C TRP D 134 6.03 -10.29 50.63
N ASP D 135 4.88 -9.86 51.15
CA ASP D 135 3.72 -10.75 51.21
C ASP D 135 2.96 -10.73 49.88
N ALA D 136 3.70 -11.08 48.83
CA ALA D 136 3.15 -11.09 47.48
C ALA D 136 2.15 -12.25 47.35
N ASN D 137 1.12 -12.01 46.52
CA ASN D 137 0.17 -13.08 46.24
C ASN D 137 -0.24 -13.13 44.77
N MET D 138 0.36 -12.29 43.92
CA MET D 138 0.09 -12.25 42.48
C MET D 138 1.35 -11.83 41.74
N VAL D 139 1.49 -12.32 40.51
CA VAL D 139 2.66 -12.04 39.68
C VAL D 139 2.16 -11.58 38.32
N LEU D 140 2.69 -10.46 37.85
CA LEU D 140 2.49 -10.02 36.46
C LEU D 140 3.87 -9.97 35.82
N ASP D 141 4.05 -10.74 34.73
CA ASP D 141 5.37 -10.94 34.15
C ASP D 141 5.31 -10.74 32.64
N ASP D 142 6.50 -10.46 32.08
CA ASP D 142 6.69 -10.18 30.65
C ASP D 142 8.05 -10.76 30.29
N GLY D 143 8.04 -11.99 29.82
CA GLY D 143 9.25 -12.67 29.40
C GLY D 143 9.71 -13.76 30.33
N GLY D 144 9.18 -13.81 31.56
CA GLY D 144 9.41 -14.94 32.44
C GLY D 144 10.59 -14.82 33.39
N ASP D 145 11.32 -13.69 33.39
CA ASP D 145 12.48 -13.56 34.26
C ASP D 145 12.08 -13.56 35.73
N LEU D 146 11.09 -12.74 36.09
CA LEU D 146 10.60 -12.74 37.47
C LEU D 146 10.05 -14.10 37.86
N THR D 147 9.28 -14.71 36.96
CA THR D 147 8.73 -16.05 37.20
C THR D 147 9.83 -17.07 37.47
N GLU D 148 10.92 -17.01 36.70
CA GLU D 148 12.01 -17.97 36.87
C GLU D 148 12.70 -17.77 38.22
N ILE D 149 12.96 -16.52 38.59
CA ILE D 149 13.64 -16.25 39.86
C ILE D 149 12.79 -16.73 41.03
N LEU D 150 11.47 -16.52 40.96
CA LEU D 150 10.63 -16.99 42.06
C LEU D 150 10.69 -18.51 42.19
N HIS D 151 10.65 -19.24 41.06
CA HIS D 151 10.67 -20.70 41.15
C HIS D 151 12.03 -21.22 41.63
N LYS D 152 13.12 -20.58 41.21
CA LYS D 152 14.44 -21.08 41.56
C LYS D 152 14.89 -20.63 42.93
N LYS D 153 14.54 -19.41 43.33
CA LYS D 153 15.11 -18.84 44.55
C LYS D 153 14.10 -18.64 45.67
N TYR D 154 12.81 -18.50 45.37
CA TYR D 154 11.81 -18.20 46.40
C TYR D 154 10.59 -19.13 46.33
N PRO D 155 10.79 -20.46 46.35
CA PRO D 155 9.63 -21.37 46.32
C PRO D 155 8.64 -21.14 47.45
N GLN D 156 9.09 -20.72 48.64
CA GLN D 156 8.16 -20.51 49.74
C GLN D 156 7.18 -19.37 49.44
N MET D 157 7.61 -18.37 48.64
CA MET D 157 6.72 -17.28 48.28
C MET D 157 5.62 -17.75 47.32
N LEU D 158 5.95 -18.68 46.41
CA LEU D 158 4.96 -19.16 45.46
C LEU D 158 3.83 -19.92 46.16
N GLU D 159 4.13 -20.54 47.31
CA GLU D 159 3.11 -21.20 48.10
C GLU D 159 1.91 -20.30 48.36
N ARG D 160 2.14 -19.00 48.48
CA ARG D 160 1.08 -18.05 48.80
C ARG D 160 0.67 -17.19 47.61
N ILE D 161 1.06 -17.57 46.40
CA ILE D 161 0.77 -16.79 45.20
C ILE D 161 -0.35 -17.48 44.41
N HIS D 162 -1.38 -16.72 44.07
CA HIS D 162 -2.56 -17.28 43.42
C HIS D 162 -2.38 -17.47 41.93
N GLY D 163 -1.45 -16.76 41.29
CA GLY D 163 -1.25 -16.94 39.87
C GLY D 163 -0.27 -15.96 39.26
N ILE D 164 0.03 -16.24 37.99
CA ILE D 164 0.93 -15.47 37.12
C ILE D 164 0.14 -15.05 35.89
N THR D 165 0.25 -13.78 35.49
CA THR D 165 -0.31 -13.33 34.21
C THR D 165 0.86 -12.91 33.32
N GLU D 166 1.09 -13.66 32.25
CA GLU D 166 2.30 -13.53 31.44
C GLU D 166 1.99 -12.83 30.12
N GLU D 167 2.86 -11.88 29.76
CA GLU D 167 2.56 -10.92 28.70
C GLU D 167 2.90 -11.46 27.31
N THR D 168 4.00 -12.19 27.14
CA THR D 168 4.57 -12.30 25.81
C THR D 168 4.92 -13.73 25.42
N THR D 169 5.01 -13.94 24.12
CA THR D 169 5.18 -15.27 23.54
C THR D 169 6.30 -16.05 24.22
N THR D 170 7.45 -15.40 24.41
CA THR D 170 8.59 -16.07 25.02
C THR D 170 8.26 -16.48 26.46
N GLY D 171 7.60 -15.61 27.22
CA GLY D 171 7.22 -15.96 28.58
C GLY D 171 6.28 -17.15 28.63
N VAL D 172 5.34 -17.21 27.68
CA VAL D 172 4.38 -18.32 27.68
C VAL D 172 5.09 -19.63 27.41
N HIS D 173 6.03 -19.63 26.44
CA HIS D 173 6.77 -20.85 26.16
C HIS D 173 7.53 -21.35 27.40
N ARG D 174 8.09 -20.42 28.19
CA ARG D 174 8.80 -20.84 29.39
C ARG D 174 7.85 -21.43 30.43
N LEU D 175 6.63 -20.89 30.51
CA LEU D 175 5.62 -21.46 31.42
C LEU D 175 5.21 -22.86 31.00
N LEU D 176 4.98 -23.07 29.70
CA LEU D 176 4.57 -24.39 29.20
C LEU D 176 5.67 -25.42 29.39
N ASP D 177 6.93 -25.01 29.29
CA ASP D 177 8.02 -25.92 29.61
C ASP D 177 8.00 -26.31 31.08
N MET D 178 7.71 -25.34 31.96
CA MET D 178 7.61 -25.68 33.38
C MET D 178 6.45 -26.63 33.62
N LEU D 179 5.29 -26.34 33.03
CA LEU D 179 4.13 -27.23 33.20
C LEU D 179 4.44 -28.62 32.70
N LYS D 180 5.06 -28.73 31.51
CA LYS D 180 5.44 -30.02 30.97
C LYS D 180 6.30 -30.81 31.95
N ASN D 181 7.33 -30.17 32.49
CA ASN D 181 8.27 -30.86 33.38
C ASN D 181 7.76 -30.97 34.80
N GLY D 182 6.54 -30.51 35.09
CA GLY D 182 5.99 -30.62 36.42
C GLY D 182 6.59 -29.70 37.45
N THR D 183 7.20 -28.58 37.02
CA THR D 183 7.83 -27.63 37.94
C THR D 183 7.06 -26.32 38.11
N LEU D 184 6.02 -26.08 37.33
CA LEU D 184 5.21 -24.87 37.53
C LEU D 184 4.44 -24.99 38.85
N LYS D 185 4.53 -23.97 39.70
CA LYS D 185 3.99 -24.07 41.04
C LYS D 185 2.64 -23.39 41.20
N VAL D 186 2.29 -22.45 40.33
CA VAL D 186 1.03 -21.72 40.42
C VAL D 186 0.45 -21.57 39.02
N PRO D 187 -0.88 -21.48 38.93
CA PRO D 187 -1.51 -21.38 37.61
C PRO D 187 -1.18 -20.06 36.94
N ALA D 188 -1.37 -20.02 35.62
CA ALA D 188 -1.04 -18.83 34.87
C ALA D 188 -2.11 -18.57 33.82
N ILE D 189 -2.26 -17.30 33.46
CA ILE D 189 -3.03 -16.91 32.28
C ILE D 189 -2.07 -16.41 31.24
N ASN D 190 -2.17 -16.98 30.05
CA ASN D 190 -1.45 -16.60 28.84
C ASN D 190 -2.18 -15.39 28.28
N VAL D 191 -1.68 -14.21 28.65
CA VAL D 191 -2.26 -12.96 28.16
C VAL D 191 -1.90 -12.76 26.70
N ASN D 192 -0.76 -13.32 26.25
CA ASN D 192 -0.31 -13.12 24.87
C ASN D 192 -1.35 -13.54 23.86
N ASP D 193 -2.03 -14.66 24.10
CA ASP D 193 -2.85 -15.28 23.08
C ASP D 193 -4.30 -14.79 23.06
N SER D 194 -4.66 -13.78 23.83
CA SER D 194 -5.84 -13.01 23.48
C SER D 194 -5.64 -12.41 22.10
N VAL D 195 -6.69 -12.40 21.28
CA VAL D 195 -6.55 -11.82 19.96
C VAL D 195 -6.30 -10.31 20.07
N THR D 196 -6.94 -9.65 21.05
CA THR D 196 -6.67 -8.25 21.32
C THR D 196 -5.31 -8.03 21.93
N LYS D 197 -4.50 -9.08 22.07
CA LYS D 197 -3.09 -8.91 22.42
C LYS D 197 -2.22 -9.37 21.25
N SER D 198 -2.18 -10.69 20.98
CA SER D 198 -1.29 -11.22 19.95
C SER D 198 -1.47 -10.52 18.61
N LYS D 199 -2.71 -10.36 18.14
CA LYS D 199 -2.95 -9.81 16.82
C LYS D 199 -3.16 -8.31 16.84
N ASN D 200 -2.81 -7.66 17.93
CA ASN D 200 -2.87 -6.21 18.06
C ASN D 200 -1.50 -5.69 18.46
N ASP D 201 -1.09 -5.94 19.69
CA ASP D 201 0.26 -5.68 20.18
C ASP D 201 1.35 -6.28 19.29
N ASN D 202 1.39 -7.61 19.16
CA ASN D 202 2.56 -8.24 18.56
C ASN D 202 2.73 -7.85 17.09
N LYS D 203 1.64 -7.66 16.37
CA LYS D 203 1.71 -7.33 14.95
C LYS D 203 1.66 -5.82 14.74
N TYR D 204 0.52 -5.19 15.07
CA TYR D 204 0.35 -3.77 14.80
C TYR D 204 1.29 -2.91 15.63
N GLY D 205 1.65 -3.35 16.85
CA GLY D 205 2.58 -2.55 17.64
C GLY D 205 3.93 -2.43 16.98
N CYS D 206 4.48 -3.56 16.50
CA CYS D 206 5.76 -3.53 15.80
C CYS D 206 5.66 -2.78 14.47
N ARG D 207 4.50 -2.82 13.81
CA ARG D 207 4.31 -2.00 12.61
CA ARG D 207 4.33 -2.01 12.61
C ARG D 207 4.58 -0.53 12.92
N HIS D 208 4.02 -0.04 14.02
CA HIS D 208 4.19 1.34 14.44
C HIS D 208 5.62 1.61 14.91
N SER D 209 6.16 0.74 15.77
CA SER D 209 7.32 1.12 16.54
C SER D 209 8.65 0.65 15.94
N LEU D 210 8.66 -0.28 14.99
CA LEU D 210 9.93 -0.70 14.40
C LEU D 210 10.57 0.41 13.58
N ASN D 211 9.89 0.89 12.53
CA ASN D 211 10.49 1.96 11.75
CA ASN D 211 10.47 1.97 11.74
C ASN D 211 10.70 3.21 12.59
N ASP D 212 9.88 3.40 13.63
CA ASP D 212 10.08 4.49 14.59
C ASP D 212 11.46 4.42 15.22
N ALA D 213 11.79 3.27 15.82
CA ALA D 213 13.08 3.09 16.47
C ALA D 213 14.24 3.23 15.50
N ILE D 214 14.08 2.70 14.28
CA ILE D 214 15.14 2.80 13.29
C ILE D 214 15.39 4.25 12.91
N LYS D 215 14.32 5.02 12.70
CA LYS D 215 14.48 6.44 12.39
C LYS D 215 15.13 7.19 13.53
N ARG D 216 14.71 6.93 14.78
CA ARG D 216 15.29 7.69 15.87
C ARG D 216 16.77 7.33 16.06
N GLY D 217 17.13 6.08 15.81
CA GLY D 217 18.50 5.66 16.02
C GLY D 217 19.48 6.07 14.94
N THR D 218 19.05 6.02 13.68
CA THR D 218 19.91 6.30 12.54
C THR D 218 19.46 7.48 11.68
N ASP D 219 18.18 7.83 11.70
CA ASP D 219 17.62 8.79 10.74
C ASP D 219 17.92 8.39 9.29
N HIS D 220 18.02 7.08 9.04
CA HIS D 220 18.23 6.61 7.67
C HIS D 220 16.93 6.66 6.88
N LEU D 221 17.03 7.15 5.65
CA LEU D 221 16.02 6.86 4.65
C LEU D 221 15.87 5.35 4.54
N LEU D 222 14.62 4.88 4.53
CA LEU D 222 14.34 3.47 4.32
C LEU D 222 13.85 3.15 2.92
N SER D 223 13.11 4.06 2.29
CA SER D 223 12.58 3.82 0.95
C SER D 223 13.69 3.48 -0.04
N GLY D 224 13.45 2.46 -0.85
CA GLY D 224 14.40 2.05 -1.86
C GLY D 224 15.52 1.16 -1.40
N LYS D 225 15.66 0.92 -0.09
CA LYS D 225 16.72 0.09 0.46
C LYS D 225 16.22 -1.34 0.69
N GLN D 226 17.16 -2.25 0.90
CA GLN D 226 16.88 -3.67 1.01
C GLN D 226 16.84 -4.11 2.47
N ALA D 227 15.75 -4.76 2.87
CA ALA D 227 15.60 -5.29 4.22
C ALA D 227 15.44 -6.81 4.19
N LEU D 228 15.98 -7.47 5.22
CA LEU D 228 15.75 -8.88 5.46
C LEU D 228 15.13 -9.04 6.84
N VAL D 229 13.90 -9.55 6.89
CA VAL D 229 13.23 -9.84 8.15
C VAL D 229 13.33 -11.34 8.39
N ILE D 230 13.92 -11.72 9.52
CA ILE D 230 14.02 -13.12 9.90
C ILE D 230 12.79 -13.43 10.77
N GLY D 231 11.86 -14.17 10.21
CA GLY D 231 10.65 -14.59 10.89
C GLY D 231 9.43 -13.88 10.35
N TYR D 232 8.29 -14.59 10.37
CA TYR D 232 7.03 -14.04 9.85
C TYR D 232 5.87 -14.54 10.70
N GLY D 233 6.08 -14.62 12.02
CA GLY D 233 5.01 -14.73 12.99
C GLY D 233 4.32 -13.40 13.19
N ASP D 234 3.75 -13.18 14.37
CA ASP D 234 3.02 -11.93 14.56
C ASP D 234 3.96 -10.74 14.54
N VAL D 235 5.10 -10.86 15.21
CA VAL D 235 6.08 -9.78 15.22
C VAL D 235 6.71 -9.60 13.84
N GLY D 236 7.00 -10.71 13.16
CA GLY D 236 7.62 -10.62 11.84
C GLY D 236 6.68 -10.05 10.80
N LYS D 237 5.38 -10.35 10.92
CA LYS D 237 4.40 -9.74 10.03
C LYS D 237 4.32 -8.23 10.22
N GLY D 238 4.22 -7.79 11.48
CA GLY D 238 4.17 -6.37 11.74
C GLY D 238 5.46 -5.67 11.35
N SER D 239 6.60 -6.32 11.60
CA SER D 239 7.88 -5.71 11.27
C SER D 239 8.04 -5.55 9.76
N SER D 240 7.69 -6.60 9.01
CA SER D 240 7.78 -6.54 7.55
C SER D 240 6.90 -5.44 6.98
N GLN D 241 5.69 -5.31 7.51
CA GLN D 241 4.82 -4.22 7.09
C GLN D 241 5.39 -2.86 7.50
N SER D 242 5.99 -2.77 8.69
CA SER D 242 6.62 -1.53 9.12
C SER D 242 7.65 -1.04 8.10
N LEU D 243 8.42 -1.97 7.53
CA LEU D 243 9.46 -1.59 6.59
C LEU D 243 8.91 -1.42 5.18
N ARG D 244 8.01 -2.33 4.76
CA ARG D 244 7.44 -2.24 3.41
C ARG D 244 6.63 -0.96 3.23
N GLN D 245 5.90 -0.52 4.26
CA GLN D 245 5.06 0.66 4.11
C GLN D 245 5.88 1.93 3.95
N GLU D 246 7.15 1.90 4.38
CA GLU D 246 8.09 2.99 4.15
C GLU D 246 8.78 2.91 2.80
N GLY D 247 8.50 1.88 2.01
CA GLY D 247 9.13 1.75 0.71
C GLY D 247 10.36 0.85 0.66
N MET D 248 10.66 0.09 1.71
CA MET D 248 11.78 -0.83 1.62
C MET D 248 11.42 -2.03 0.74
N ILE D 249 12.44 -2.60 0.12
CA ILE D 249 12.32 -3.86 -0.60
C ILE D 249 12.64 -4.94 0.44
N VAL D 250 11.61 -5.62 0.91
CA VAL D 250 11.69 -6.52 2.07
C VAL D 250 11.69 -7.96 1.59
N LYS D 251 12.71 -8.72 2.00
CA LYS D 251 12.72 -10.16 1.87
C LYS D 251 12.49 -10.79 3.25
N VAL D 252 11.87 -11.96 3.27
CA VAL D 252 11.45 -12.62 4.50
C VAL D 252 12.09 -14.00 4.55
N ALA D 253 12.61 -14.37 5.72
CA ALA D 253 13.09 -15.72 5.99
C ALA D 253 12.20 -16.37 7.03
N GLU D 254 12.03 -17.69 6.91
CA GLU D 254 11.16 -18.43 7.83
C GLU D 254 11.58 -19.89 7.85
N VAL D 255 11.29 -20.56 8.97
CA VAL D 255 11.37 -22.01 9.04
C VAL D 255 9.99 -22.66 8.94
N ASP D 256 8.91 -21.90 9.16
CA ASP D 256 7.56 -22.44 9.10
C ASP D 256 7.00 -22.21 7.71
N PRO D 257 6.76 -23.26 6.92
CA PRO D 257 6.31 -23.02 5.55
C PRO D 257 4.95 -22.36 5.46
N ILE D 258 4.09 -22.53 6.48
CA ILE D 258 2.80 -21.84 6.47
C ILE D 258 2.99 -20.34 6.61
N CYS D 259 3.84 -19.92 7.54
CA CYS D 259 4.14 -18.49 7.65
C CYS D 259 4.84 -17.98 6.40
N ALA D 260 5.72 -18.79 5.80
CA ALA D 260 6.36 -18.40 4.55
C ALA D 260 5.33 -18.26 3.43
N MET D 261 4.33 -19.16 3.39
N MET D 261 4.33 -19.16 3.39
CA MET D 261 3.25 -19.02 2.42
CA MET D 261 3.25 -19.03 2.41
C MET D 261 2.56 -17.67 2.56
C MET D 261 2.56 -17.67 2.56
N GLN D 262 2.31 -17.25 3.80
CA GLN D 262 1.67 -15.96 4.04
C GLN D 262 2.56 -14.83 3.53
N ALA D 263 3.87 -14.92 3.78
CA ALA D 263 4.79 -13.89 3.30
C ALA D 263 4.75 -13.79 1.78
N CYS D 264 4.70 -14.94 1.08
CA CYS D 264 4.61 -14.89 -0.39
C CYS D 264 3.33 -14.20 -0.83
N MET D 265 2.19 -14.66 -0.31
CA MET D 265 0.91 -14.10 -0.70
C MET D 265 0.79 -12.64 -0.29
N ASP D 266 1.52 -12.22 0.75
CA ASP D 266 1.54 -10.83 1.18
C ASP D 266 2.43 -9.97 0.30
N GLY D 267 3.07 -10.55 -0.71
CA GLY D 267 3.88 -9.78 -1.63
C GLY D 267 5.35 -9.69 -1.29
N PHE D 268 5.88 -10.59 -0.48
CA PHE D 268 7.30 -10.62 -0.16
C PHE D 268 7.98 -11.80 -0.81
N GLU D 269 9.26 -11.61 -1.14
CA GLU D 269 10.11 -12.68 -1.64
C GLU D 269 10.70 -13.42 -0.44
N VAL D 270 10.57 -14.74 -0.43
CA VAL D 270 11.00 -15.56 0.70
C VAL D 270 12.37 -16.13 0.38
N VAL D 271 13.35 -15.82 1.22
CA VAL D 271 14.73 -16.21 1.00
C VAL D 271 15.29 -16.80 2.28
N SER D 272 16.42 -17.47 2.17
CA SER D 272 17.11 -17.95 3.36
C SER D 272 18.55 -17.42 3.38
N PRO D 273 19.09 -17.08 4.55
CA PRO D 273 20.50 -16.67 4.61
C PRO D 273 21.44 -17.78 4.20
N TYR D 274 20.97 -19.02 4.16
CA TYR D 274 21.79 -20.18 3.88
C TYR D 274 21.42 -20.73 2.52
N LYS D 275 22.41 -21.20 1.78
CA LYS D 275 22.17 -21.77 0.47
C LYS D 275 21.26 -23.00 0.61
N ASN D 276 20.17 -23.00 -0.17
CA ASN D 276 19.12 -24.02 -0.05
C ASN D 276 18.61 -24.14 1.38
N GLY D 277 18.81 -23.09 2.20
CA GLY D 277 18.29 -23.07 3.54
C GLY D 277 18.92 -24.03 4.52
N ILE D 278 20.04 -24.66 4.17
CA ILE D 278 20.70 -25.63 5.05
C ILE D 278 21.82 -24.90 5.80
N ASN D 279 21.66 -24.81 7.12
CA ASN D 279 22.57 -24.08 8.00
C ASN D 279 23.49 -25.11 8.65
N ASP D 280 24.63 -25.38 8.00
CA ASP D 280 25.56 -26.40 8.47
C ASP D 280 26.77 -25.84 9.21
N GLY D 281 26.76 -24.54 9.53
CA GLY D 281 27.80 -23.94 10.35
C GLY D 281 29.02 -23.44 9.62
N THR D 282 29.14 -23.70 8.33
CA THR D 282 30.29 -23.25 7.56
C THR D 282 29.99 -21.93 6.87
N GLU D 283 31.07 -21.19 6.56
CA GLU D 283 30.92 -19.97 5.76
C GLU D 283 30.41 -20.29 4.36
N ALA D 284 30.77 -21.46 3.83
CA ALA D 284 30.32 -21.85 2.50
C ALA D 284 28.81 -21.93 2.41
N SER D 285 28.14 -22.20 3.54
CA SER D 285 26.69 -22.29 3.52
C SER D 285 26.01 -20.94 3.37
N ILE D 286 26.73 -19.84 3.60
CA ILE D 286 26.11 -18.52 3.58
C ILE D 286 25.92 -18.07 2.14
N ASP D 287 24.71 -17.58 1.85
CA ASP D 287 24.45 -16.93 0.57
C ASP D 287 25.06 -15.54 0.65
N ALA D 288 26.35 -15.46 0.31
CA ALA D 288 27.06 -14.18 0.39
C ALA D 288 26.48 -13.15 -0.55
N ALA D 289 26.04 -13.57 -1.73
CA ALA D 289 25.48 -12.62 -2.69
C ALA D 289 24.22 -11.96 -2.16
N LEU D 290 23.37 -12.74 -1.47
CA LEU D 290 22.14 -12.18 -0.91
C LEU D 290 22.44 -11.23 0.24
N LEU D 291 23.25 -11.68 1.20
CA LEU D 291 23.55 -10.84 2.37
C LEU D 291 24.34 -9.60 1.98
N GLY D 292 25.21 -9.71 0.96
CA GLY D 292 25.94 -8.55 0.48
C GLY D 292 25.07 -7.43 -0.06
N LYS D 293 23.77 -7.67 -0.27
CA LYS D 293 22.86 -6.64 -0.77
C LYS D 293 21.91 -6.11 0.29
N ILE D 294 21.96 -6.62 1.51
CA ILE D 294 20.98 -6.28 2.53
C ILE D 294 21.44 -5.04 3.29
N ASP D 295 20.57 -4.02 3.37
CA ASP D 295 20.86 -2.80 4.11
C ASP D 295 20.38 -2.86 5.55
N LEU D 296 19.45 -3.75 5.85
CA LEU D 296 18.82 -3.80 7.16
C LEU D 296 18.37 -5.23 7.43
N ILE D 297 18.77 -5.78 8.56
CA ILE D 297 18.30 -7.07 8.99
C ILE D 297 17.61 -6.91 10.34
N VAL D 298 16.43 -7.50 10.49
CA VAL D 298 15.63 -7.45 11.70
C VAL D 298 15.29 -8.88 12.11
N THR D 299 15.54 -9.24 13.37
CA THR D 299 15.20 -10.57 13.87
C THR D 299 13.89 -10.49 14.67
N THR D 300 13.00 -11.46 14.46
CA THR D 300 11.66 -11.42 15.03
C THR D 300 11.21 -12.78 15.59
N THR D 301 12.13 -13.68 15.91
CA THR D 301 11.77 -15.10 16.03
C THR D 301 11.51 -15.58 17.45
N GLY D 302 12.13 -14.99 18.47
CA GLY D 302 12.13 -15.66 19.77
C GLY D 302 13.07 -16.84 19.85
N ASN D 303 13.88 -17.07 18.81
CA ASN D 303 14.79 -18.19 18.71
C ASN D 303 16.21 -17.71 19.00
N VAL D 304 17.19 -18.60 18.86
CA VAL D 304 18.57 -18.32 19.19
C VAL D 304 19.40 -18.32 17.92
N ASN D 305 20.27 -17.29 17.79
CA ASN D 305 21.31 -17.25 16.76
C ASN D 305 20.74 -17.29 15.34
N VAL D 306 19.66 -16.56 15.11
CA VAL D 306 19.10 -16.50 13.76
C VAL D 306 19.75 -15.42 12.90
N CYS D 307 20.58 -14.56 13.50
CA CYS D 307 21.52 -13.71 12.77
C CYS D 307 22.90 -14.06 13.31
N ASP D 308 23.58 -15.02 12.68
CA ASP D 308 24.77 -15.61 13.27
C ASP D 308 26.03 -14.90 12.78
N ALA D 309 27.17 -15.37 13.29
CA ALA D 309 28.45 -14.72 13.02
C ALA D 309 28.78 -14.71 11.53
N ASN D 310 28.56 -15.84 10.85
CA ASN D 310 28.84 -15.88 9.42
C ASN D 310 27.92 -14.97 8.62
N MET D 311 26.66 -14.83 9.06
CA MET D 311 25.78 -13.83 8.46
C MET D 311 26.31 -12.42 8.69
N LEU D 312 26.79 -12.14 9.90
CA LEU D 312 27.27 -10.79 10.21
C LEU D 312 28.54 -10.47 9.43
N LYS D 313 29.40 -11.46 9.22
CA LYS D 313 30.60 -11.26 8.41
C LYS D 313 30.26 -10.96 6.95
N ALA D 314 29.18 -11.52 6.43
CA ALA D 314 28.85 -11.40 5.02
C ALA D 314 27.93 -10.23 4.70
N LEU D 315 27.37 -9.57 5.72
CA LEU D 315 26.45 -8.46 5.49
C LEU D 315 27.13 -7.32 4.75
N LYS D 316 26.32 -6.61 3.96
CA LYS D 316 26.76 -5.42 3.24
C LYS D 316 27.37 -4.42 4.20
N LYS D 317 28.45 -3.76 3.76
CA LYS D 317 29.01 -2.68 4.56
C LYS D 317 27.94 -1.69 4.98
N ARG D 318 27.97 -1.30 6.26
CA ARG D 318 27.14 -0.25 6.85
C ARG D 318 25.66 -0.65 6.97
N ALA D 319 25.36 -1.95 6.88
CA ALA D 319 24.00 -2.39 7.14
C ALA D 319 23.64 -2.20 8.61
N VAL D 320 22.34 -2.00 8.86
CA VAL D 320 21.80 -1.87 10.21
C VAL D 320 21.30 -3.24 10.67
N VAL D 321 21.64 -3.59 11.91
CA VAL D 321 21.30 -4.87 12.52
C VAL D 321 20.50 -4.58 13.79
N CYS D 322 19.33 -5.20 13.91
CA CYS D 322 18.56 -4.99 15.13
C CYS D 322 17.67 -6.20 15.39
N ASN D 323 17.19 -6.27 16.63
CA ASN D 323 16.38 -7.37 17.13
C ASN D 323 15.14 -6.79 17.79
N ILE D 324 13.97 -7.32 17.44
CA ILE D 324 12.72 -6.93 18.07
C ILE D 324 12.05 -8.12 18.76
N GLY D 325 12.72 -9.27 18.81
CA GLY D 325 12.29 -10.35 19.68
C GLY D 325 12.63 -10.03 21.12
N HIS D 326 12.23 -10.91 22.03
CA HIS D 326 12.27 -10.54 23.45
C HIS D 326 13.70 -10.49 24.00
N PHE D 327 14.58 -11.39 23.55
CA PHE D 327 15.92 -11.51 24.12
C PHE D 327 16.96 -11.21 23.05
N ASP D 328 18.11 -10.69 23.47
CA ASP D 328 19.16 -10.28 22.54
C ASP D 328 19.93 -11.45 21.91
N ASN D 329 19.73 -12.68 22.35
CA ASN D 329 20.49 -13.79 21.79
C ASN D 329 20.03 -14.19 20.38
N GLU D 330 19.08 -13.48 19.78
CA GLU D 330 18.75 -13.72 18.38
C GLU D 330 19.90 -13.35 17.46
N ILE D 331 20.71 -12.38 17.88
CA ILE D 331 21.90 -11.97 17.14
C ILE D 331 23.12 -12.42 17.90
N ASP D 332 24.13 -12.93 17.19
CA ASP D 332 25.39 -13.31 17.84
C ASP D 332 26.20 -12.04 18.15
N THR D 333 25.69 -11.27 19.12
CA THR D 333 26.42 -10.09 19.56
C THR D 333 27.67 -10.47 20.34
N ALA D 334 27.66 -11.64 20.98
CA ALA D 334 28.85 -12.10 21.69
C ALA D 334 30.03 -12.23 20.75
N PHE D 335 29.82 -12.82 19.56
CA PHE D 335 30.87 -12.85 18.55
C PHE D 335 31.38 -11.44 18.25
N MET D 336 30.47 -10.48 18.14
CA MET D 336 30.88 -9.13 17.79
C MET D 336 31.67 -8.46 18.90
N ARG D 337 31.34 -8.75 20.17
CA ARG D 337 32.13 -8.22 21.28
C ARG D 337 33.52 -8.84 21.33
N LYS D 338 33.64 -10.12 20.94
CA LYS D 338 34.93 -10.79 20.99
C LYS D 338 35.85 -10.31 19.87
N ASN D 339 35.30 -9.99 18.69
CA ASN D 339 36.13 -9.86 17.50
C ASN D 339 36.20 -8.46 16.91
N TRP D 340 35.21 -7.61 17.17
CA TRP D 340 35.11 -6.34 16.46
C TRP D 340 35.07 -5.17 17.43
N ALA D 341 35.57 -4.03 16.97
CA ALA D 341 35.65 -2.84 17.79
C ALA D 341 34.31 -2.09 17.76
N TRP D 342 33.85 -1.67 18.93
CA TRP D 342 32.56 -1.00 19.06
C TRP D 342 32.77 0.50 19.24
N GLU D 343 32.19 1.29 18.35
CA GLU D 343 32.20 2.74 18.45
C GLU D 343 30.80 3.21 18.75
N GLU D 344 30.62 3.82 19.91
CA GLU D 344 29.31 4.37 20.25
C GLU D 344 29.06 5.63 19.44
N VAL D 345 27.95 5.66 18.71
CA VAL D 345 27.52 6.89 18.06
C VAL D 345 26.81 7.79 19.07
N LYS D 346 25.82 7.23 19.74
CA LYS D 346 25.03 7.86 20.80
C LYS D 346 24.43 6.70 21.58
N PRO D 347 23.72 6.92 22.69
CA PRO D 347 23.20 5.77 23.46
C PRO D 347 22.33 4.86 22.61
N GLN D 348 22.55 3.55 22.78
CA GLN D 348 21.83 2.49 22.07
C GLN D 348 22.08 2.50 20.55
N VAL D 349 23.14 3.16 20.10
CA VAL D 349 23.57 3.14 18.70
C VAL D 349 25.08 2.91 18.67
N HIS D 350 25.51 1.81 18.07
CA HIS D 350 26.93 1.45 18.03
C HIS D 350 27.35 1.09 16.61
N LYS D 351 28.51 1.60 16.19
CA LYS D 351 29.16 1.12 14.99
C LYS D 351 30.10 -0.03 15.35
N ILE D 352 29.98 -1.14 14.63
CA ILE D 352 30.78 -2.35 14.88
C ILE D 352 31.78 -2.46 13.75
N HIS D 353 33.05 -2.25 14.03
CA HIS D 353 34.07 -2.18 12.98
C HIS D 353 34.66 -3.56 12.74
N ARG D 354 34.45 -4.09 11.54
CA ARG D 354 34.84 -5.46 11.21
C ARG D 354 36.30 -5.57 10.81
N THR D 355 37.07 -4.50 10.98
CA THR D 355 38.50 -4.53 10.66
C THR D 355 39.34 -5.13 11.78
N GLY D 356 38.80 -5.23 12.99
CA GLY D 356 39.59 -5.78 14.09
C GLY D 356 38.96 -5.44 15.42
N LYS D 357 39.56 -6.02 16.47
CA LYS D 357 39.05 -5.84 17.82
C LYS D 357 39.70 -4.66 18.54
N ASP D 358 40.96 -4.37 18.24
CA ASP D 358 41.71 -3.33 18.94
C ASP D 358 41.71 -2.07 18.10
N GLY D 359 40.87 -1.12 18.47
CA GLY D 359 40.83 0.17 17.82
C GLY D 359 40.14 0.14 16.47
N PHE D 360 39.83 1.33 15.98
CA PHE D 360 39.18 1.49 14.70
C PHE D 360 39.64 2.81 14.09
N ASP D 361 39.57 2.88 12.76
CA ASP D 361 39.74 4.15 12.06
C ASP D 361 38.41 4.88 12.05
N ALA D 362 38.43 6.15 12.47
CA ALA D 362 37.19 6.92 12.56
C ALA D 362 36.46 6.99 11.23
N HIS D 363 37.20 6.94 10.12
CA HIS D 363 36.62 7.00 8.79
C HIS D 363 36.59 5.63 8.11
N ASN D 364 36.68 4.55 8.88
CA ASN D 364 36.53 3.22 8.31
C ASN D 364 35.14 3.06 7.72
N ASP D 365 35.05 2.41 6.56
CA ASP D 365 33.75 2.19 5.91
C ASP D 365 33.20 0.79 6.13
N ASP D 366 34.00 -0.14 6.67
CA ASP D 366 33.56 -1.52 6.87
C ASP D 366 33.10 -1.68 8.32
N TYR D 367 31.87 -1.24 8.57
CA TYR D 367 31.24 -1.38 9.88
C TYR D 367 29.77 -1.76 9.71
N LEU D 368 29.19 -2.26 10.78
CA LEU D 368 27.75 -2.41 10.89
C LEU D 368 27.22 -1.45 11.94
N ILE D 369 25.94 -1.11 11.84
CA ILE D 369 25.30 -0.30 12.86
C ILE D 369 24.37 -1.19 13.66
N LEU D 370 24.68 -1.40 14.94
CA LEU D 370 23.87 -2.21 15.83
C LEU D 370 23.01 -1.30 16.70
N LEU D 371 21.72 -1.60 16.78
CA LEU D 371 20.79 -0.83 17.59
C LEU D 371 20.50 -1.55 18.90
N ALA D 372 20.46 -0.78 19.99
CA ALA D 372 20.12 -1.23 21.35
C ALA D 372 20.98 -2.40 21.82
N GLU D 373 22.19 -2.53 21.27
CA GLU D 373 23.09 -3.65 21.59
C GLU D 373 22.38 -5.00 21.44
N GLY D 374 21.46 -5.08 20.48
CA GLY D 374 20.73 -6.30 20.19
C GLY D 374 19.47 -6.53 21.02
N ARG D 375 19.15 -5.65 21.96
CA ARG D 375 17.94 -5.78 22.77
C ARG D 375 16.74 -5.27 21.98
N LEU D 376 15.54 -5.57 22.48
CA LEU D 376 14.28 -5.14 21.87
C LEU D 376 14.38 -3.73 21.32
N VAL D 377 14.41 -3.59 19.98
CA VAL D 377 14.81 -2.32 19.40
C VAL D 377 13.70 -1.26 19.51
N ASN D 378 12.43 -1.67 19.43
CA ASN D 378 11.37 -0.66 19.53
C ASN D 378 11.36 0.01 20.89
N LEU D 379 11.65 -0.75 21.95
CA LEU D 379 11.68 -0.17 23.28
C LEU D 379 13.03 0.46 23.59
N GLY D 380 14.12 -0.05 23.00
CA GLY D 380 15.44 0.47 23.30
C GLY D 380 15.76 1.78 22.62
N ASN D 381 15.28 1.95 21.39
CA ASN D 381 15.59 3.14 20.60
C ASN D 381 14.40 4.06 20.38
N ALA D 382 13.19 3.66 20.78
CA ALA D 382 12.03 4.55 20.74
C ALA D 382 11.24 4.38 22.05
N THR D 383 9.91 4.37 21.98
CA THR D 383 9.10 4.22 23.19
C THR D 383 8.24 2.96 23.14
N GLY D 384 8.62 1.97 22.34
CA GLY D 384 7.81 0.77 22.19
C GLY D 384 6.47 1.08 21.54
N HIS D 385 5.47 0.24 21.84
CA HIS D 385 4.16 0.36 21.24
C HIS D 385 3.42 1.59 21.77
N PRO D 386 2.52 2.16 20.98
CA PRO D 386 1.74 3.31 21.43
C PRO D 386 0.63 2.93 22.40
N SER D 387 0.23 3.93 23.21
CA SER D 387 -0.81 3.75 24.22
C SER D 387 -2.05 3.06 23.67
N ARG D 388 -2.55 3.47 22.51
CA ARG D 388 -3.82 2.92 22.05
C ARG D 388 -3.70 1.45 21.65
N ILE D 389 -2.51 0.96 21.32
CA ILE D 389 -2.34 -0.47 21.11
C ILE D 389 -2.15 -1.19 22.45
N MET D 390 -1.28 -0.66 23.32
CA MET D 390 -1.05 -1.29 24.63
C MET D 390 -2.33 -1.34 25.46
N ASP D 391 -3.29 -0.44 25.17
CA ASP D 391 -4.62 -0.50 25.78
C ASP D 391 -5.17 -1.92 25.74
N GLY D 392 -5.10 -2.58 24.57
CA GLY D 392 -5.63 -3.93 24.45
C GLY D 392 -4.91 -4.92 25.35
N SER D 393 -3.59 -4.97 25.23
CA SER D 393 -2.79 -5.91 26.03
C SER D 393 -3.03 -5.70 27.52
N PHE D 394 -3.06 -4.46 27.96
CA PHE D 394 -3.11 -4.21 29.39
C PHE D 394 -4.53 -4.30 29.93
N ALA D 395 -5.56 -4.11 29.11
CA ALA D 395 -6.90 -4.48 29.57
C ALA D 395 -6.99 -5.98 29.82
N ASN D 396 -6.36 -6.78 28.96
CA ASN D 396 -6.31 -8.22 29.20
C ASN D 396 -5.57 -8.53 30.50
N GLN D 397 -4.44 -7.85 30.73
CA GLN D 397 -3.68 -8.07 31.95
C GLN D 397 -4.53 -7.85 33.20
N VAL D 398 -5.30 -6.76 33.21
CA VAL D 398 -6.11 -6.45 34.38
C VAL D 398 -7.19 -7.51 34.58
N LEU D 399 -7.89 -7.89 33.50
CA LEU D 399 -8.89 -8.96 33.62
C LEU D 399 -8.26 -10.26 34.09
N ALA D 400 -7.04 -10.57 33.62
CA ALA D 400 -6.38 -11.80 34.03
C ALA D 400 -6.01 -11.76 35.52
N GLN D 401 -5.47 -10.64 35.98
CA GLN D 401 -5.21 -10.44 37.41
C GLN D 401 -6.49 -10.62 38.22
N ILE D 402 -7.58 -9.98 37.81
CA ILE D 402 -8.83 -10.09 38.56
C ILE D 402 -9.27 -11.55 38.65
N HIS D 403 -9.14 -12.28 37.55
CA HIS D 403 -9.66 -13.64 37.55
C HIS D 403 -8.83 -14.58 38.43
N LEU D 404 -7.50 -14.48 38.35
CA LEU D 404 -6.70 -15.41 39.14
C LEU D 404 -6.71 -15.05 40.62
N PHE D 405 -6.76 -13.75 40.93
CA PHE D 405 -6.85 -13.36 42.33
C PHE D 405 -8.17 -13.80 42.95
N GLU D 406 -9.25 -13.74 42.17
CA GLU D 406 -10.53 -14.18 42.70
C GLU D 406 -10.59 -15.70 42.82
N GLN D 407 -9.84 -16.44 41.99
CA GLN D 407 -9.80 -17.89 42.12
C GLN D 407 -9.13 -18.34 43.41
N LYS D 408 -8.14 -17.60 43.92
CA LYS D 408 -7.53 -17.88 45.23
C LYS D 408 -6.88 -19.26 45.28
N TYR D 409 -6.08 -19.58 44.26
CA TYR D 409 -5.46 -20.90 44.16
C TYR D 409 -4.64 -21.24 45.41
N ALA D 410 -3.91 -20.26 45.95
CA ALA D 410 -3.03 -20.54 47.07
C ALA D 410 -3.79 -21.04 48.30
N ASP D 411 -5.09 -20.75 48.39
CA ASP D 411 -5.90 -21.15 49.53
C ASP D 411 -6.61 -22.48 49.31
N LEU D 412 -6.51 -23.08 48.11
CA LEU D 412 -7.23 -24.32 47.83
C LEU D 412 -6.56 -25.52 48.50
N PRO D 413 -7.34 -26.55 48.84
CA PRO D 413 -6.74 -27.83 49.27
C PRO D 413 -5.85 -28.39 48.18
N ALA D 414 -4.89 -29.22 48.59
CA ALA D 414 -3.96 -29.81 47.63
C ALA D 414 -4.68 -30.49 46.48
N ALA D 415 -5.75 -31.24 46.77
CA ALA D 415 -6.48 -31.94 45.73
C ALA D 415 -7.12 -30.98 44.73
N GLU D 416 -7.58 -29.81 45.19
CA GLU D 416 -8.15 -28.84 44.27
C GLU D 416 -7.08 -28.09 43.49
N LYS D 417 -5.92 -27.81 44.12
CA LYS D 417 -4.82 -27.21 43.39
C LYS D 417 -4.45 -28.04 42.17
N ALA D 418 -4.38 -29.37 42.34
CA ALA D 418 -4.01 -30.27 41.26
C ALA D 418 -4.93 -30.10 40.05
N LYS D 419 -6.22 -29.86 40.30
CA LYS D 419 -7.18 -29.73 39.21
C LYS D 419 -7.14 -28.36 38.53
N ARG D 420 -6.50 -27.37 39.14
CA ARG D 420 -6.47 -26.03 38.60
C ARG D 420 -5.08 -25.59 38.15
N LEU D 421 -4.07 -26.44 38.26
CA LEU D 421 -2.71 -26.06 37.87
C LEU D 421 -2.60 -26.14 36.35
N SER D 422 -2.73 -25.01 35.67
CA SER D 422 -2.79 -24.98 34.22
C SER D 422 -2.38 -23.61 33.70
N VAL D 423 -2.13 -23.55 32.40
CA VAL D 423 -1.89 -22.29 31.67
C VAL D 423 -3.06 -22.09 30.73
N GLU D 424 -3.87 -21.06 31.00
CA GLU D 424 -5.14 -20.83 30.32
C GLU D 424 -5.13 -19.48 29.63
N VAL D 425 -6.09 -19.29 28.72
CA VAL D 425 -6.32 -17.99 28.10
C VAL D 425 -7.65 -17.45 28.63
N LEU D 426 -7.87 -16.16 28.40
CA LEU D 426 -9.13 -15.55 28.78
C LEU D 426 -10.24 -16.02 27.86
N PRO D 427 -11.47 -16.09 28.36
CA PRO D 427 -12.60 -16.47 27.51
C PRO D 427 -12.78 -15.48 26.37
N LYS D 428 -13.30 -15.98 25.25
CA LYS D 428 -13.45 -15.13 24.06
C LYS D 428 -14.37 -13.95 24.33
N LYS D 429 -15.41 -14.13 25.15
CA LYS D 429 -16.32 -13.02 25.43
C LYS D 429 -15.56 -11.81 25.97
N LEU D 430 -14.58 -12.03 26.84
CA LEU D 430 -13.79 -10.94 27.39
C LEU D 430 -12.86 -10.34 26.34
N ASP D 431 -12.29 -11.19 25.48
CA ASP D 431 -11.50 -10.71 24.35
C ASP D 431 -12.33 -9.74 23.52
N GLU D 432 -13.57 -10.13 23.20
CA GLU D 432 -14.46 -9.29 22.43
C GLU D 432 -14.79 -7.99 23.15
N GLU D 433 -14.97 -8.06 24.47
CA GLU D 433 -15.33 -6.86 25.23
C GLU D 433 -14.19 -5.86 25.24
N VAL D 434 -12.94 -6.33 25.32
CA VAL D 434 -11.79 -5.43 25.16
C VAL D 434 -11.78 -4.83 23.76
N ALA D 435 -11.99 -5.67 22.75
CA ALA D 435 -11.95 -5.20 21.37
C ALA D 435 -12.99 -4.12 21.14
N LEU D 436 -14.18 -4.27 21.72
CA LEU D 436 -15.24 -3.31 21.48
C LEU D 436 -14.87 -1.93 22.02
N GLU D 437 -14.27 -1.89 23.21
CA GLU D 437 -13.79 -0.62 23.76
C GLU D 437 -12.71 -0.01 22.87
N MET D 438 -11.82 -0.84 22.30
CA MET D 438 -10.82 -0.33 21.38
C MET D 438 -11.49 0.29 20.15
N VAL D 439 -12.46 -0.42 19.58
CA VAL D 439 -13.16 0.07 18.38
C VAL D 439 -13.88 1.38 18.67
N LYS D 440 -14.53 1.47 19.83
CA LYS D 440 -15.19 2.72 20.21
C LYS D 440 -14.20 3.85 20.35
N GLY D 441 -12.96 3.52 20.77
CA GLY D 441 -11.93 4.54 20.85
C GLY D 441 -11.61 5.16 19.50
N PHE D 442 -11.74 4.39 18.42
CA PHE D 442 -11.57 4.91 17.07
C PHE D 442 -12.81 5.63 16.56
N GLY D 443 -13.92 5.60 17.29
CA GLY D 443 -15.18 6.06 16.74
C GLY D 443 -15.88 5.05 15.87
N GLY D 444 -15.41 3.81 15.83
CA GLY D 444 -16.09 2.79 15.06
C GLY D 444 -17.43 2.42 15.65
N VAL D 445 -18.34 2.00 14.78
CA VAL D 445 -19.71 1.67 15.15
C VAL D 445 -19.96 0.23 14.73
N VAL D 446 -20.04 -0.66 15.70
CA VAL D 446 -20.32 -2.08 15.46
C VAL D 446 -21.81 -2.24 15.21
N THR D 447 -22.15 -3.11 14.27
CA THR D 447 -23.55 -3.42 14.00
C THR D 447 -24.01 -4.50 14.98
N GLN D 448 -25.26 -4.36 15.45
CA GLN D 448 -25.90 -5.39 16.26
C GLN D 448 -26.71 -6.33 15.38
N LEU D 449 -26.50 -7.63 15.56
CA LEU D 449 -27.31 -8.64 14.89
C LEU D 449 -28.77 -8.53 15.30
N THR D 450 -29.67 -8.78 14.35
CA THR D 450 -31.05 -9.05 14.69
C THR D 450 -31.13 -10.45 15.30
N PRO D 451 -32.21 -10.76 16.04
CA PRO D 451 -32.35 -12.13 16.54
C PRO D 451 -32.30 -13.18 15.42
N LYS D 452 -32.88 -12.91 14.25
CA LYS D 452 -32.85 -13.90 13.18
C LYS D 452 -31.43 -14.09 12.66
N GLN D 453 -30.66 -13.01 12.51
CA GLN D 453 -29.28 -13.13 12.04
C GLN D 453 -28.43 -13.89 13.04
N ALA D 454 -28.59 -13.60 14.34
CA ALA D 454 -27.84 -14.34 15.35
C ALA D 454 -28.19 -15.82 15.30
N GLU D 455 -29.47 -16.14 15.20
CA GLU D 455 -29.91 -17.52 15.05
C GLU D 455 -29.35 -18.16 13.80
N TYR D 456 -29.29 -17.40 12.69
CA TYR D 456 -28.86 -17.96 11.42
C TYR D 456 -27.42 -18.45 11.47
N ILE D 457 -26.54 -17.71 12.14
CA ILE D 457 -25.14 -18.10 12.23
C ILE D 457 -24.82 -18.77 13.57
N GLY D 458 -25.81 -18.93 14.43
CA GLY D 458 -25.63 -19.74 15.62
C GLY D 458 -24.88 -19.08 16.76
N VAL D 459 -25.15 -17.81 17.03
CA VAL D 459 -24.50 -17.09 18.12
C VAL D 459 -25.56 -16.33 18.93
N SER D 460 -25.18 -15.98 20.15
CA SER D 460 -25.94 -14.99 20.90
C SER D 460 -25.72 -13.59 20.31
N VAL D 461 -26.76 -12.75 20.38
CA VAL D 461 -26.63 -11.40 19.84
C VAL D 461 -25.45 -10.66 20.45
N GLU D 462 -25.23 -10.85 21.76
CA GLU D 462 -24.14 -10.19 22.46
C GLU D 462 -22.80 -10.92 22.30
N GLY D 463 -22.78 -12.05 21.60
CA GLY D 463 -21.56 -12.80 21.42
C GLY D 463 -21.36 -13.82 22.52
N PRO D 464 -20.27 -14.60 22.46
CA PRO D 464 -19.19 -14.59 21.44
C PRO D 464 -19.64 -14.97 20.02
N PHE D 465 -18.95 -14.41 19.03
CA PHE D 465 -19.38 -14.51 17.64
C PHE D 465 -18.65 -15.57 16.85
N LYS D 466 -17.60 -16.16 17.39
CA LYS D 466 -16.76 -17.11 16.69
C LYS D 466 -16.49 -18.31 17.57
N PRO D 467 -16.34 -19.50 16.98
CA PRO D 467 -15.92 -20.67 17.76
C PRO D 467 -14.49 -20.47 18.21
N ASP D 468 -14.10 -21.24 19.23
CA ASP D 468 -12.78 -21.06 19.81
C ASP D 468 -11.66 -21.41 18.83
N THR D 469 -11.95 -22.23 17.82
CA THR D 469 -10.97 -22.57 16.80
C THR D 469 -10.69 -21.44 15.81
N TYR D 470 -11.48 -20.36 15.83
CA TYR D 470 -11.36 -19.33 14.81
C TYR D 470 -10.04 -18.57 14.90
N ARG D 471 -9.43 -18.33 13.75
CA ARG D 471 -8.08 -17.77 13.71
C ARG D 471 -8.01 -16.27 13.41
N TYR D 472 -9.10 -15.66 12.95
CA TYR D 472 -9.11 -14.23 12.58
C TYR D 472 -8.00 -13.88 11.54
PA NAD E . -16.00 -15.66 8.43
O1A NAD E . -14.54 -15.70 8.58
O2A NAD E . -16.73 -16.29 9.59
O5B NAD E . -16.50 -14.11 8.28
C5B NAD E . -17.86 -13.66 8.12
C4B NAD E . -17.93 -12.40 8.93
O4B NAD E . -19.19 -11.74 8.76
C3B NAD E . -17.76 -12.62 10.45
O3B NAD E . -16.55 -12.02 10.90
C2B NAD E . -19.02 -11.99 11.06
O2B NAD E . -18.75 -11.29 12.27
C1B NAD E . -19.47 -11.04 9.95
N9A NAD E . -20.89 -10.72 9.96
C8A NAD E . -21.92 -11.61 10.18
N7A NAD E . -23.11 -11.05 10.14
C5A NAD E . -22.84 -9.71 9.90
C6A NAD E . -23.67 -8.58 9.78
N6A NAD E . -25.00 -8.61 9.91
N1A NAD E . -23.08 -7.39 9.54
C2A NAD E . -21.75 -7.34 9.43
N3A NAD E . -20.86 -8.33 9.54
C4A NAD E . -21.48 -9.50 9.78
O3 NAD E . -16.35 -16.47 7.11
PN NAD E . -15.60 -16.43 5.70
O1N NAD E . -14.58 -17.51 5.66
O2N NAD E . -15.15 -15.03 5.50
O5D NAD E . -16.82 -16.75 4.73
C5D NAD E . -17.87 -15.80 4.48
C4D NAD E . -18.72 -16.33 3.35
O4D NAD E . -17.96 -16.33 2.11
C3D NAD E . -19.20 -17.77 3.54
O3D NAD E . -20.50 -17.87 2.99
C2D NAD E . -18.18 -18.57 2.74
O2D NAD E . -18.64 -19.87 2.36
C1D NAD E . -18.00 -17.63 1.55
N1N NAD E . -16.78 -17.84 0.76
C2N NAD E . -16.78 -17.38 -0.51
C3N NAD E . -15.64 -17.51 -1.28
C7N NAD E . -15.62 -17.00 -2.70
O7N NAD E . -14.67 -17.28 -3.43
N7N NAD E . -16.68 -16.32 -3.13
C4N NAD E . -14.51 -18.10 -0.73
C5N NAD E . -14.55 -18.57 0.58
C6N NAD E . -15.71 -18.44 1.31
N9 ADE F . -13.79 -21.23 -5.14
C8 ADE F . -13.28 -19.98 -5.37
N7 ADE F . -12.65 -19.85 -6.52
C5 ADE F . -12.73 -21.10 -7.09
C6 ADE F . -12.25 -21.64 -8.30
N6 ADE F . -11.55 -20.93 -9.19
N1 ADE F . -12.51 -22.93 -8.56
C2 ADE F . -13.22 -23.64 -7.67
N3 ADE F . -13.71 -23.25 -6.50
C4 ADE F . -13.44 -21.97 -6.26
S DMS G . -6.94 -22.36 17.74
O DMS G . -7.98 -23.34 18.21
C1 DMS G . -7.50 -20.65 17.96
C2 DMS G . -6.75 -22.43 15.93
K K H . -9.64 -18.77 -11.97
P PO4 I . -30.84 8.29 -3.60
O1 PO4 I . -30.15 8.69 -2.31
O2 PO4 I . -29.82 7.65 -4.50
O3 PO4 I . -31.42 9.49 -4.28
O4 PO4 I . -31.91 7.26 -3.28
P PO4 J . -2.95 -33.10 -19.22
O1 PO4 J . -3.13 -34.39 -18.49
O2 PO4 J . -1.60 -32.49 -18.88
O3 PO4 J . -4.05 -32.15 -18.85
O4 PO4 J . -3.00 -33.32 -20.72
P PO4 K . -14.03 -21.81 -1.89
O1 PO4 K . -14.44 -21.93 -0.44
O2 PO4 K . -12.94 -22.82 -2.23
O3 PO4 K . -13.43 -20.45 -2.15
O4 PO4 K . -15.23 -22.00 -2.79
P PO4 L . 4.49 -27.95 18.83
O1 PO4 L . 5.08 -28.93 19.82
O2 PO4 L . 3.64 -26.94 19.56
O3 PO4 L . 5.61 -27.23 18.12
O4 PO4 L . 3.66 -28.70 17.82
P PO4 M . -27.74 8.30 -25.23
O1 PO4 M . -27.85 8.71 -23.77
O2 PO4 M . -28.99 7.52 -25.57
O3 PO4 M . -26.57 7.38 -25.46
O4 PO4 M . -27.63 9.52 -26.11
C1 GOL N . -17.41 -5.22 -22.11
O1 GOL N . -18.67 -5.53 -21.52
C2 GOL N . -16.78 -6.56 -22.59
O2 GOL N . -16.42 -7.37 -21.53
C3 GOL N . -15.57 -6.18 -23.47
O3 GOL N . -16.03 -5.47 -24.59
PA NAD O . 7.19 8.64 -21.24
O1A NAD O . 6.64 9.42 -20.10
O2A NAD O . 8.12 9.46 -22.10
O5B NAD O . 7.95 7.34 -20.65
C5B NAD O . 8.63 6.35 -21.44
C4B NAD O . 9.84 5.99 -20.63
O4B NAD O . 10.56 4.90 -21.22
C3B NAD O . 10.85 7.13 -20.43
O3B NAD O . 10.93 7.51 -19.06
C2B NAD O . 12.17 6.55 -20.99
O2B NAD O . 13.30 6.95 -20.22
C1B NAD O . 11.92 5.05 -20.85
N9A NAD O . 12.73 4.22 -21.73
C8A NAD O . 13.02 4.45 -23.05
N7A NAD O . 13.81 3.56 -23.60
C5A NAD O . 14.05 2.67 -22.56
C6A NAD O . 14.80 1.48 -22.48
N6A NAD O . 15.52 0.99 -23.49
N1A NAD O . 14.80 0.80 -21.30
C2A NAD O . 14.11 1.31 -20.28
N3A NAD O . 13.38 2.43 -20.22
C4A NAD O . 13.39 3.07 -21.40
O3 NAD O . 5.97 8.16 -22.14
PN NAD O . 4.57 7.58 -21.67
O1N NAD O . 4.82 6.73 -20.48
O2N NAD O . 3.60 8.70 -21.58
O5D NAD O . 4.17 6.67 -22.91
C5D NAD O . 4.91 5.46 -23.18
C4D NAD O . 4.27 4.72 -24.33
O4D NAD O . 2.97 4.23 -23.93
C3D NAD O . 4.02 5.56 -25.58
O3D NAD O . 4.14 4.71 -26.73
C2D NAD O . 2.58 6.01 -25.39
O2D NAD O . 1.94 6.41 -26.59
C1D NAD O . 1.99 4.73 -24.80
N1N NAD O . 0.74 4.90 -24.04
C2N NAD O . -0.06 3.83 -23.91
C3N NAD O . -1.23 3.93 -23.19
C7N NAD O . -2.15 2.74 -23.03
O7N NAD O . -3.31 2.90 -22.62
N7N NAD O . -1.71 1.56 -23.47
C4N NAD O . -1.54 5.13 -22.55
C5N NAD O . -0.69 6.22 -22.70
C6N NAD O . 0.45 6.09 -23.47
N9 ADE P . -6.74 4.53 -24.59
C8 ADE P . -6.63 3.77 -23.46
N7 ADE P . -7.77 3.29 -23.03
C5 ADE P . -8.70 3.77 -23.94
C6 ADE P . -10.11 3.62 -24.04
N6 ADE P . -10.84 2.91 -23.15
N1 ADE P . -10.73 4.21 -25.08
C2 ADE P . -10.00 4.93 -25.95
N3 ADE P . -8.67 5.15 -25.95
C4 ADE P . -8.09 4.54 -24.91
C1 GOL Q . -7.41 34.25 -14.82
O1 GOL Q . -8.60 33.70 -15.29
C2 GOL Q . -7.70 35.73 -14.45
O2 GOL Q . -6.69 36.23 -13.67
C3 GOL Q . -7.81 36.45 -15.83
O3 GOL Q . -7.83 37.83 -15.56
C1 GOL R . -28.48 1.51 -31.20
O1 GOL R . -29.46 0.61 -30.75
C2 GOL R . -29.08 2.94 -31.21
O2 GOL R . -29.38 3.39 -29.94
C3 GOL R . -28.02 3.83 -31.91
O3 GOL R . -26.75 3.37 -31.50
N14 3S9 S . -24.72 23.49 -17.90
C13 3S9 S . -23.80 22.84 -18.05
C12 3S9 S . -22.56 21.97 -18.28
N11 3S9 S . -21.35 22.68 -17.96
C9 3S9 S . -20.29 21.98 -17.27
O10 3S9 S . -20.53 21.08 -16.54
O8 3S9 S . -18.96 22.34 -17.52
C7 3S9 S . -18.55 21.88 -18.77
C2 3S9 S . -16.41 20.58 -18.79
C3 3S9 S . -15.02 20.54 -18.83
C4 3S9 S . -14.28 21.71 -18.91
C5 3S9 S . -14.92 22.94 -18.93
C6 3S9 S . -16.30 22.99 -18.89
C1 3S9 S . -17.03 21.82 -18.81
K K T . -12.91 0.62 -20.68
P PO4 U . 15.37 -20.93 -19.15
O1 PO4 U . 16.18 -22.16 -18.87
O2 PO4 U . 15.63 -20.44 -20.56
O3 PO4 U . 15.73 -19.84 -18.17
O4 PO4 U . 13.92 -21.28 -19.03
P PO4 V . -4.27 6.86 -24.75
O1 PO4 V . -4.07 6.06 -23.49
O2 PO4 V . -3.05 7.67 -25.07
O3 PO4 V . -5.44 7.79 -24.42
O4 PO4 V . -4.61 5.89 -25.88
P PO4 W . 0.35 31.71 -11.62
O1 PO4 W . 0.50 30.69 -10.54
O2 PO4 W . 1.72 32.00 -12.22
O3 PO4 W . -0.24 32.99 -11.09
O4 PO4 W . -0.55 31.17 -12.71
PA NAD X . 3.24 23.53 -3.83
O1A NAD X . 3.63 22.42 -4.70
O2A NAD X . 2.97 24.81 -4.61
O5B NAD X . 1.97 23.11 -2.93
C5B NAD X . 1.17 23.99 -2.12
C4B NAD X . -0.24 23.55 -2.39
O4B NAD X . -1.14 24.16 -1.45
C3B NAD X . -0.77 23.90 -3.79
O3B NAD X . -1.13 22.74 -4.53
C2B NAD X . -1.97 24.81 -3.51
O2B NAD X . -3.03 24.61 -4.45
C1B NAD X . -2.37 24.36 -2.10
N9A NAD X . -3.13 25.34 -1.35
C8A NAD X . -2.92 26.69 -1.31
N7A NAD X . -3.79 27.35 -0.58
C5A NAD X . -4.63 26.36 -0.11
C6A NAD X . -5.77 26.39 0.72
N6A NAD X . -6.32 27.52 1.18
N1A NAD X . -6.36 25.21 1.02
C2A NAD X . -5.86 24.09 0.50
N3A NAD X . -4.80 23.93 -0.30
C4A NAD X . -4.23 25.11 -0.57
O3 NAD X . 4.41 23.84 -2.80
PN NAD X . 5.29 22.78 -2.00
O1N NAD X . 4.40 21.63 -1.70
O2N NAD X . 6.56 22.54 -2.70
O5D NAD X . 5.62 23.59 -0.67
C5D NAD X . 4.60 23.95 0.28
C4D NAD X . 5.25 24.62 1.47
O4D NAD X . 6.11 23.69 2.14
C3D NAD X . 6.15 25.83 1.13
O3D NAD X . 6.07 26.75 2.21
C2D NAD X . 7.54 25.19 1.09
O2D NAD X . 8.58 26.14 1.27
C1D NAD X . 7.40 24.22 2.25
N1N NAD X . 8.36 23.11 2.27
C2N NAD X . 8.60 22.52 3.45
C3N NAD X . 9.45 21.44 3.53
C7N NAD X . 9.73 20.75 4.84
O7N NAD X . 10.65 19.94 4.91
N7N NAD X . 9.04 21.13 5.90
C4N NAD X . 10.02 20.95 2.35
C5N NAD X . 9.75 21.58 1.15
C6N NAD X . 8.93 22.67 1.12
N9 ADE Y . 14.94 20.76 4.93
C8 ADE Y . 14.25 19.61 5.20
N7 ADE Y . 14.95 18.71 5.82
C5 ADE Y . 16.19 19.29 6.00
C6 ADE Y . 17.38 18.84 6.58
N6 ADE Y . 17.51 17.63 7.14
N1 ADE Y . 18.44 19.68 6.59
C2 ADE Y . 18.31 20.88 6.03
N3 ADE Y . 17.24 21.42 5.44
C4 ADE Y . 16.21 20.56 5.44
K K Z . 17.63 14.08 9.25
P PO4 AA . -15.57 19.87 19.95
O1 PO4 AA . -14.17 19.47 20.33
O2 PO4 AA . -16.54 19.46 21.03
O3 PO4 AA . -15.59 21.36 19.76
O4 PO4 AA . -15.95 19.21 18.64
P PO4 BA . 13.67 22.14 2.15
O1 PO4 BA . 13.81 22.93 3.44
O2 PO4 BA . 12.89 20.89 2.42
O3 PO4 BA . 15.02 21.68 1.65
O4 PO4 BA . 12.98 22.97 1.07
P PO4 CA . 15.20 16.01 -25.76
O1 PO4 CA . 16.17 16.56 -24.73
O2 PO4 CA . 14.73 14.66 -25.31
O3 PO4 CA . 15.89 15.90 -27.09
O4 PO4 CA . 14.01 16.93 -25.87
P PO4 DA . 34.88 13.79 7.86
O1 PO4 DA . 35.82 13.58 9.01
O2 PO4 DA . 35.46 14.79 6.88
O3 PO4 DA . 33.56 14.34 8.38
O4 PO4 DA . 34.66 12.46 7.18
PA NAD EA . 5.64 -16.27 16.77
O1A NAD EA . 5.59 -17.66 17.28
O2A NAD EA . 4.27 -15.79 16.30
O5B NAD EA . 6.65 -15.99 15.60
C5B NAD EA . 8.05 -16.28 15.60
C4B NAD EA . 8.34 -16.83 14.23
O4B NAD EA . 9.76 -17.01 14.07
C3B NAD EA . 7.70 -18.19 13.91
O3B NAD EA . 6.77 -18.08 12.83
C2B NAD EA . 8.89 -19.11 13.58
O2B NAD EA . 8.66 -19.98 12.48
C1B NAD EA . 9.95 -18.09 13.18
N9A NAD EA . 11.31 -18.56 13.31
C8A NAD EA . 11.83 -19.32 14.34
N7A NAD EA . 13.08 -19.68 14.16
C5A NAD EA . 13.41 -19.12 12.94
C6A NAD EA . 14.60 -19.13 12.19
N6A NAD EA . 15.70 -19.79 12.56
N1A NAD EA . 14.61 -18.46 11.02
C2A NAD EA . 13.49 -17.82 10.63
N3A NAD EA . 12.32 -17.74 11.25
C4A NAD EA . 12.34 -18.42 12.41
O3 NAD EA . 6.09 -15.28 17.93
PN NAD EA . 5.80 -13.71 18.06
O1N NAD EA . 4.55 -13.50 18.81
O2N NAD EA . 5.94 -13.13 16.71
O5D NAD EA . 7.00 -13.18 18.96
C5D NAD EA . 8.38 -13.28 18.52
C4D NAD EA . 9.27 -12.70 19.58
O4D NAD EA . 9.02 -11.30 19.75
C3D NAD EA . 9.11 -13.32 20.98
O3D NAD EA . 10.40 -13.30 21.58
C2D NAD EA . 8.15 -12.34 21.66
O2D NAD EA . 8.18 -12.37 23.08
C1D NAD EA . 8.69 -11.03 21.09
N1N NAD EA . 7.75 -9.89 21.11
C2N NAD EA . 8.28 -8.65 21.09
C3N NAD EA . 7.45 -7.55 21.07
C7N NAD EA . 8.02 -6.15 21.00
O7N NAD EA . 7.27 -5.18 21.22
N7N NAD EA . 9.32 -6.01 20.79
C4N NAD EA . 6.07 -7.73 21.05
C5N NAD EA . 5.56 -9.02 21.08
C6N NAD EA . 6.42 -10.09 21.12
N9 ADE FA . 5.76 -3.91 25.06
C8 ADE FA . 5.84 -3.33 23.81
N7 ADE FA . 5.63 -2.04 23.82
C5 ADE FA . 5.39 -1.74 25.16
C6 ADE FA . 5.09 -0.54 25.84
N6 ADE FA . 4.97 0.64 25.22
N1 ADE FA . 4.93 -0.60 27.19
C2 ADE FA . 5.04 -1.80 27.80
N3 ADE FA . 5.31 -2.98 27.27
C4 ADE FA . 5.47 -2.90 25.94
C1 GOL GA . 10.91 9.14 25.21
O1 GOL GA . 10.74 8.72 26.53
C2 GOL GA . 10.35 10.58 25.04
O2 GOL GA . 10.62 11.08 23.77
C3 GOL GA . 8.81 10.50 25.36
O3 GOL GA . 8.25 11.80 25.22
K K HA . 4.97 4.34 23.56
P PO4 IA . 31.28 -7.13 2.66
O1 PO4 IA . 31.74 -8.12 3.70
O2 PO4 IA . 32.39 -6.82 1.70
O3 PO4 IA . 30.88 -5.85 3.35
O4 PO4 IA . 30.10 -7.70 1.91
P PO4 JA . 4.92 -7.07 24.64
O1 PO4 JA . 6.13 -6.75 25.51
O2 PO4 JA . 4.86 -8.55 24.38
O3 PO4 JA . 3.64 -6.59 25.29
O4 PO4 JA . 5.03 -6.33 23.34
P PO4 KA . -20.02 -19.92 19.23
O1 PO4 KA . -19.27 -19.67 20.52
O2 PO4 KA . -21.46 -20.29 19.55
O3 PO4 KA . -19.34 -21.04 18.49
O4 PO4 KA . -19.99 -18.69 18.39
P PO4 LA . -4.29 11.19 36.58
O1 PO4 LA . -4.89 10.22 37.59
O2 PO4 LA . -3.10 10.53 35.90
O3 PO4 LA . -3.80 12.44 37.28
O4 PO4 LA . -5.34 11.60 35.59
#